data_7UQN
# 
_entry.id   7UQN 
# 
_audit_conform.dict_name       mmcif_pdbx.dic 
_audit_conform.dict_version    5.380 
_audit_conform.dict_location   http://mmcif.pdb.org/dictionaries/ascii/mmcif_pdbx.dic 
# 
loop_
_database_2.database_id 
_database_2.database_code 
_database_2.pdbx_database_accession 
_database_2.pdbx_DOI 
PDB   7UQN         pdb_00007uqn 10.2210/pdb7uqn/pdb 
WWPDB D_1000264677 ?            ?                   
# 
_pdbx_database_status.status_code                     REL 
_pdbx_database_status.status_code_sf                  REL 
_pdbx_database_status.status_code_mr                  ? 
_pdbx_database_status.entry_id                        7UQN 
_pdbx_database_status.recvd_initial_deposition_date   2022-04-19 
_pdbx_database_status.SG_entry                        N 
_pdbx_database_status.deposit_site                    RCSB 
_pdbx_database_status.process_site                    RCSB 
_pdbx_database_status.status_code_cs                  ? 
_pdbx_database_status.status_code_nmr_data            ? 
_pdbx_database_status.methods_development_category    ? 
_pdbx_database_status.pdb_format_compatible           Y 
# 
loop_
_audit_author.name 
_audit_author.pdbx_ordinal 
_audit_author.identifier_ORCID 
'Carr, S.C.' 1 0000-0001-7060-5038 
'Ng, K.K.S.' 2 ?                   
# 
_citation.abstract                  ? 
_citation.abstract_id_CAS           ? 
_citation.book_id_ISBN              ? 
_citation.book_publisher            ? 
_citation.book_publisher_city       ? 
_citation.book_title                ? 
_citation.coordinate_linkage        ? 
_citation.country                   UK 
_citation.database_id_Medline       ? 
_citation.details                   ? 
_citation.id                        primary 
_citation.journal_abbrev            'Nat Commun' 
_citation.journal_id_ASTM           ? 
_citation.journal_id_CSD            ? 
_citation.journal_id_ISSN           2041-1723 
_citation.journal_full              ? 
_citation.journal_issue             ? 
_citation.journal_volume            13 
_citation.language                  ? 
_citation.page_first                6768 
_citation.page_last                 6768 
_citation.title                     
'Alkaloid binding to opium poppy major latex proteins triggers structural modification and functional aggregation.' 
_citation.year                      2022 
_citation.database_id_CSD           ? 
_citation.pdbx_database_id_DOI      10.1038/s41467-022-34313-6 
_citation.pdbx_database_id_PubMed   36351903 
_citation.pdbx_database_id_patent   ? 
_citation.unpublished_flag          ? 
# 
loop_
_citation_author.citation_id 
_citation_author.name 
_citation_author.ordinal 
_citation_author.identifier_ORCID 
primary 'Ozber, N.'      1 0000-0003-3946-4104 
primary 'Carr, S.C.'     2 0000-0001-7060-5038 
primary 'Morris, J.S.'   3 ?                   
primary 'Liang, S.'      4 ?                   
primary 'Watkins, J.L.'  5 ?                   
primary 'Caldo, K.M.'    6 ?                   
primary 'Hagel, J.M.'    7 ?                   
primary 'Ng, K.K.S.'     8 ?                   
primary 'Facchini, P.J.' 9 0000-0002-7693-290X 
# 
_cell.angle_alpha                  90.000 
_cell.angle_alpha_esd              ? 
_cell.angle_beta                   90.000 
_cell.angle_beta_esd               ? 
_cell.angle_gamma                  90.000 
_cell.angle_gamma_esd              ? 
_cell.entry_id                     7UQN 
_cell.details                      ? 
_cell.formula_units_Z              ? 
_cell.length_a                     48.871 
_cell.length_a_esd                 ? 
_cell.length_b                     71.565 
_cell.length_b_esd                 ? 
_cell.length_c                     91.651 
_cell.length_c_esd                 ? 
_cell.volume                       320547.251 
_cell.volume_esd                   ? 
_cell.Z_PDB                        8 
_cell.reciprocal_angle_alpha       ? 
_cell.reciprocal_angle_beta        ? 
_cell.reciprocal_angle_gamma       ? 
_cell.reciprocal_angle_alpha_esd   ? 
_cell.reciprocal_angle_beta_esd    ? 
_cell.reciprocal_angle_gamma_esd   ? 
_cell.reciprocal_length_a          ? 
_cell.reciprocal_length_b          ? 
_cell.reciprocal_length_c          ? 
_cell.reciprocal_length_a_esd      ? 
_cell.reciprocal_length_b_esd      ? 
_cell.reciprocal_length_c_esd      ? 
_cell.pdbx_unique_axis             ? 
# 
_symmetry.entry_id                         7UQN 
_symmetry.cell_setting                     ? 
_symmetry.Int_Tables_number                20 
_symmetry.space_group_name_Hall            'C 2c 2' 
_symmetry.space_group_name_H-M             'C 2 2 21' 
_symmetry.pdbx_full_space_group_name_H-M   ? 
# 
loop_
_entity.id 
_entity.type 
_entity.src_method 
_entity.pdbx_description 
_entity.formula_weight 
_entity.pdbx_number_of_molecules 
_entity.pdbx_ec 
_entity.pdbx_mutation 
_entity.pdbx_fragment 
_entity.details 
1 polymer     man 'Pathogenesis Related 10-10 protein' 17625.895 1  ? ? ? ? 
2 non-polymer syn noscapine                            413.421   1  ? ? ? ? 
3 water       nat water                                18.015    87 ? ? ? ? 
# 
_entity_poly.entity_id                      1 
_entity_poly.type                           'polypeptide(L)' 
_entity_poly.nstd_linkage                   no 
_entity_poly.nstd_monomer                   no 
_entity_poly.pdbx_seq_one_letter_code       
;MAHHGVSGLVGKLVTQLEVNCDADIFYKIVKHHEEVPNVIPHFFTGVQVTKGDGLVSGCIKEWNYVLEGKAMTAVEETTH
ADETRTLTHHITEGDAMKDYKKFDVIVETNPKPNGHGSVVTYSIVYEKINEDSPAPFDYLKFFHQNIVDMSAHICSSA
;
_entity_poly.pdbx_seq_one_letter_code_can   
;MAHHGVSGLVGKLVTQLEVNCDADIFYKIVKHHEEVPNVIPHFFTGVQVTKGDGLVSGCIKEWNYVLEGKAMTAVEETTH
ADETRTLTHHITEGDAMKDYKKFDVIVETNPKPNGHGSVVTYSIVYEKINEDSPAPFDYLKFFHQNIVDMSAHICSSA
;
_entity_poly.pdbx_strand_id                 A 
_entity_poly.pdbx_target_identifier         ? 
# 
loop_
_entity_poly_seq.entity_id 
_entity_poly_seq.num 
_entity_poly_seq.mon_id 
_entity_poly_seq.hetero 
1 1   MET n 
1 2   ALA n 
1 3   HIS n 
1 4   HIS n 
1 5   GLY n 
1 6   VAL n 
1 7   SER n 
1 8   GLY n 
1 9   LEU n 
1 10  VAL n 
1 11  GLY n 
1 12  LYS n 
1 13  LEU n 
1 14  VAL n 
1 15  THR n 
1 16  GLN n 
1 17  LEU n 
1 18  GLU n 
1 19  VAL n 
1 20  ASN n 
1 21  CYS n 
1 22  ASP n 
1 23  ALA n 
1 24  ASP n 
1 25  ILE n 
1 26  PHE n 
1 27  TYR n 
1 28  LYS n 
1 29  ILE n 
1 30  VAL n 
1 31  LYS n 
1 32  HIS n 
1 33  HIS n 
1 34  GLU n 
1 35  GLU n 
1 36  VAL n 
1 37  PRO n 
1 38  ASN n 
1 39  VAL n 
1 40  ILE n 
1 41  PRO n 
1 42  HIS n 
1 43  PHE n 
1 44  PHE n 
1 45  THR n 
1 46  GLY n 
1 47  VAL n 
1 48  GLN n 
1 49  VAL n 
1 50  THR n 
1 51  LYS n 
1 52  GLY n 
1 53  ASP n 
1 54  GLY n 
1 55  LEU n 
1 56  VAL n 
1 57  SER n 
1 58  GLY n 
1 59  CYS n 
1 60  ILE n 
1 61  LYS n 
1 62  GLU n 
1 63  TRP n 
1 64  ASN n 
1 65  TYR n 
1 66  VAL n 
1 67  LEU n 
1 68  GLU n 
1 69  GLY n 
1 70  LYS n 
1 71  ALA n 
1 72  MET n 
1 73  THR n 
1 74  ALA n 
1 75  VAL n 
1 76  GLU n 
1 77  GLU n 
1 78  THR n 
1 79  THR n 
1 80  HIS n 
1 81  ALA n 
1 82  ASP n 
1 83  GLU n 
1 84  THR n 
1 85  ARG n 
1 86  THR n 
1 87  LEU n 
1 88  THR n 
1 89  HIS n 
1 90  HIS n 
1 91  ILE n 
1 92  THR n 
1 93  GLU n 
1 94  GLY n 
1 95  ASP n 
1 96  ALA n 
1 97  MET n 
1 98  LYS n 
1 99  ASP n 
1 100 TYR n 
1 101 LYS n 
1 102 LYS n 
1 103 PHE n 
1 104 ASP n 
1 105 VAL n 
1 106 ILE n 
1 107 VAL n 
1 108 GLU n 
1 109 THR n 
1 110 ASN n 
1 111 PRO n 
1 112 LYS n 
1 113 PRO n 
1 114 ASN n 
1 115 GLY n 
1 116 HIS n 
1 117 GLY n 
1 118 SER n 
1 119 VAL n 
1 120 VAL n 
1 121 THR n 
1 122 TYR n 
1 123 SER n 
1 124 ILE n 
1 125 VAL n 
1 126 TYR n 
1 127 GLU n 
1 128 LYS n 
1 129 ILE n 
1 130 ASN n 
1 131 GLU n 
1 132 ASP n 
1 133 SER n 
1 134 PRO n 
1 135 ALA n 
1 136 PRO n 
1 137 PHE n 
1 138 ASP n 
1 139 TYR n 
1 140 LEU n 
1 141 LYS n 
1 142 PHE n 
1 143 PHE n 
1 144 HIS n 
1 145 GLN n 
1 146 ASN n 
1 147 ILE n 
1 148 VAL n 
1 149 ASP n 
1 150 MET n 
1 151 SER n 
1 152 ALA n 
1 153 HIS n 
1 154 ILE n 
1 155 CYS n 
1 156 SER n 
1 157 SER n 
1 158 ALA n 
# 
_entity_src_gen.entity_id                          1 
_entity_src_gen.pdbx_src_id                        1 
_entity_src_gen.pdbx_alt_source_flag               sample 
_entity_src_gen.pdbx_seq_type                      'Biological sequence' 
_entity_src_gen.pdbx_beg_seq_num                   1 
_entity_src_gen.pdbx_end_seq_num                   158 
_entity_src_gen.gene_src_common_name               ? 
_entity_src_gen.gene_src_genus                     ? 
_entity_src_gen.pdbx_gene_src_gene                 ? 
_entity_src_gen.gene_src_species                   ? 
_entity_src_gen.gene_src_strain                    ? 
_entity_src_gen.gene_src_tissue                    ? 
_entity_src_gen.gene_src_tissue_fraction           ? 
_entity_src_gen.gene_src_details                   ? 
_entity_src_gen.pdbx_gene_src_fragment             ? 
_entity_src_gen.pdbx_gene_src_scientific_name      'Papaver somniferum' 
_entity_src_gen.pdbx_gene_src_ncbi_taxonomy_id     3469 
_entity_src_gen.pdbx_gene_src_variant              ? 
_entity_src_gen.pdbx_gene_src_cell_line            ? 
_entity_src_gen.pdbx_gene_src_atcc                 ? 
_entity_src_gen.pdbx_gene_src_organ                ? 
_entity_src_gen.pdbx_gene_src_organelle            ? 
_entity_src_gen.pdbx_gene_src_cell                 ? 
_entity_src_gen.pdbx_gene_src_cellular_location    ? 
_entity_src_gen.host_org_common_name               ? 
_entity_src_gen.pdbx_host_org_scientific_name      'Escherichia coli' 
_entity_src_gen.pdbx_host_org_ncbi_taxonomy_id     562 
_entity_src_gen.host_org_genus                     ? 
_entity_src_gen.pdbx_host_org_gene                 ? 
_entity_src_gen.pdbx_host_org_organ                ? 
_entity_src_gen.host_org_species                   ? 
_entity_src_gen.pdbx_host_org_tissue               ? 
_entity_src_gen.pdbx_host_org_tissue_fraction      ? 
_entity_src_gen.pdbx_host_org_strain               ? 
_entity_src_gen.pdbx_host_org_variant              ? 
_entity_src_gen.pdbx_host_org_cell_line            ? 
_entity_src_gen.pdbx_host_org_atcc                 ? 
_entity_src_gen.pdbx_host_org_culture_collection   ? 
_entity_src_gen.pdbx_host_org_cell                 ? 
_entity_src_gen.pdbx_host_org_organelle            ? 
_entity_src_gen.pdbx_host_org_cellular_location    ? 
_entity_src_gen.pdbx_host_org_vector_type          ? 
_entity_src_gen.pdbx_host_org_vector               ? 
_entity_src_gen.host_org_details                   ? 
_entity_src_gen.expression_system_id               ? 
_entity_src_gen.plasmid_name                       ? 
_entity_src_gen.plasmid_details                    ? 
_entity_src_gen.pdbx_description                   ? 
# 
_struct_ref.id                         1 
_struct_ref.db_name                    PDB 
_struct_ref.db_code                    7UQN 
_struct_ref.pdbx_db_accession          7UQN 
_struct_ref.pdbx_db_isoform            ? 
_struct_ref.entity_id                  1 
_struct_ref.pdbx_seq_one_letter_code   ? 
_struct_ref.pdbx_align_begin           1 
# 
_struct_ref_seq.align_id                      1 
_struct_ref_seq.ref_id                        1 
_struct_ref_seq.pdbx_PDB_id_code              7UQN 
_struct_ref_seq.pdbx_strand_id                A 
_struct_ref_seq.seq_align_beg                 1 
_struct_ref_seq.pdbx_seq_align_beg_ins_code   ? 
_struct_ref_seq.seq_align_end                 158 
_struct_ref_seq.pdbx_seq_align_end_ins_code   ? 
_struct_ref_seq.pdbx_db_accession             7UQN 
_struct_ref_seq.db_align_beg                  1 
_struct_ref_seq.pdbx_db_align_beg_ins_code    ? 
_struct_ref_seq.db_align_end                  158 
_struct_ref_seq.pdbx_db_align_end_ins_code    ? 
_struct_ref_seq.pdbx_auth_seq_align_beg       1 
_struct_ref_seq.pdbx_auth_seq_align_end       158 
# 
loop_
_chem_comp.id 
_chem_comp.type 
_chem_comp.mon_nstd_flag 
_chem_comp.name 
_chem_comp.pdbx_synonyms 
_chem_comp.formula 
_chem_comp.formula_weight 
08N non-polymer         . noscapine       
'(3S)-6,7-dimethoxy-3-[(5R)-4-methoxy-6-methyl-5,6,7,8-tetrahydro-2H-[1,3]dioxolo[4,5-g]isoquinolin-5-yl]-2-benzofuran-1(3H)-one' 
'C22 H23 N O7'   413.421 
ALA 'L-peptide linking' y ALANINE         ? 'C3 H7 N O2'     89.093  
ARG 'L-peptide linking' y ARGININE        ? 'C6 H15 N4 O2 1' 175.209 
ASN 'L-peptide linking' y ASPARAGINE      ? 'C4 H8 N2 O3'    132.118 
ASP 'L-peptide linking' y 'ASPARTIC ACID' ? 'C4 H7 N O4'     133.103 
CYS 'L-peptide linking' y CYSTEINE        ? 'C3 H7 N O2 S'   121.158 
GLN 'L-peptide linking' y GLUTAMINE       ? 'C5 H10 N2 O3'   146.144 
GLU 'L-peptide linking' y 'GLUTAMIC ACID' ? 'C5 H9 N O4'     147.129 
GLY 'peptide linking'   y GLYCINE         ? 'C2 H5 N O2'     75.067  
HIS 'L-peptide linking' y HISTIDINE       ? 'C6 H10 N3 O2 1' 156.162 
HOH non-polymer         . WATER           ? 'H2 O'           18.015  
ILE 'L-peptide linking' y ISOLEUCINE      ? 'C6 H13 N O2'    131.173 
LEU 'L-peptide linking' y LEUCINE         ? 'C6 H13 N O2'    131.173 
LYS 'L-peptide linking' y LYSINE          ? 'C6 H15 N2 O2 1' 147.195 
MET 'L-peptide linking' y METHIONINE      ? 'C5 H11 N O2 S'  149.211 
PHE 'L-peptide linking' y PHENYLALANINE   ? 'C9 H11 N O2'    165.189 
PRO 'L-peptide linking' y PROLINE         ? 'C5 H9 N O2'     115.130 
SER 'L-peptide linking' y SERINE          ? 'C3 H7 N O3'     105.093 
THR 'L-peptide linking' y THREONINE       ? 'C4 H9 N O3'     119.119 
TRP 'L-peptide linking' y TRYPTOPHAN      ? 'C11 H12 N2 O2'  204.225 
TYR 'L-peptide linking' y TYROSINE        ? 'C9 H11 N O3'    181.189 
VAL 'L-peptide linking' y VALINE          ? 'C5 H11 N O2'    117.146 
# 
_exptl.absorpt_coefficient_mu     ? 
_exptl.absorpt_correction_T_max   ? 
_exptl.absorpt_correction_T_min   ? 
_exptl.absorpt_correction_type    ? 
_exptl.absorpt_process_details    ? 
_exptl.entry_id                   7UQN 
_exptl.crystals_number            1 
_exptl.details                    ? 
_exptl.method                     'X-RAY DIFFRACTION' 
_exptl.method_details             ? 
# 
_exptl_crystal.colour                      ? 
_exptl_crystal.density_diffrn              ? 
_exptl_crystal.density_Matthews            2.27 
_exptl_crystal.density_method              ? 
_exptl_crystal.density_percent_sol         45.89 
_exptl_crystal.description                 ? 
_exptl_crystal.F_000                       ? 
_exptl_crystal.id                          1 
_exptl_crystal.preparation                 ? 
_exptl_crystal.size_max                    ? 
_exptl_crystal.size_mid                    ? 
_exptl_crystal.size_min                    ? 
_exptl_crystal.size_rad                    ? 
_exptl_crystal.colour_lustre               ? 
_exptl_crystal.colour_modifier             ? 
_exptl_crystal.colour_primary              ? 
_exptl_crystal.density_meas                ? 
_exptl_crystal.density_meas_esd            ? 
_exptl_crystal.density_meas_gt             ? 
_exptl_crystal.density_meas_lt             ? 
_exptl_crystal.density_meas_temp           ? 
_exptl_crystal.density_meas_temp_esd       ? 
_exptl_crystal.density_meas_temp_gt        ? 
_exptl_crystal.density_meas_temp_lt        ? 
_exptl_crystal.pdbx_crystal_image_url      ? 
_exptl_crystal.pdbx_crystal_image_format   ? 
_exptl_crystal.pdbx_mosaicity              ? 
_exptl_crystal.pdbx_mosaicity_esd          ? 
# 
_exptl_crystal_grow.apparatus       ? 
_exptl_crystal_grow.atmosphere      ? 
_exptl_crystal_grow.crystal_id      1 
_exptl_crystal_grow.details         ? 
_exptl_crystal_grow.method          'VAPOR DIFFUSION, HANGING DROP' 
_exptl_crystal_grow.method_ref      ? 
_exptl_crystal_grow.pH              ? 
_exptl_crystal_grow.pressure        ? 
_exptl_crystal_grow.pressure_esd    ? 
_exptl_crystal_grow.seeding         ? 
_exptl_crystal_grow.seeding_ref     ? 
_exptl_crystal_grow.temp            293 
_exptl_crystal_grow.temp_details    ? 
_exptl_crystal_grow.temp_esd        ? 
_exptl_crystal_grow.time            ? 
_exptl_crystal_grow.pdbx_details    'PEG 3350, Bis-Tris pH 5.5' 
_exptl_crystal_grow.pdbx_pH_range   ? 
# 
_diffrn.ambient_environment              ? 
_diffrn.ambient_temp                     100 
_diffrn.ambient_temp_details             ? 
_diffrn.ambient_temp_esd                 ? 
_diffrn.crystal_id                       1 
_diffrn.crystal_support                  ? 
_diffrn.crystal_treatment                ? 
_diffrn.details                          ? 
_diffrn.id                               1 
_diffrn.ambient_pressure                 ? 
_diffrn.ambient_pressure_esd             ? 
_diffrn.ambient_pressure_gt              ? 
_diffrn.ambient_pressure_lt              ? 
_diffrn.ambient_temp_gt                  ? 
_diffrn.ambient_temp_lt                  ? 
_diffrn.pdbx_serial_crystal_experiment   N 
# 
_diffrn_detector.details                      ? 
_diffrn_detector.detector                     PIXEL 
_diffrn_detector.diffrn_id                    1 
_diffrn_detector.type                         'DECTRIS PILATUS 6M' 
_diffrn_detector.area_resol_mean              ? 
_diffrn_detector.dtime                        ? 
_diffrn_detector.pdbx_frames_total            ? 
_diffrn_detector.pdbx_collection_time_total   ? 
_diffrn_detector.pdbx_collection_date         2021-02-25 
_diffrn_detector.pdbx_frequency               ? 
# 
_diffrn_radiation.collimation                      ? 
_diffrn_radiation.diffrn_id                        1 
_diffrn_radiation.filter_edge                      ? 
_diffrn_radiation.inhomogeneity                    ? 
_diffrn_radiation.monochromator                    ? 
_diffrn_radiation.polarisn_norm                    ? 
_diffrn_radiation.polarisn_ratio                   ? 
_diffrn_radiation.probe                            ? 
_diffrn_radiation.type                             ? 
_diffrn_radiation.xray_symbol                      ? 
_diffrn_radiation.wavelength_id                    1 
_diffrn_radiation.pdbx_monochromatic_or_laue_m_l   M 
_diffrn_radiation.pdbx_wavelength_list             ? 
_diffrn_radiation.pdbx_wavelength                  ? 
_diffrn_radiation.pdbx_diffrn_protocol             'SINGLE WAVELENGTH' 
_diffrn_radiation.pdbx_analyzer                    ? 
_diffrn_radiation.pdbx_scattering_type             x-ray 
# 
_diffrn_radiation_wavelength.id           1 
_diffrn_radiation_wavelength.wavelength   0.9795 
_diffrn_radiation_wavelength.wt           1.0 
# 
_diffrn_source.current                     ? 
_diffrn_source.details                     ? 
_diffrn_source.diffrn_id                   1 
_diffrn_source.power                       ? 
_diffrn_source.size                        ? 
_diffrn_source.source                      SYNCHROTRON 
_diffrn_source.target                      ? 
_diffrn_source.type                        'SSRL BEAMLINE BL12-2' 
_diffrn_source.voltage                     ? 
_diffrn_source.take-off_angle              ? 
_diffrn_source.pdbx_wavelength_list        0.9795 
_diffrn_source.pdbx_wavelength             ? 
_diffrn_source.pdbx_synchrotron_beamline   BL12-2 
_diffrn_source.pdbx_synchrotron_site       SSRL 
# 
_reflns.B_iso_Wilson_estimate                          25.07 
_reflns.entry_id                                       7UQN 
_reflns.data_reduction_details                         ? 
_reflns.data_reduction_method                          ? 
_reflns.d_resolution_high                              1.70 
_reflns.d_resolution_low                               36.94 
_reflns.details                                        ? 
_reflns.limit_h_max                                    ? 
_reflns.limit_h_min                                    ? 
_reflns.limit_k_max                                    ? 
_reflns.limit_k_min                                    ? 
_reflns.limit_l_max                                    ? 
_reflns.limit_l_min                                    ? 
_reflns.number_all                                     ? 
_reflns.number_obs                                     17557 
_reflns.observed_criterion                             ? 
_reflns.observed_criterion_F_max                       ? 
_reflns.observed_criterion_F_min                       ? 
_reflns.observed_criterion_I_max                       ? 
_reflns.observed_criterion_I_min                       ? 
_reflns.observed_criterion_sigma_F                     ? 
_reflns.observed_criterion_sigma_I                     ? 
_reflns.percent_possible_obs                           96.8 
_reflns.R_free_details                                 ? 
_reflns.Rmerge_F_all                                   ? 
_reflns.Rmerge_F_obs                                   ? 
_reflns.Friedel_coverage                               ? 
_reflns.number_gt                                      ? 
_reflns.threshold_expression                           ? 
_reflns.pdbx_redundancy                                12.4 
_reflns.pdbx_Rmerge_I_obs                              ? 
_reflns.pdbx_Rmerge_I_all                              ? 
_reflns.pdbx_Rsym_value                                ? 
_reflns.pdbx_netI_over_av_sigmaI                       ? 
_reflns.pdbx_netI_over_sigmaI                          37.17 
_reflns.pdbx_res_netI_over_av_sigmaI_2                 ? 
_reflns.pdbx_res_netI_over_sigmaI_2                    ? 
_reflns.pdbx_chi_squared                               ? 
_reflns.pdbx_scaling_rejects                           ? 
_reflns.pdbx_d_res_high_opt                            ? 
_reflns.pdbx_d_res_low_opt                             ? 
_reflns.pdbx_d_res_opt_method                          ? 
_reflns.phase_calculation_details                      ? 
_reflns.pdbx_Rrim_I_all                                ? 
_reflns.pdbx_Rpim_I_all                                ? 
_reflns.pdbx_d_opt                                     ? 
_reflns.pdbx_number_measured_all                       ? 
_reflns.pdbx_diffrn_id                                 1 
_reflns.pdbx_ordinal                                   1 
_reflns.pdbx_CC_half                                   1.0 
_reflns.pdbx_CC_star                                   ? 
_reflns.pdbx_R_split                                   ? 
_reflns.pdbx_aniso_diffraction_limit_axis_1_ortho[1]   ? 
_reflns.pdbx_aniso_diffraction_limit_axis_1_ortho[2]   ? 
_reflns.pdbx_aniso_diffraction_limit_axis_1_ortho[3]   ? 
_reflns.pdbx_aniso_diffraction_limit_axis_2_ortho[1]   ? 
_reflns.pdbx_aniso_diffraction_limit_axis_2_ortho[2]   ? 
_reflns.pdbx_aniso_diffraction_limit_axis_2_ortho[3]   ? 
_reflns.pdbx_aniso_diffraction_limit_axis_3_ortho[1]   ? 
_reflns.pdbx_aniso_diffraction_limit_axis_3_ortho[2]   ? 
_reflns.pdbx_aniso_diffraction_limit_axis_3_ortho[3]   ? 
_reflns.pdbx_aniso_diffraction_limit_1                 ? 
_reflns.pdbx_aniso_diffraction_limit_2                 ? 
_reflns.pdbx_aniso_diffraction_limit_3                 ? 
_reflns.pdbx_aniso_B_tensor_eigenvector_1_ortho[1]     ? 
_reflns.pdbx_aniso_B_tensor_eigenvector_1_ortho[2]     ? 
_reflns.pdbx_aniso_B_tensor_eigenvector_1_ortho[3]     ? 
_reflns.pdbx_aniso_B_tensor_eigenvector_2_ortho[1]     ? 
_reflns.pdbx_aniso_B_tensor_eigenvector_2_ortho[2]     ? 
_reflns.pdbx_aniso_B_tensor_eigenvector_2_ortho[3]     ? 
_reflns.pdbx_aniso_B_tensor_eigenvector_3_ortho[1]     ? 
_reflns.pdbx_aniso_B_tensor_eigenvector_3_ortho[2]     ? 
_reflns.pdbx_aniso_B_tensor_eigenvector_3_ortho[3]     ? 
_reflns.pdbx_aniso_B_tensor_eigenvalue_1               ? 
_reflns.pdbx_aniso_B_tensor_eigenvalue_2               ? 
_reflns.pdbx_aniso_B_tensor_eigenvalue_3               ? 
_reflns.pdbx_orthogonalization_convention              ? 
_reflns.pdbx_percent_possible_ellipsoidal              ? 
_reflns.pdbx_percent_possible_spherical                ? 
_reflns.pdbx_percent_possible_ellipsoidal_anomalous    ? 
_reflns.pdbx_percent_possible_spherical_anomalous      ? 
_reflns.pdbx_redundancy_anomalous                      ? 
_reflns.pdbx_CC_half_anomalous                         ? 
_reflns.pdbx_absDiff_over_sigma_anomalous              ? 
_reflns.pdbx_percent_possible_anomalous                ? 
_reflns.pdbx_observed_signal_threshold                 ? 
_reflns.pdbx_signal_type                               ? 
_reflns.pdbx_signal_details                            ? 
_reflns.pdbx_signal_software_id                        ? 
# 
_reflns_shell.d_res_high                                    1.70 
_reflns_shell.d_res_low                                     1.75 
_reflns_shell.meanI_over_sigI_all                           ? 
_reflns_shell.meanI_over_sigI_obs                           ? 
_reflns_shell.number_measured_all                           ? 
_reflns_shell.number_measured_obs                           ? 
_reflns_shell.number_possible                               ? 
_reflns_shell.number_unique_all                             ? 
_reflns_shell.number_unique_obs                             1021 
_reflns_shell.percent_possible_all                          ? 
_reflns_shell.percent_possible_obs                          ? 
_reflns_shell.Rmerge_F_all                                  ? 
_reflns_shell.Rmerge_F_obs                                  ? 
_reflns_shell.Rmerge_I_all                                  ? 
_reflns_shell.Rmerge_I_obs                                  ? 
_reflns_shell.meanI_over_sigI_gt                            ? 
_reflns_shell.meanI_over_uI_all                             ? 
_reflns_shell.meanI_over_uI_gt                              ? 
_reflns_shell.number_measured_gt                            ? 
_reflns_shell.number_unique_gt                              ? 
_reflns_shell.percent_possible_gt                           ? 
_reflns_shell.Rmerge_F_gt                                   ? 
_reflns_shell.Rmerge_I_gt                                   ? 
_reflns_shell.pdbx_redundancy                               ? 
_reflns_shell.pdbx_Rsym_value                               ? 
_reflns_shell.pdbx_chi_squared                              ? 
_reflns_shell.pdbx_netI_over_sigmaI_all                     ? 
_reflns_shell.pdbx_netI_over_sigmaI_obs                     ? 
_reflns_shell.pdbx_Rrim_I_all                               ? 
_reflns_shell.pdbx_Rpim_I_all                               ? 
_reflns_shell.pdbx_rejects                                  ? 
_reflns_shell.pdbx_ordinal                                  1 
_reflns_shell.pdbx_diffrn_id                                1 
_reflns_shell.pdbx_CC_half                                  0.969 
_reflns_shell.pdbx_CC_star                                  ? 
_reflns_shell.pdbx_R_split                                  ? 
_reflns_shell.pdbx_percent_possible_ellipsoidal             ? 
_reflns_shell.pdbx_percent_possible_spherical               ? 
_reflns_shell.pdbx_percent_possible_ellipsoidal_anomalous   ? 
_reflns_shell.pdbx_percent_possible_spherical_anomalous     ? 
_reflns_shell.pdbx_redundancy_anomalous                     ? 
_reflns_shell.pdbx_CC_half_anomalous                        ? 
_reflns_shell.pdbx_absDiff_over_sigma_anomalous             ? 
_reflns_shell.pdbx_percent_possible_anomalous               ? 
# 
_refine.aniso_B[1][1]                            ? 
_refine.aniso_B[1][2]                            ? 
_refine.aniso_B[1][3]                            ? 
_refine.aniso_B[2][2]                            ? 
_refine.aniso_B[2][3]                            ? 
_refine.aniso_B[3][3]                            ? 
_refine.B_iso_max                                ? 
_refine.B_iso_mean                               38.83 
_refine.B_iso_min                                ? 
_refine.correlation_coeff_Fo_to_Fc               ? 
_refine.correlation_coeff_Fo_to_Fc_free          ? 
_refine.details                                  ? 
_refine.diff_density_max                         ? 
_refine.diff_density_max_esd                     ? 
_refine.diff_density_min                         ? 
_refine.diff_density_min_esd                     ? 
_refine.diff_density_rms                         ? 
_refine.diff_density_rms_esd                     ? 
_refine.entry_id                                 7UQN 
_refine.pdbx_refine_id                           'X-RAY DIFFRACTION' 
_refine.ls_abs_structure_details                 ? 
_refine.ls_abs_structure_Flack                   ? 
_refine.ls_abs_structure_Flack_esd               ? 
_refine.ls_abs_structure_Rogers                  ? 
_refine.ls_abs_structure_Rogers_esd              ? 
_refine.ls_d_res_high                            1.70 
_refine.ls_d_res_low                             36.94 
_refine.ls_extinction_coef                       ? 
_refine.ls_extinction_coef_esd                   ? 
_refine.ls_extinction_expression                 ? 
_refine.ls_extinction_method                     ? 
_refine.ls_goodness_of_fit_all                   ? 
_refine.ls_goodness_of_fit_all_esd               ? 
_refine.ls_goodness_of_fit_obs                   ? 
_refine.ls_goodness_of_fit_obs_esd               ? 
_refine.ls_hydrogen_treatment                    ? 
_refine.ls_matrix_type                           ? 
_refine.ls_number_constraints                    ? 
_refine.ls_number_parameters                     ? 
_refine.ls_number_reflns_all                     ? 
_refine.ls_number_reflns_obs                     17452 
_refine.ls_number_reflns_R_free                  1742 
_refine.ls_number_reflns_R_work                  15710 
_refine.ls_number_restraints                     ? 
_refine.ls_percent_reflns_obs                    96.40 
_refine.ls_percent_reflns_R_free                 9.98 
_refine.ls_R_factor_all                          ? 
_refine.ls_R_factor_obs                          0.1964 
_refine.ls_R_factor_R_free                       0.2345 
_refine.ls_R_factor_R_free_error                 ? 
_refine.ls_R_factor_R_free_error_details         ? 
_refine.ls_R_factor_R_work                       0.1921 
_refine.ls_R_Fsqd_factor_obs                     ? 
_refine.ls_R_I_factor_obs                        ? 
_refine.ls_redundancy_reflns_all                 ? 
_refine.ls_redundancy_reflns_obs                 ? 
_refine.ls_restrained_S_all                      ? 
_refine.ls_restrained_S_obs                      ? 
_refine.ls_shift_over_esd_max                    ? 
_refine.ls_shift_over_esd_mean                   ? 
_refine.ls_structure_factor_coef                 ? 
_refine.ls_weighting_details                     ? 
_refine.ls_weighting_scheme                      ? 
_refine.ls_wR_factor_all                         ? 
_refine.ls_wR_factor_obs                         ? 
_refine.ls_wR_factor_R_free                      ? 
_refine.ls_wR_factor_R_work                      ? 
_refine.occupancy_max                            ? 
_refine.occupancy_min                            ? 
_refine.solvent_model_details                    'FLAT BULK SOLVENT MODEL' 
_refine.solvent_model_param_bsol                 ? 
_refine.solvent_model_param_ksol                 ? 
_refine.pdbx_R_complete                          ? 
_refine.ls_R_factor_gt                           ? 
_refine.ls_goodness_of_fit_gt                    ? 
_refine.ls_goodness_of_fit_ref                   ? 
_refine.ls_shift_over_su_max                     ? 
_refine.ls_shift_over_su_max_lt                  ? 
_refine.ls_shift_over_su_mean                    ? 
_refine.ls_shift_over_su_mean_lt                 ? 
_refine.pdbx_ls_sigma_I                          ? 
_refine.pdbx_ls_sigma_F                          1.34 
_refine.pdbx_ls_sigma_Fsqd                       ? 
_refine.pdbx_data_cutoff_high_absF               ? 
_refine.pdbx_data_cutoff_high_rms_absF           ? 
_refine.pdbx_data_cutoff_low_absF                ? 
_refine.pdbx_isotropic_thermal_model             ? 
_refine.pdbx_ls_cross_valid_method               'FREE R-VALUE' 
_refine.pdbx_method_to_determine_struct          'MOLECULAR REPLACEMENT' 
_refine.pdbx_starting_model                      7UQL 
_refine.pdbx_stereochemistry_target_values       'GeoStd + Monomer Library + CDL v1.2' 
_refine.pdbx_R_Free_selection_details            ? 
_refine.pdbx_stereochem_target_val_spec_case     ? 
_refine.pdbx_overall_ESU_R                       ? 
_refine.pdbx_overall_ESU_R_Free                  ? 
_refine.pdbx_solvent_vdw_probe_radii             1.1100 
_refine.pdbx_solvent_ion_probe_radii             ? 
_refine.pdbx_solvent_shrinkage_radii             0.9000 
_refine.pdbx_real_space_R                        ? 
_refine.pdbx_density_correlation                 ? 
_refine.pdbx_pd_number_of_powder_patterns        ? 
_refine.pdbx_pd_number_of_points                 ? 
_refine.pdbx_pd_meas_number_of_points            ? 
_refine.pdbx_pd_proc_ls_prof_R_factor            ? 
_refine.pdbx_pd_proc_ls_prof_wR_factor           ? 
_refine.pdbx_pd_Marquardt_correlation_coeff      ? 
_refine.pdbx_pd_Fsqrd_R_factor                   ? 
_refine.pdbx_pd_ls_matrix_band_width             ? 
_refine.pdbx_overall_phase_error                 25.5376 
_refine.pdbx_overall_SU_R_free_Cruickshank_DPI   ? 
_refine.pdbx_overall_SU_R_free_Blow_DPI          ? 
_refine.pdbx_overall_SU_R_Blow_DPI               ? 
_refine.pdbx_TLS_residual_ADP_flag               ? 
_refine.pdbx_diffrn_id                           1 
_refine.overall_SU_B                             ? 
_refine.overall_SU_ML                            0.1893 
_refine.overall_SU_R_Cruickshank_DPI             ? 
_refine.overall_SU_R_free                        ? 
_refine.overall_FOM_free_R_set                   ? 
_refine.overall_FOM_work_R_set                   ? 
_refine.pdbx_average_fsc_overall                 ? 
_refine.pdbx_average_fsc_work                    ? 
_refine.pdbx_average_fsc_free                    ? 
# 
_refine_hist.pdbx_refine_id                   'X-RAY DIFFRACTION' 
_refine_hist.cycle_id                         LAST 
_refine_hist.details                          ? 
_refine_hist.d_res_high                       1.70 
_refine_hist.d_res_low                        36.94 
_refine_hist.number_atoms_solvent             87 
_refine_hist.number_atoms_total               1284 
_refine_hist.number_reflns_all                ? 
_refine_hist.number_reflns_obs                ? 
_refine_hist.number_reflns_R_free             ? 
_refine_hist.number_reflns_R_work             ? 
_refine_hist.R_factor_all                     ? 
_refine_hist.R_factor_obs                     ? 
_refine_hist.R_factor_R_free                  ? 
_refine_hist.R_factor_R_work                  ? 
_refine_hist.pdbx_number_residues_total       ? 
_refine_hist.pdbx_B_iso_mean_ligand           ? 
_refine_hist.pdbx_B_iso_mean_solvent          ? 
_refine_hist.pdbx_number_atoms_protein        1167 
_refine_hist.pdbx_number_atoms_nucleic_acid   0 
_refine_hist.pdbx_number_atoms_ligand         30 
_refine_hist.pdbx_number_atoms_lipid          ? 
_refine_hist.pdbx_number_atoms_carb           ? 
_refine_hist.pdbx_pseudo_atom_details         ? 
# 
loop_
_refine_ls_restr.pdbx_refine_id 
_refine_ls_restr.criterion 
_refine_ls_restr.dev_ideal 
_refine_ls_restr.dev_ideal_target 
_refine_ls_restr.number 
_refine_ls_restr.rejects 
_refine_ls_restr.type 
_refine_ls_restr.weight 
_refine_ls_restr.pdbx_restraint_function 
'X-RAY DIFFRACTION' ? 0.0133  ? 1257 ? f_bond_d           ? ? 
'X-RAY DIFFRACTION' ? 1.5072  ? 1716 ? f_angle_d          ? ? 
'X-RAY DIFFRACTION' ? 0.0897  ? 189  ? f_chiral_restr     ? ? 
'X-RAY DIFFRACTION' ? 0.0086  ? 218  ? f_plane_restr      ? ? 
'X-RAY DIFFRACTION' ? 18.8263 ? 484  ? f_dihedral_angle_d ? ? 
# 
loop_
_refine_ls_shell.pdbx_refine_id 
_refine_ls_shell.d_res_high 
_refine_ls_shell.d_res_low 
_refine_ls_shell.number_reflns_all 
_refine_ls_shell.number_reflns_obs 
_refine_ls_shell.number_reflns_R_free 
_refine_ls_shell.number_reflns_R_work 
_refine_ls_shell.percent_reflns_obs 
_refine_ls_shell.percent_reflns_R_free 
_refine_ls_shell.R_factor_all 
_refine_ls_shell.R_factor_obs 
_refine_ls_shell.R_factor_R_free 
_refine_ls_shell.R_factor_R_free_error 
_refine_ls_shell.R_factor_R_work 
_refine_ls_shell.redundancy_reflns_all 
_refine_ls_shell.redundancy_reflns_obs 
_refine_ls_shell.wR_factor_all 
_refine_ls_shell.wR_factor_obs 
_refine_ls_shell.wR_factor_R_free 
_refine_ls_shell.wR_factor_R_work 
_refine_ls_shell.pdbx_R_complete 
_refine_ls_shell.pdbx_total_number_of_bins_used 
_refine_ls_shell.pdbx_phase_error 
_refine_ls_shell.pdbx_fsc_work 
_refine_ls_shell.pdbx_fsc_free 
'X-RAY DIFFRACTION' 1.70 1.75  . . 118 1059 78.10 . . . 0.3164 . 0.2360 . . . . . . . . . . . 
'X-RAY DIFFRACTION' 1.75 1.81  . . 140 1256 93.88 . . . 0.2783 . 0.2100 . . . . . . . . . . . 
'X-RAY DIFFRACTION' 1.81 1.87  . . 145 1309 99.18 . . . 0.3013 . 0.2126 . . . . . . . . . . . 
'X-RAY DIFFRACTION' 1.87 1.94  . . 142 1298 96.45 . . . 0.2862 . 0.2307 . . . . . . . . . . . 
'X-RAY DIFFRACTION' 1.94 2.03  . . 148 1324 98.99 . . . 0.2666 . 0.2233 . . . . . . . . . . . 
'X-RAY DIFFRACTION' 2.03 2.14  . . 144 1286 96.75 . . . 0.2681 . 0.2074 . . . . . . . . . . . 
'X-RAY DIFFRACTION' 2.14 2.27  . . 148 1345 98.35 . . . 0.2437 . 0.2101 . . . . . . . . . . . 
'X-RAY DIFFRACTION' 2.27 2.45  . . 148 1341 99.60 . . . 0.2798 . 0.2100 . . . . . . . . . . . 
'X-RAY DIFFRACTION' 2.45 2.70  . . 149 1336 98.47 . . . 0.2526 . 0.2089 . . . . . . . . . . . 
'X-RAY DIFFRACTION' 2.70 3.09  . . 152 1364 99.87 . . . 0.2332 . 0.2032 . . . . . . . . . . . 
'X-RAY DIFFRACTION' 3.09 3.89  . . 147 1357 98.17 . . . 0.2320 . 0.1739 . . . . . . . . . . . 
'X-RAY DIFFRACTION' 3.89 36.94 . . 161 1435 98.95 . . . 0.1842 . 0.1680 . . . . . . . . . . . 
# 
_struct.entry_id                     7UQN 
_struct.title                        'Pathogenesis related 10-10 noscapine complex' 
_struct.pdbx_model_details           ? 
_struct.pdbx_formula_weight          ? 
_struct.pdbx_formula_weight_method   ? 
_struct.pdbx_model_type_details      ? 
_struct.pdbx_CASP_flag               N 
# 
_struct_keywords.entry_id        7UQN 
_struct_keywords.text            'binding protein, alkaloids, opium poppy, biosynthetic protein' 
_struct_keywords.pdbx_keywords   'BIOSYNTHETIC PROTEIN' 
# 
loop_
_struct_asym.id 
_struct_asym.pdbx_blank_PDB_chainid_flag 
_struct_asym.pdbx_modified 
_struct_asym.entity_id 
_struct_asym.details 
A N N 1 ? 
B N N 2 ? 
C N N 3 ? 
# 
loop_
_struct_conf.conf_type_id 
_struct_conf.id 
_struct_conf.pdbx_PDB_helix_id 
_struct_conf.beg_label_comp_id 
_struct_conf.beg_label_asym_id 
_struct_conf.beg_label_seq_id 
_struct_conf.pdbx_beg_PDB_ins_code 
_struct_conf.end_label_comp_id 
_struct_conf.end_label_asym_id 
_struct_conf.end_label_seq_id 
_struct_conf.pdbx_end_PDB_ins_code 
_struct_conf.beg_auth_comp_id 
_struct_conf.beg_auth_asym_id 
_struct_conf.beg_auth_seq_id 
_struct_conf.end_auth_comp_id 
_struct_conf.end_auth_asym_id 
_struct_conf.end_auth_seq_id 
_struct_conf.pdbx_PDB_helix_class 
_struct_conf.details 
_struct_conf.pdbx_PDB_helix_length 
HELX_P HELX_P1 AA1 ASP A 22  ? HIS A 32  ? ASP A 22  HIS A 32  1 ? 11 
HELX_P HELX_P2 AA2 ALA A 96  ? LYS A 98  ? ALA A 96  LYS A 98  5 ? 3  
HELX_P HELX_P3 AA3 PRO A 136 ? ALA A 152 ? PRO A 136 ALA A 152 1 ? 17 
# 
_struct_conf_type.id          HELX_P 
_struct_conf_type.criteria    ? 
_struct_conf_type.reference   ? 
# 
_struct_sheet.id               AA1 
_struct_sheet.type             ? 
_struct_sheet.number_strands   7 
_struct_sheet.details          ? 
# 
loop_
_struct_sheet_order.sheet_id 
_struct_sheet_order.range_id_1 
_struct_sheet_order.range_id_2 
_struct_sheet_order.offset 
_struct_sheet_order.sense 
AA1 1 2 ? anti-parallel 
AA1 2 3 ? anti-parallel 
AA1 3 4 ? anti-parallel 
AA1 4 5 ? anti-parallel 
AA1 5 6 ? anti-parallel 
AA1 6 7 ? anti-parallel 
# 
loop_
_struct_sheet_range.sheet_id 
_struct_sheet_range.id 
_struct_sheet_range.beg_label_comp_id 
_struct_sheet_range.beg_label_asym_id 
_struct_sheet_range.beg_label_seq_id 
_struct_sheet_range.pdbx_beg_PDB_ins_code 
_struct_sheet_range.end_label_comp_id 
_struct_sheet_range.end_label_asym_id 
_struct_sheet_range.end_label_seq_id 
_struct_sheet_range.pdbx_end_PDB_ins_code 
_struct_sheet_range.beg_auth_comp_id 
_struct_sheet_range.beg_auth_asym_id 
_struct_sheet_range.beg_auth_seq_id 
_struct_sheet_range.end_auth_comp_id 
_struct_sheet_range.end_auth_asym_id 
_struct_sheet_range.end_auth_seq_id 
AA1 1 VAL A 10  ? VAL A 19  ? VAL A 10  VAL A 19  
AA1 2 SER A 118 ? LYS A 128 ? SER A 118 LYS A 128 
AA1 3 TYR A 100 ? PRO A 111 ? TYR A 100 PRO A 111 
AA1 4 THR A 86  ? GLY A 94  ? THR A 86  GLY A 94  
AA1 5 LYS A 70  ? ALA A 81  ? LYS A 70  ALA A 81  
AA1 6 VAL A 56  ? LEU A 67  ? VAL A 56  LEU A 67  
AA1 7 HIS A 42  ? THR A 50  ? HIS A 42  THR A 50  
# 
loop_
_pdbx_struct_sheet_hbond.sheet_id 
_pdbx_struct_sheet_hbond.range_id_1 
_pdbx_struct_sheet_hbond.range_id_2 
_pdbx_struct_sheet_hbond.range_1_label_atom_id 
_pdbx_struct_sheet_hbond.range_1_label_comp_id 
_pdbx_struct_sheet_hbond.range_1_label_asym_id 
_pdbx_struct_sheet_hbond.range_1_label_seq_id 
_pdbx_struct_sheet_hbond.range_1_PDB_ins_code 
_pdbx_struct_sheet_hbond.range_1_auth_atom_id 
_pdbx_struct_sheet_hbond.range_1_auth_comp_id 
_pdbx_struct_sheet_hbond.range_1_auth_asym_id 
_pdbx_struct_sheet_hbond.range_1_auth_seq_id 
_pdbx_struct_sheet_hbond.range_2_label_atom_id 
_pdbx_struct_sheet_hbond.range_2_label_comp_id 
_pdbx_struct_sheet_hbond.range_2_label_asym_id 
_pdbx_struct_sheet_hbond.range_2_label_seq_id 
_pdbx_struct_sheet_hbond.range_2_PDB_ins_code 
_pdbx_struct_sheet_hbond.range_2_auth_atom_id 
_pdbx_struct_sheet_hbond.range_2_auth_comp_id 
_pdbx_struct_sheet_hbond.range_2_auth_asym_id 
_pdbx_struct_sheet_hbond.range_2_auth_seq_id 
AA1 1 2 N VAL A 19  ? N VAL A 19  O SER A 118 ? O SER A 118 
AA1 2 3 O VAL A 119 ? O VAL A 119 N ASN A 110 ? N ASN A 110 
AA1 3 4 O VAL A 107 ? O VAL A 107 N LEU A 87  ? N LEU A 87  
AA1 4 5 O THR A 88  ? O THR A 88  N THR A 79  ? N THR A 79  
AA1 5 6 O ALA A 74  ? O ALA A 74  N TRP A 63  ? N TRP A 63  
AA1 6 7 O GLU A 62  ? O GLU A 62  N THR A 45  ? N THR A 45  
# 
_atom_sites.entry_id                    7UQN 
_atom_sites.Cartn_transf_matrix[1][1]   ? 
_atom_sites.Cartn_transf_matrix[1][2]   ? 
_atom_sites.Cartn_transf_matrix[1][3]   ? 
_atom_sites.Cartn_transf_matrix[2][1]   ? 
_atom_sites.Cartn_transf_matrix[2][2]   ? 
_atom_sites.Cartn_transf_matrix[2][3]   ? 
_atom_sites.Cartn_transf_matrix[3][1]   ? 
_atom_sites.Cartn_transf_matrix[3][2]   ? 
_atom_sites.Cartn_transf_matrix[3][3]   ? 
_atom_sites.Cartn_transf_vector[1]      ? 
_atom_sites.Cartn_transf_vector[2]      ? 
_atom_sites.Cartn_transf_vector[3]      ? 
_atom_sites.fract_transf_matrix[1][1]   0.00980771 
_atom_sites.fract_transf_matrix[1][2]   0.01059422 
_atom_sites.fract_transf_matrix[1][3]   0.01450051 
_atom_sites.fract_transf_matrix[2][1]   0.01194014 
_atom_sites.fract_transf_matrix[2][2]   -0.00642001 
_atom_sites.fract_transf_matrix[2][3]   -0.00338543 
_atom_sites.fract_transf_matrix[3][1]   0.00218389 
_atom_sites.fract_transf_matrix[3][2]   0.00787432 
_atom_sites.fract_transf_matrix[3][3]   -0.00723018 
_atom_sites.fract_transf_vector[1]      -0.045490 
_atom_sites.fract_transf_vector[2]      -0.220384 
_atom_sites.fract_transf_vector[3]      0.105732 
_atom_sites.solution_primary            ? 
_atom_sites.solution_secondary          ? 
_atom_sites.solution_hydrogens          ? 
_atom_sites.special_details             ? 
# 
loop_
_atom_type.symbol 
_atom_type.scat_dispersion_real 
_atom_type.scat_dispersion_imag 
_atom_type.scat_Cromer_Mann_a1 
_atom_type.scat_Cromer_Mann_a2 
_atom_type.scat_Cromer_Mann_a3 
_atom_type.scat_Cromer_Mann_a4 
_atom_type.scat_Cromer_Mann_b1 
_atom_type.scat_Cromer_Mann_b2 
_atom_type.scat_Cromer_Mann_b3 
_atom_type.scat_Cromer_Mann_b4 
_atom_type.scat_Cromer_Mann_c 
_atom_type.scat_source 
_atom_type.scat_dispersion_source 
C ? ? 3.54356 2.42580 ? ? 25.62398 1.50364  ? ? 0.0 
;2-Gaussian fit: Grosse-Kunstleve RW, Sauter NK, Adams PD: Newsletter of the IUCr Commission on Crystallographic Computing 2004, 3, 22-31.
;
? 
N ? ? 4.01032 2.96436 ? ? 19.97189 1.75589  ? ? 0.0 
;2-Gaussian fit: Grosse-Kunstleve RW, Sauter NK, Adams PD: Newsletter of the IUCr Commission on Crystallographic Computing 2004, 3, 22-31.
;
? 
O ? ? 4.49882 3.47563 ? ? 15.80542 1.70748  ? ? 0.0 
;2-Gaussian fit: Grosse-Kunstleve RW, Sauter NK, Adams PD: Newsletter of the IUCr Commission on Crystallographic Computing 2004, 3, 22-31.
;
? 
S ? ? 9.55732 6.39887 ? ? 1.23737  29.19336 ? ? 0.0 
;2-Gaussian fit: Grosse-Kunstleve RW, Sauter NK, Adams PD: Newsletter of the IUCr Commission on Crystallographic Computing 2004, 3, 22-31.
;
? 
# 
loop_
_atom_site.group_PDB 
_atom_site.id 
_atom_site.type_symbol 
_atom_site.label_atom_id 
_atom_site.label_alt_id 
_atom_site.label_comp_id 
_atom_site.label_asym_id 
_atom_site.label_entity_id 
_atom_site.label_seq_id 
_atom_site.pdbx_PDB_ins_code 
_atom_site.Cartn_x 
_atom_site.Cartn_y 
_atom_site.Cartn_z 
_atom_site.occupancy 
_atom_site.B_iso_or_equiv 
_atom_site.pdbx_formal_charge 
_atom_site.auth_seq_id 
_atom_site.auth_comp_id 
_atom_site.auth_asym_id 
_atom_site.auth_atom_id 
_atom_site.pdbx_PDB_model_num 
ATOM   1    N N   . GLY A 1 8   ? 13.82773  20.62855  2.52037   1.000 54.70452  ? 8   GLY A N   1 
ATOM   2    C CA  . GLY A 1 8   ? 12.51276  20.04127  2.31096   1.000 71.66991  ? 8   GLY A CA  1 
ATOM   3    C C   . GLY A 1 8   ? 12.38801  18.61792  2.84519   1.000 61.56821  ? 8   GLY A C   1 
ATOM   4    O O   . GLY A 1 8   ? 12.74530  17.65289  2.13914   1.000 63.60279  ? 8   GLY A O   1 
ATOM   5    N N   . LEU A 1 9   ? 11.86342  18.48744  4.07110   1.000 56.77243  ? 9   LEU A N   1 
ATOM   6    C CA  . LEU A 1 9   ? 11.83862  17.20820  4.79058   1.000 34.02119  ? 9   LEU A CA  1 
ATOM   7    C C   . LEU A 1 9   ? 10.51300  16.45496  4.72149   1.000 35.56556  ? 9   LEU A C   1 
ATOM   8    O O   . LEU A 1 9   ? 10.54418  15.22975  4.83948   1.000 29.54832  ? 9   LEU A O   1 
ATOM   9    C CB  . LEU A 1 9   ? 12.18647  17.39746  6.27809   1.000 47.70648  ? 9   LEU A CB  1 
ATOM   10   C CG  . LEU A 1 9   ? 13.58821  17.77603  6.79720   1.000 48.84753  ? 9   LEU A CG  1 
ATOM   11   C CD1 . LEU A 1 9   ? 13.65636  17.50424  8.30274   1.000 56.04647  ? 9   LEU A CD1 1 
ATOM   12   C CD2 . LEU A 1 9   ? 14.73159  17.06350  6.06242   1.000 42.42404  ? 9   LEU A CD2 1 
ATOM   13   N N   . VAL A 1 10  ? 9.36021   17.13304  4.58390   1.000 31.88763  ? 10  VAL A N   1 
ATOM   14   C CA  . VAL A 1 10  ? 8.03468   16.49481  4.59023   1.000 21.68168  ? 10  VAL A CA  1 
ATOM   15   C C   . VAL A 1 10  ? 7.51631   16.48007  3.16859   1.000 23.39558  ? 10  VAL A C   1 
ATOM   16   O O   . VAL A 1 10  ? 7.57188   17.51158  2.47614   1.000 25.43629  ? 10  VAL A O   1 
ATOM   17   C CB  . VAL A 1 10  ? 7.02707   17.22820  5.48073   1.000 28.87418  ? 10  VAL A CB  1 
ATOM   18   C CG1 . VAL A 1 10  ? 5.63149   16.72863  5.27043   1.000 36.72144  ? 10  VAL A CG1 1 
ATOM   19   C CG2 . VAL A 1 10  ? 7.42081   17.01683  6.95932   1.000 32.51843  ? 10  VAL A CG2 1 
ATOM   20   N N   . GLY A 1 11  ? 6.95972   15.34384  2.74548   1.000 20.18099  ? 11  GLY A N   1 
ATOM   21   C CA  . GLY A 1 11  ? 6.45523   15.35805  1.37610   1.000 18.40229  ? 11  GLY A CA  1 
ATOM   22   C C   . GLY A 1 11  ? 5.50249   14.20262  1.16115   1.000 22.71245  ? 11  GLY A C   1 
ATOM   23   O O   . GLY A 1 11  ? 5.18149   13.45301  2.08014   1.000 21.96735  ? 11  GLY A O   1 
ATOM   24   N N   . LYS A 1 12  ? 5.03626   14.07177  -0.08314  1.000 18.15149  ? 12  LYS A N   1 
ATOM   25   C CA  . LYS A 1 12  ? 4.14690   12.97171  -0.41699  1.000 16.24352  ? 12  LYS A CA  1 
ATOM   26   C C   . LYS A 1 12  ? 4.46654   12.57782  -1.85107  1.000 18.46718  ? 12  LYS A C   1 
ATOM   27   O O   . LYS A 1 12  ? 4.60668   13.46656  -2.69203  1.000 16.46719  ? 12  LYS A O   1 
ATOM   28   C CB  . LYS A 1 12  ? 2.67662   13.41120  -0.27665  1.000 18.77332  ? 12  LYS A CB  1 
ATOM   29   C CG  . LYS A 1 12  ? 1.65093   12.41311  -0.81219  1.000 24.77551  ? 12  LYS A CG  1 
ATOM   30   C CD  . LYS A 1 12  ? 0.25344   12.88834  -0.51245  1.000 28.67733  ? 12  LYS A CD  1 
ATOM   31   C CE  . LYS A 1 12  ? -0.17895  13.99677  -1.47597  1.000 29.09139  ? 12  LYS A CE  1 
ATOM   32   N NZ  . LYS A 1 12  ? -1.66212  14.22934  -1.37214  1.000 34.67409  ? 12  LYS A NZ  1 
ATOM   33   N N   . LEU A 1 13  ? 4.62316   11.27778  -2.12354  1.000 14.51429  ? 13  LEU A N   1 
ATOM   34   C CA  . LEU A 1 13  ? 4.69602   10.79166  -3.50768  1.000 16.10647  ? 13  LEU A CA  1 
ATOM   35   C C   . LEU A 1 13  ? 3.41377   10.04142  -3.82133  1.000 16.00809  ? 13  LEU A C   1 
ATOM   36   O O   . LEU A 1 13  ? 2.82507   9.35806   -2.94666  1.000 21.04930  ? 13  LEU A O   1 
ATOM   37   C CB  . LEU A 1 13  ? 5.87818   9.85024   -3.75640  1.000 15.44382  ? 13  LEU A CB  1 
ATOM   38   C CG  . LEU A 1 13  ? 7.28001   10.35058  -3.39795  1.000 18.86719  ? 13  LEU A CG  1 
ATOM   39   C CD1 . LEU A 1 13  ? 8.29004   9.29933   -3.82921  1.000 21.41006  ? 13  LEU A CD1 1 
ATOM   40   C CD2 . LEU A 1 13  ? 7.43646   11.66979  -4.23860  1.000 19.13093  ? 13  LEU A CD2 1 
ATOM   41   N N   . VAL A 1 14  ? 2.96053   10.17443  -5.07166  1.000 16.27254  ? 14  VAL A N   1 
ATOM   42   C CA  . VAL A 1 14  ? 1.70032   9.55773   -5.44355  1.000 17.56355  ? 14  VAL A CA  1 
ATOM   43   C C   . VAL A 1 14  ? 1.87006   8.84789   -6.76474  1.000 18.17869  ? 14  VAL A C   1 
ATOM   44   O O   . VAL A 1 14  ? 2.43349   9.40564   -7.72297  1.000 19.23682  ? 14  VAL A O   1 
ATOM   45   C CB  . VAL A 1 14  ? 0.56139   10.60170  -5.54673  1.000 16.69042  ? 14  VAL A CB  1 
ATOM   46   C CG1 . VAL A 1 14  ? -0.72006  9.94946   -5.88191  1.000 21.87609  ? 14  VAL A CG1 1 
ATOM   47   C CG2 . VAL A 1 14  ? 0.44348   11.47306  -4.29113  1.000 17.76440  ? 14  VAL A CG2 1 
ATOM   48   N N   . THR A 1 15  ? 1.32322   7.63254   -6.85774  1.000 16.34289  ? 15  THR A N   1 
ATOM   49   C CA  . THR A 1 15  ? 1.00234   7.10248   -8.16759  1.000 17.72149  ? 15  THR A CA  1 
ATOM   50   C C   . THR A 1 15  ? -0.49249  6.85588   -8.26835  1.000 18.07755  ? 15  THR A C   1 
ATOM   51   O O   . THR A 1 15  ? -1.08589  6.17355   -7.42437  1.000 19.04651  ? 15  THR A O   1 
ATOM   52   C CB  . THR A 1 15  ? 1.81807   5.85936   -8.50070  1.000 16.77394  ? 15  THR A CB  1 
ATOM   53   O OG1 . THR A 1 15  ? 1.43260   5.35130   -9.78966  1.000 20.12664  ? 15  THR A OG1 1 
ATOM   54   C CG2 . THR A 1 15  ? 1.65851   4.71010   -7.42207  1.000 21.08073  ? 15  THR A CG2 1 
ATOM   55   N N   . GLN A 1 16  ? -1.08634  7.31640   -9.36731  1.000 17.13656  ? 16  GLN A N   1 
ATOM   56   C CA  . GLN A 1 16  ? -2.50557  7.11572   -9.56023  1.000 18.66776  ? 16  GLN A CA  1 
ATOM   57   C C   . GLN A 1 16  ? -2.70702  6.41480   -10.89724 1.000 20.09595  ? 16  GLN A C   1 
ATOM   58   O O   . GLN A 1 16  ? -2.04740  6.75027   -11.89649 1.000 20.28236  ? 16  GLN A O   1 
ATOM   59   C CB  . GLN A 1 16  ? -3.18801  8.46715   -9.52110  1.000 24.23929  ? 16  GLN A CB  1 
ATOM   60   C CG  . GLN A 1 16  ? -4.61060  8.42796   -9.85348  1.000 23.24100  ? 16  GLN A CG  1 
ATOM   61   C CD  . GLN A 1 16  ? -5.26940  9.75302   -9.57534  1.000 31.26570  ? 16  GLN A CD  1 
ATOM   62   O OE1 . GLN A 1 16  ? -5.64602  10.05576  -8.43209  1.000 39.24167  ? 16  GLN A OE1 1 
ATOM   63   N NE2 . GLN A 1 16  ? -5.38004  10.57976  -10.61785 1.000 24.70758  ? 16  GLN A NE2 1 
ATOM   64   N N   . LEU A 1 17  ? -3.59993  5.41586   -10.91779 1.000 19.49171  ? 17  LEU A N   1 
ATOM   65   C CA  . LEU A 1 17  ? -3.82151  4.61266   -12.12170 1.000 21.21140  ? 17  LEU A CA  1 
ATOM   66   C C   . LEU A 1 17  ? -5.31609  4.45781   -12.32036 1.000 24.22584  ? 17  LEU A C   1 
ATOM   67   O O   . LEU A 1 17  ? -6.05502  4.36523   -11.35713 1.000 24.84103  ? 17  LEU A O   1 
ATOM   68   C CB  . LEU A 1 17  ? -3.20632  3.22388   -12.03943 1.000 29.26414  ? 17  LEU A CB  1 
ATOM   69   C CG  . LEU A 1 17  ? -1.80355  3.00115   -11.52758 1.000 42.55673  ? 17  LEU A CG  1 
ATOM   70   C CD1 . LEU A 1 17  ? -1.76277  3.00624   -9.99564  1.000 52.90583  ? 17  LEU A CD1 1 
ATOM   71   C CD2 . LEU A 1 17  ? -1.37347  1.65718   -12.08985 1.000 32.37289  ? 17  LEU A CD2 1 
ATOM   72   N N   . GLU A 1 18  ? -5.77623  4.57041   -13.57795 1.000 24.88357  ? 18  GLU A N   1 
ATOM   73   C CA  . GLU A 1 18  ? -7.17312  4.22868   -13.87630 1.000 23.13720  ? 18  GLU A CA  1 
ATOM   74   C C   . GLU A 1 18  ? -7.29341  2.73800   -14.06014 1.000 27.97341  ? 18  GLU A C   1 
ATOM   75   O O   . GLU A 1 18  ? -6.41848  2.10090   -14.64400 1.000 33.25741  ? 18  GLU A O   1 
ATOM   76   C CB  . GLU A 1 18  ? -7.62769  4.97768   -15.14487 1.000 25.03000  ? 18  GLU A CB  1 
ATOM   77   C CG  . GLU A 1 18  ? -7.84497  6.45478   -14.85283 1.000 32.48301  ? 18  GLU A CG  1 
ATOM   78   C CD  . GLU A 1 18  ? -8.33944  7.22049   -16.05672 1.000 36.14981  ? 18  GLU A CD  1 
ATOM   79   O OE1 . GLU A 1 18  ? -8.48742  6.59255   -17.13227 1.000 40.55775  ? 18  GLU A OE1 1 
ATOM   80   O OE2 . GLU A 1 18  ? -8.54886  8.44074   -15.90549 1.000 45.53187  ? 18  GLU A OE2 1 
ATOM   81   N N   . VAL A 1 19  ? -8.35593  2.15999   -13.50362 1.000 25.95294  ? 19  VAL A N   1 
ATOM   82   C CA  . VAL A 1 19  ? -8.61056  0.73382   -13.68829 1.000 27.57301  ? 19  VAL A CA  1 
ATOM   83   C C   . VAL A 1 19  ? -10.04297 0.56048   -14.18760 1.000 37.93742  ? 19  VAL A C   1 
ATOM   84   O O   . VAL A 1 19  ? -10.95125 1.30616   -13.78965 1.000 36.05059  ? 19  VAL A O   1 
ATOM   85   C CB  . VAL A 1 19  ? -8.37242  -0.08899  -12.39906 1.000 36.66762  ? 19  VAL A CB  1 
ATOM   86   C CG1 . VAL A 1 19  ? -6.93314  0.06782   -11.89511 1.000 32.81249  ? 19  VAL A CG1 1 
ATOM   87   C CG2 . VAL A 1 19  ? -9.36529  0.29449   -11.33962 1.000 45.78306  ? 19  VAL A CG2 1 
ATOM   88   N N   . ASN A 1 20  ? -10.24696 -0.42379  -15.07339 1.000 37.91948  ? 20  ASN A N   1 
ATOM   89   C CA  A ASN A 1 20  ? -11.58190 -0.70610  -15.59726 0.490 35.56916  ? 20  ASN A CA  1 
ATOM   90   C CA  B ASN A 1 20  ? -11.59065 -0.70158  -15.58490 0.510 35.57021  ? 20  ASN A CA  1 
ATOM   91   C C   . ASN A 1 20  ? -12.26536 -1.73698  -14.69616 1.000 34.37250  ? 20  ASN A C   1 
ATOM   92   O O   . ASN A 1 20  ? -12.35963 -2.91975  -15.01842 1.000 48.90768  ? 20  ASN A O   1 
ATOM   93   C CB  A ASN A 1 20  ? -11.47707 -1.16282  -17.04745 0.490 48.80754  ? 20  ASN A CB  1 
ATOM   94   C CB  B ASN A 1 20  ? -11.56903 -1.18279  -17.02453 0.510 48.79799  ? 20  ASN A CB  1 
ATOM   95   C CG  A ASN A 1 20  ? -10.81384 -0.11142  -17.92720 0.490 40.38315  ? 20  ASN A CG  1 
ATOM   96   C CG  B ASN A 1 20  ? -12.96560 -1.36729  -17.55635 0.510 37.16712  ? 20  ASN A CG  1 
ATOM   97   O OD1 A ASN A 1 20  ? -11.12353 1.07758   -17.81651 0.490 40.68210  ? 20  ASN A OD1 1 
ATOM   98   O OD1 B ASN A 1 20  ? -13.86014 -0.57643  -17.23194 0.510 34.31805  ? 20  ASN A OD1 1 
ATOM   99   N ND2 A ASN A 1 20  ? -9.87406  -0.53440  -18.77270 0.490 41.85676  ? 20  ASN A ND2 1 
ATOM   100  N ND2 B ASN A 1 20  ? -13.17704 -2.40501  -18.35211 0.510 37.57121  ? 20  ASN A ND2 1 
ATOM   101  N N   . CYS A 1 21  ? -12.76494 -1.25630  -13.55820 1.000 35.74625  ? 21  CYS A N   1 
ATOM   102  C CA  . CYS A 1 21  ? -13.36668 -2.08844  -12.52163 1.000 31.35374  ? 21  CYS A CA  1 
ATOM   103  C C   . CYS A 1 21  ? -14.15529 -1.17125  -11.59939 1.000 39.91061  ? 21  CYS A C   1 
ATOM   104  O O   . CYS A 1 21  ? -13.73026 -0.04144  -11.35306 1.000 42.04561  ? 21  CYS A O   1 
ATOM   105  C CB  . CYS A 1 21  ? -12.29142 -2.86494  -11.75384 1.000 39.87425  ? 21  CYS A CB  1 
ATOM   106  S SG  . CYS A 1 21  ? -12.94528 -4.11953  -10.61864 1.000 39.21350  ? 21  CYS A SG  1 
ATOM   107  N N   . ASP A 1 22  ? -15.33440 -1.61838  -11.17103 1.000 30.04109  ? 22  ASP A N   1 
ATOM   108  C CA  . ASP A 1 22  ? -16.09818 -0.91033  -10.14464 1.000 30.00926  ? 22  ASP A CA  1 
ATOM   109  C C   . ASP A 1 22  ? -15.19309 -0.63208  -8.94108  1.000 28.75826  ? 22  ASP A C   1 
ATOM   110  O O   . ASP A 1 22  ? -14.42718 -1.50349  -8.52879  1.000 30.80698  ? 22  ASP A O   1 
ATOM   111  C CB  . ASP A 1 22  ? -17.29638 -1.76557  -9.66915  1.000 33.27027  ? 22  ASP A CB  1 
ATOM   112  C CG  . ASP A 1 22  ? -18.13332 -1.08882  -8.54477  1.000 52.57169  ? 22  ASP A CG  1 
ATOM   113  O OD1 . ASP A 1 22  ? -18.88571 -0.13480  -8.86485  1.000 39.67540  ? 22  ASP A OD1 1 
ATOM   114  O OD2 . ASP A 1 22  ? -18.07413 -1.52665  -7.34995  1.000 39.13374  ? 22  ASP A OD2 1 
ATOM   115  N N   . ALA A 1 23  ? -15.31615 0.57238   -8.37982  1.000 26.32381  ? 23  ALA A N   1 
ATOM   116  C CA  . ALA A 1 23  ? -14.47649 0.97006   -7.23405  1.000 28.96480  ? 23  ALA A CA  1 
ATOM   117  C C   . ALA A 1 23  ? -14.66718 0.07051   -6.02556  1.000 32.59980  ? 23  ALA A C   1 
ATOM   118  O O   . ALA A 1 23  ? -13.68983 -0.28885  -5.35667  1.000 30.20399  ? 23  ALA A O   1 
ATOM   119  C CB  . ALA A 1 23  ? -14.77468 2.40700   -6.83369  1.000 23.46786  ? 23  ALA A CB  1 
ATOM   120  N N   . ASP A 1 24  ? -15.91686 -0.28407  -5.68553  1.000 33.91012  ? 24  ASP A N   1 
ATOM   121  C CA  A ASP A 1 24  ? -16.10541 -1.03994  -4.45035  0.560 28.20000  ? 24  ASP A CA  1 
ATOM   122  C CA  B ASP A 1 24  ? -16.12945 -1.05510  -4.45636  0.440 28.33684  ? 24  ASP A CA  1 
ATOM   123  C C   . ASP A 1 24  ? -15.58582 -2.46168  -4.61656  1.000 29.47231  ? 24  ASP A C   1 
ATOM   124  O O   . ASP A 1 24  ? -14.91173 -2.99084  -3.72810  1.000 27.52943  ? 24  ASP A O   1 
ATOM   125  C CB  A ASP A 1 24  ? -17.58343 -0.99922  -4.03893  0.560 32.37279  ? 24  ASP A CB  1 
ATOM   126  C CB  B ASP A 1 24  ? -17.61959 -1.10094  -4.09368  0.440 32.24374  ? 24  ASP A CB  1 
ATOM   127  C CG  A ASP A 1 24  ? -18.02013 0.39433   -3.51547  0.560 31.63463  ? 24  ASP A CG  1 
ATOM   128  C CG  B ASP A 1 24  ? -17.86140 -1.48954  -2.62957  0.440 37.83720  ? 24  ASP A CG  1 
ATOM   129  O OD1 A ASP A 1 24  ? -17.42691 0.90712   -2.53868  0.560 35.00880  ? 24  ASP A OD1 1 
ATOM   130  O OD1 B ASP A 1 24  ? -17.00864 -1.17964  -1.77618  0.440 30.73867  ? 24  ASP A OD1 1 
ATOM   131  O OD2 A ASP A 1 24  ? -18.96668 0.98039   -4.07799  0.560 37.51855  ? 24  ASP A OD2 1 
ATOM   132  O OD2 B ASP A 1 24  ? -18.89654 -2.12902  -2.32921  0.440 37.87711  ? 24  ASP A OD2 1 
ATOM   133  N N   . ILE A 1 25  ? -15.84495 -3.06020  -5.76327  1.000 26.12344  ? 25  ILE A N   1 
ATOM   134  C CA  . ILE A 1 25  ? -15.29441 -4.35594  -6.09636  1.000 27.06431  ? 25  ILE A CA  1 
ATOM   135  C C   . ILE A 1 25  ? -13.77770 -4.31061  -6.08209  1.000 31.53025  ? 25  ILE A C   1 
ATOM   136  O O   . ILE A 1 25  ? -13.10998 -5.19409  -5.53117  1.000 24.09381  ? 25  ILE A O   1 
ATOM   137  C CB  . ILE A 1 25  ? -15.84547 -4.78440  -7.45868  1.000 36.96877  ? 25  ILE A CB  1 
ATOM   138  C CG1 . ILE A 1 25  ? -17.37864 -4.98586  -7.37913  1.000 47.86313  ? 25  ILE A CG1 1 
ATOM   139  C CG2 . ILE A 1 25  ? -15.05757 -5.94464  -8.02785  1.000 28.22525  ? 25  ILE A CG2 1 
ATOM   140  C CD1 . ILE A 1 25  ? -17.84556 -5.92591  -6.29109  1.000 44.98839  ? 25  ILE A CD1 1 
ATOM   141  N N   . PHE A 1 26  ? -13.18879 -3.26733  -6.67124  1.000 23.62893  ? 26  PHE A N   1 
ATOM   142  C CA  . PHE A 1 26  ? -11.73830 -3.28486  -6.73560  1.000 23.10972  ? 26  PHE A CA  1 
ATOM   143  C C   . PHE A 1 26  ? -11.12997 -3.11351  -5.35452  1.000 22.15099  ? 26  PHE A C   1 
ATOM   144  O O   . PHE A 1 26  ? -10.08370 -3.69162  -5.06511  1.000 25.16801  ? 26  PHE A O   1 
ATOM   145  C CB  . PHE A 1 26  ? -11.23152 -2.18011  -7.67725  1.000 26.42157  ? 26  PHE A CB  1 
ATOM   146  C CG  . PHE A 1 26  ? -9.77488  -2.33206  -8.03333  1.000 26.62522  ? 26  PHE A CG  1 
ATOM   147  C CD1 . PHE A 1 26  ? -9.36850  -3.28087  -8.94945  1.000 33.59789  ? 26  PHE A CD1 1 
ATOM   148  C CD2 . PHE A 1 26  ? -8.80618  -1.53574  -7.41995  1.000 25.74968  ? 26  PHE A CD2 1 
ATOM   149  C CE1 . PHE A 1 26  ? -8.04360  -3.44293  -9.25847  1.000 35.38818  ? 26  PHE A CE1 1 
ATOM   150  C CE2 . PHE A 1 26  ? -7.46051  -1.70345  -7.72347  1.000 34.21139  ? 26  PHE A CE2 1 
ATOM   151  C CZ  . PHE A 1 26  ? -7.08345  -2.64468  -8.64565  1.000 33.47237  ? 26  PHE A CZ  1 
ATOM   152  N N   . TYR A 1 27  ? -11.72813 -2.25030  -4.53960  1.000 21.16428  ? 27  TYR A N   1 
ATOM   153  C CA  . TYR A 1 27  ? -11.24019 -2.06295  -3.17404  1.000 18.95568  ? 27  TYR A CA  1 
ATOM   154  C C   . TYR A 1 27  ? -11.22570 -3.38858  -2.41913  1.000 22.33596  ? 27  TYR A C   1 
ATOM   155  O O   . TYR A 1 27  ? -10.23927 -3.70421  -1.73953  1.000 24.65454  ? 27  TYR A O   1 
ATOM   156  C CB  . TYR A 1 27  ? -12.10426 -1.02374  -2.47363  1.000 21.95476  ? 27  TYR A CB  1 
ATOM   157  C CG  . TYR A 1 27  ? -11.93513 -0.98588  -1.01646  1.000 23.19597  ? 27  TYR A CG  1 
ATOM   158  C CD1 . TYR A 1 27  ? -10.74522 -0.54362  -0.43174  1.000 23.03978  ? 27  TYR A CD1 1 
ATOM   159  C CD2 . TYR A 1 27  ? -12.95938 -1.43552  -0.18030  1.000 24.66935  ? 27  TYR A CD2 1 
ATOM   160  C CE1 . TYR A 1 27  ? -10.59072 -0.56444  0.97656   1.000 21.97139  ? 27  TYR A CE1 1 
ATOM   161  C CE2 . TYR A 1 27  ? -12.81668 -1.43784  1.18292   1.000 31.05543  ? 27  TYR A CE2 1 
ATOM   162  C CZ  . TYR A 1 27  ? -11.64744 -0.99351  1.75523   1.000 28.33547  ? 27  TYR A CZ  1 
ATOM   163  O OH  . TYR A 1 27  ? -11.54663 -0.99967  3.12621   1.000 29.86310  ? 27  TYR A OH  1 
ATOM   164  N N   . LYS A 1 28  ? -12.29538 -4.19070  -2.56362  1.000 25.56580  ? 28  LYS A N   1 
ATOM   165  C CA  . LYS A 1 28  ? -12.35982 -5.47473  -1.84995  1.000 26.27830  ? 28  LYS A CA  1 
ATOM   166  C C   . LYS A 1 28  ? -11.28193 -6.42916  -2.33431  1.000 25.02192  ? 28  LYS A C   1 
ATOM   167  O O   . LYS A 1 28  ? -10.81547 -7.28801  -1.56012  1.000 29.49941  ? 28  LYS A O   1 
ATOM   168  C CB  . LYS A 1 28  ? -13.75494 -6.10470  -2.00572  1.000 24.98992  ? 28  LYS A CB  1 
ATOM   169  C CG  . LYS A 1 28  ? -14.78418 -5.35657  -1.19398  1.000 32.81086  ? 28  LYS A CG  1 
ATOM   170  C CD  . LYS A 1 28  ? -16.20400 -5.84143  -1.49556  1.000 39.89779  ? 28  LYS A CD  1 
ATOM   171  C CE  . LYS A 1 28  ? -17.21785 -5.21396  -0.54812  1.000 43.38729  ? 28  LYS A CE  1 
ATOM   172  N NZ  . LYS A 1 28  ? -17.75805 -3.94108  -1.04193  1.000 50.54572  ? 28  LYS A NZ  1 
ATOM   173  N N   . ILE A 1 29  ? -10.89997 -6.32128  -3.60701  1.000 26.57612  ? 29  ILE A N   1 
ATOM   174  C CA  . ILE A 1 29  ? -9.83307  -7.15010  -4.14264  1.000 26.55851  ? 29  ILE A CA  1 
ATOM   175  C C   . ILE A 1 29  ? -8.49338  -6.73126  -3.56646  1.000 33.62659  ? 29  ILE A C   1 
ATOM   176  O O   . ILE A 1 29  ? -7.70836  -7.57482  -3.10884  1.000 33.69313  ? 29  ILE A O   1 
ATOM   177  C CB  . ILE A 1 29  ? -9.80629  -7.08088  -5.67850  1.000 27.73406  ? 29  ILE A CB  1 
ATOM   178  C CG1 . ILE A 1 29  ? -11.02943 -7.82648  -6.28733  1.000 31.46784  ? 29  ILE A CG1 1 
ATOM   179  C CG2 . ILE A 1 29  ? -8.54041  -7.75788  -6.17380  1.000 29.14171  ? 29  ILE A CG2 1 
ATOM   180  C CD1 . ILE A 1 29  ? -11.16629 -7.59242  -7.80514  1.000 33.80295  ? 29  ILE A CD1 1 
ATOM   181  N N   . VAL A 1 30  ? -8.21585  -5.42036  -3.58090  1.000 25.02760  ? 30  VAL A N   1 
ATOM   182  C CA  . VAL A 1 30  ? -6.97506  -4.90332  -2.99685  1.000 28.52062  ? 30  VAL A CA  1 
ATOM   183  C C   . VAL A 1 30  ? -6.89404  -5.23352  -1.51215  1.000 28.43845  ? 30  VAL A C   1 
ATOM   184  O O   . VAL A 1 30  ? -5.83737  -5.57930  -0.99125  1.000 30.61693  ? 30  VAL A O   1 
ATOM   185  C CB  . VAL A 1 30  ? -6.86171  -3.38950  -3.22713  1.000 30.70589  ? 30  VAL A CB  1 
ATOM   186  C CG1 . VAL A 1 30  ? -5.53761  -2.88124  -2.72093  1.000 33.12095  ? 30  VAL A CG1 1 
ATOM   187  C CG2 . VAL A 1 30  ? -6.96554  -3.08751  -4.67632  1.000 31.94524  ? 30  VAL A CG2 1 
ATOM   188  N N   . LYS A 1 31  ? -7.98315  -5.02468  -0.79749  1.000 24.98431  ? 31  LYS A N   1 
ATOM   189  C CA  . LYS A 1 31  ? -8.00186  -5.32794  0.62761   1.000 22.78876  ? 31  LYS A CA  1 
ATOM   190  C C   . LYS A 1 31  ? -7.54899  -6.75600  0.96506   1.000 27.90225  ? 31  LYS A C   1 
ATOM   191  O O   . LYS A 1 31  ? -6.98904  -6.98285  2.04208   1.000 33.93292  ? 31  LYS A O   1 
ATOM   192  C CB  . LYS A 1 31  ? -9.43540  -5.06846  1.11783   1.000 29.34215  ? 31  LYS A CB  1 
ATOM   193  C CG  . LYS A 1 31  ? -9.71820  -5.20842  2.60745   1.000 33.77854  ? 31  LYS A CG  1 
ATOM   194  C CD  . LYS A 1 31  ? -11.18137 -4.68772  2.87578   1.000 29.13346  ? 31  LYS A CD  1 
ATOM   195  C CE  . LYS A 1 31  ? -11.56701 -5.01593  4.32155   1.000 47.36365  ? 31  LYS A CE  1 
ATOM   196  N NZ  . LYS A 1 31  ? -13.02611 -4.76031  4.52992   1.000 48.63009  ? 31  LYS A NZ  1 
ATOM   197  N N   . HIS A 1 32  ? -7.82517  -7.74233  0.10883   1.000 29.11687  ? 32  HIS A N   1 
ATOM   198  C CA  . HIS A 1 32  ? -7.59125  -9.12898  0.49173   1.000 36.96198  ? 32  HIS A CA  1 
ATOM   199  C C   . HIS A 1 32  ? -6.53089  -9.80308  -0.37413  1.000 48.97752  ? 32  HIS A C   1 
ATOM   200  O O   . HIS A 1 32  ? -6.49231  -11.03312 -0.43853  1.000 49.88200  ? 32  HIS A O   1 
ATOM   201  C CB  . HIS A 1 32  ? -8.91592  -9.92378  0.45237   1.000 28.94866  ? 32  HIS A CB  1 
ATOM   202  C CG  . HIS A 1 32  ? -9.94553  -9.42435  1.42643   1.000 24.51262  ? 32  HIS A CG  1 
ATOM   203  N ND1 . HIS A 1 32  ? -9.86755  -9.66145  2.78789   1.000 35.87546  ? 32  HIS A ND1 1 
ATOM   204  C CD2 . HIS A 1 32  ? -11.09619 -8.73392  1.23019   1.000 32.27694  ? 32  HIS A CD2 1 
ATOM   205  C CE1 . HIS A 1 32  ? -10.90424 -9.10186  3.38984   1.000 28.97408  ? 32  HIS A CE1 1 
ATOM   206  N NE2 . HIS A 1 32  ? -11.65991 -8.52568  2.46810   1.000 27.36531  ? 32  HIS A NE2 1 
ATOM   207  N N   . HIS A 1 33  ? -5.66193  -9.02771  -1.02724  1.000 42.29754  ? 33  HIS A N   1 
ATOM   208  C CA  . HIS A 1 33  ? -4.68934  -9.55415  -1.97749  1.000 42.38450  ? 33  HIS A CA  1 
ATOM   209  C C   . HIS A 1 33  ? -3.46367  -8.64605  -1.98673  1.000 79.48823  ? 33  HIS A C   1 
ATOM   210  O O   . HIS A 1 33  ? -3.59917  -7.43485  -2.18432  1.000 82.85379  ? 33  HIS A O   1 
ATOM   211  C CB  . HIS A 1 33  ? -5.30701  -9.62350  -3.38015  1.000 60.97243  ? 33  HIS A CB  1 
ATOM   212  C CG  . HIS A 1 33  ? -4.36515  -10.08734 -4.45295  1.000 86.14311  ? 33  HIS A CG  1 
ATOM   213  N ND1 . HIS A 1 33  ? -3.18990  -9.43088  -4.75917  1.000 74.76002  ? 33  HIS A ND1 1 
ATOM   214  C CD2 . HIS A 1 33  ? -4.44535  -11.13196 -5.31306  1.000 90.78173  ? 33  HIS A CD2 1 
ATOM   215  C CE1 . HIS A 1 33  ? -2.57711  -10.06357 -5.74388  1.000 84.97356  ? 33  HIS A CE1 1 
ATOM   216  N NE2 . HIS A 1 33  ? -3.32018  -11.09670 -6.10155  1.000 92.03571  ? 33  HIS A NE2 1 
ATOM   217  N N   . GLU A 1 34  ? -2.27386  -9.22388  -1.82209  1.000 92.47702  ? 34  GLU A N   1 
ATOM   218  C CA  . GLU A 1 34  ? -1.03528  -8.43224  -1.88718  1.000 86.58041  ? 34  GLU A CA  1 
ATOM   219  C C   . GLU A 1 34  ? -0.08143  -8.88645  -2.99086  1.000 84.11246  ? 34  GLU A C   1 
ATOM   220  O O   . GLU A 1 34  ? -0.14733  -10.01859 -3.46802  1.000 92.02614  ? 34  GLU A O   1 
ATOM   221  C CB  . GLU A 1 34  ? -0.30813  -8.46556  -0.53972  1.000 94.98978  ? 34  GLU A CB  1 
ATOM   222  C CG  . GLU A 1 34  ? -0.10135  -9.86690  0.04540   1.000 109.76688 ? 34  GLU A CG  1 
ATOM   223  C CD  . GLU A 1 34  ? -0.08974  -9.87275  1.58175   1.000 98.12538  ? 34  GLU A CD  1 
ATOM   224  O OE1 . GLU A 1 34  ? -0.17047  -10.96836 2.19117   1.000 80.47864  ? 34  GLU A OE1 1 
ATOM   225  O OE2 . GLU A 1 34  ? -0.00814  -8.77576  2.18270   1.000 81.33640  ? 34  GLU A OE2 1 
ATOM   226  N N   . PRO A 1 37  ? 2.73995   -10.77240 -5.21104  1.000 76.42865  ? 37  PRO A N   1 
ATOM   227  C CA  . PRO A 1 37  ? 3.73849   -10.75090 -6.28837  1.000 72.93658  ? 37  PRO A CA  1 
ATOM   228  C C   . PRO A 1 37  ? 4.82724   -11.79798 -6.05111  1.000 80.61869  ? 37  PRO A C   1 
ATOM   229  O O   . PRO A 1 37  ? 5.95603   -11.45663 -5.71298  1.000 84.49039  ? 37  PRO A O   1 
ATOM   230  C CB  . PRO A 1 37  ? 4.29949   -9.33041  -6.20430  1.000 77.67866  ? 37  PRO A CB  1 
ATOM   231  C CG  . PRO A 1 37  ? 4.19737   -8.99154  -4.73000  1.000 77.05645  ? 37  PRO A CG  1 
ATOM   232  C CD  . PRO A 1 37  ? 3.01191   -9.75184  -4.17706  1.000 72.10065  ? 37  PRO A CD  1 
ATOM   233  N N   . ASN A 1 38  ? 4.47821   -13.07154 -6.24137  1.000 89.20124  ? 38  ASN A N   1 
ATOM   234  C CA  . ASN A 1 38  ? 5.30336   -14.16527 -5.73387  1.000 86.82558  ? 38  ASN A CA  1 
ATOM   235  C C   . ASN A 1 38  ? 6.69922   -14.20409 -6.34316  1.000 87.66441  ? 38  ASN A C   1 
ATOM   236  O O   . ASN A 1 38  ? 7.60195   -14.79912 -5.74437  1.000 92.48327  ? 38  ASN A O   1 
ATOM   237  C CB  . ASN A 1 38  ? 4.60176   -15.50055 -5.97516  1.000 92.89140  ? 38  ASN A CB  1 
ATOM   238  C CG  . ASN A 1 38  ? 3.21991   -15.54848 -5.35594  1.000 111.40497 ? 38  ASN A CG  1 
ATOM   239  O OD1 . ASN A 1 38  ? 3.01665   -15.10836 -4.22033  1.000 102.10941 ? 38  ASN A OD1 1 
ATOM   240  N ND2 . ASN A 1 38  ? 2.25450   -16.07221 -6.10693  1.000 115.22278 ? 38  ASN A ND2 1 
ATOM   241  N N   . VAL A 1 39  ? 6.90306   -13.59884 -7.51559  1.000 91.97895  ? 39  VAL A N   1 
ATOM   242  C CA  . VAL A 1 39  ? 8.24156   -13.59551 -8.09912  1.000 81.81114  ? 39  VAL A CA  1 
ATOM   243  C C   . VAL A 1 39  ? 9.18529   -12.73570 -7.26330  1.000 78.32602  ? 39  VAL A C   1 
ATOM   244  O O   . VAL A 1 39  ? 10.39099  -13.00902 -7.20107  1.000 68.98925  ? 39  VAL A O   1 
ATOM   245  C CB  . VAL A 1 39  ? 8.18959   -13.13876 -9.57254  1.000 80.38457  ? 39  VAL A CB  1 
ATOM   246  C CG1 . VAL A 1 39  ? 9.58174   -13.13410 -10.18677 1.000 77.06385  ? 39  VAL A CG1 1 
ATOM   247  C CG2 . VAL A 1 39  ? 7.26689   -14.04732 -10.38193 1.000 82.25878  ? 39  VAL A CG2 1 
ATOM   248  N N   . ILE A 1 40  ? 8.66427   -11.71110 -6.59478  1.000 82.85924  ? 40  ILE A N   1 
ATOM   249  C CA  . ILE A 1 40  ? 9.48273   -10.88880 -5.69559  1.000 82.67632  ? 40  ILE A CA  1 
ATOM   250  C C   . ILE A 1 40  ? 9.67058   -11.64073 -4.37939  1.000 66.46663  ? 40  ILE A C   1 
ATOM   251  O O   . ILE A 1 40  ? 8.68214   -12.13780 -3.80983  1.000 54.85662  ? 40  ILE A O   1 
ATOM   252  C CB  . ILE A 1 40  ? 8.83780   -9.51920  -5.46033  1.000 66.39487  ? 40  ILE A CB  1 
ATOM   253  C CG1 . ILE A 1 40  ? 8.78804   -8.69740  -6.75299  1.000 64.41920  ? 40  ILE A CG1 1 
ATOM   254  C CG2 . ILE A 1 40  ? 9.61283   -8.74297  -4.40091  1.000 53.45505  ? 40  ILE A CG2 1 
ATOM   255  C CD1 . ILE A 1 40  ? 7.64883   -9.03012  -7.69133  1.000 62.27102  ? 40  ILE A CD1 1 
ATOM   256  N N   . PRO A 1 41  ? 10.89667  -11.76153 -3.87074  1.000 48.12366  ? 41  PRO A N   1 
ATOM   257  C CA  . PRO A 1 41  ? 11.09496  -12.53669 -2.63959  1.000 46.04331  ? 41  PRO A CA  1 
ATOM   258  C C   . PRO A 1 41  ? 10.53269  -11.77214 -1.45021  1.000 48.72222  ? 41  PRO A C   1 
ATOM   259  O O   . PRO A 1 41  ? 10.83505  -10.59830 -1.23471  1.000 38.14617  ? 41  PRO A O   1 
ATOM   260  C CB  . PRO A 1 41  ? 12.61979  -12.70523 -2.55238  1.000 48.14926  ? 41  PRO A CB  1 
ATOM   261  C CG  . PRO A 1 41  ? 13.16421  -12.20507 -3.90772  1.000 53.40927  ? 41  PRO A CG  1 
ATOM   262  C CD  . PRO A 1 41  ? 12.16359  -11.22133 -4.40451  1.000 52.06950  ? 41  PRO A CD  1 
ATOM   263  N N   . HIS A 1 42  ? 9.69525   -12.44189 -0.68086  1.000 40.65433  ? 42  HIS A N   1 
ATOM   264  C CA  . HIS A 1 42  ? 9.11024   -11.76021 0.45636   1.000 33.01959  ? 42  HIS A CA  1 
ATOM   265  C C   . HIS A 1 42  ? 8.38093   -12.80206 1.26899   1.000 36.52527  ? 42  HIS A C   1 
ATOM   266  O O   . HIS A 1 42  ? 7.93553   -13.82580 0.73994   1.000 36.82808  ? 42  HIS A O   1 
ATOM   267  C CB  . HIS A 1 42  ? 8.12257   -10.69292 0.03743   1.000 37.38259  ? 42  HIS A CB  1 
ATOM   268  C CG  . HIS A 1 42  ? 6.85976   -11.26355 -0.52740  1.000 51.33415  ? 42  HIS A CG  1 
ATOM   269  N ND1 . HIS A 1 42  ? 6.77584   -11.75076 -1.81356  1.000 54.05179  ? 42  HIS A ND1 1 
ATOM   270  C CD2 . HIS A 1 42  ? 5.63965   -11.45458 0.02796   1.000 48.95418  ? 42  HIS A CD2 1 
ATOM   271  C CE1 . HIS A 1 42  ? 5.55446   -12.20857 -2.03112  1.000 67.90890  ? 42  HIS A CE1 1 
ATOM   272  N NE2 . HIS A 1 42  ? 4.84574   -12.04329 -0.92871  1.000 58.34472  ? 42  HIS A NE2 1 
ATOM   273  N N   . PHE A 1 43  ? 8.24224   -12.50814 2.55345   1.000 32.30996  ? 43  PHE A N   1 
ATOM   274  C CA  . PHE A 1 43  ? 7.24088   -13.17516 3.37280   1.000 34.77749  ? 43  PHE A CA  1 
ATOM   275  C C   . PHE A 1 43  ? 6.98304   -12.27798 4.57603   1.000 31.13788  ? 43  PHE A C   1 
ATOM   276  O O   . PHE A 1 43  ? 7.69821   -11.30262 4.80583   1.000 25.06582  ? 43  PHE A O   1 
ATOM   277  C CB  . PHE A 1 43  ? 7.69610   -14.57331 3.78100   1.000 29.38357  ? 43  PHE A CB  1 
ATOM   278  C CG  . PHE A 1 43  ? 8.95477   -14.58528 4.55866   1.000 26.26273  ? 43  PHE A CG  1 
ATOM   279  C CD1 . PHE A 1 43  ? 8.98559   -14.27845 5.91897   1.000 25.12234  ? 43  PHE A CD1 1 
ATOM   280  C CD2 . PHE A 1 43  ? 10.16113  -14.87611 3.93329   1.000 37.63802  ? 43  PHE A CD2 1 
ATOM   281  C CE1 . PHE A 1 43  ? 10.16544  -14.28043 6.63483   1.000 25.97682  ? 43  PHE A CE1 1 
ATOM   282  C CE2 . PHE A 1 43  ? 11.35743  -14.87877 4.65153   1.000 33.68479  ? 43  PHE A CE2 1 
ATOM   283  C CZ  . PHE A 1 43  ? 11.37266  -14.59000 5.98691   1.000 36.15364  ? 43  PHE A CZ  1 
ATOM   284  N N   . PHE A 1 44  ? 5.92524   -12.58828 5.32395   1.000 28.36964  ? 44  PHE A N   1 
ATOM   285  C CA  . PHE A 1 44  ? 5.68824   -11.86453 6.56059   1.000 29.55765  ? 44  PHE A CA  1 
ATOM   286  C C   . PHE A 1 44  ? 5.32037   -12.85466 7.64352   1.000 25.61150  ? 44  PHE A C   1 
ATOM   287  O O   . PHE A 1 44  ? 4.90878   -13.99052 7.36164   1.000 31.98315  ? 44  PHE A O   1 
ATOM   288  C CB  . PHE A 1 44  ? 4.55175   -10.82362 6.43857   1.000 23.93904  ? 44  PHE A CB  1 
ATOM   289  C CG  . PHE A 1 44  ? 3.21958   -11.45453 6.22484   1.000 37.33480  ? 44  PHE A CG  1 
ATOM   290  C CD1 . PHE A 1 44  ? 2.45366   -11.84474 7.31588   1.000 32.42618  ? 44  PHE A CD1 1 
ATOM   291  C CD2 . PHE A 1 44  ? 2.76665   -11.69764 4.94719   1.000 42.18850  ? 44  PHE A CD2 1 
ATOM   292  C CE1 . PHE A 1 44  ? 1.23421   -12.47154 7.12182   1.000 47.40389  ? 44  PHE A CE1 1 
ATOM   293  C CE2 . PHE A 1 44  ? 1.54033   -12.31436 4.73617   1.000 51.71024  ? 44  PHE A CE2 1 
ATOM   294  C CZ  . PHE A 1 44  ? 0.77970   -12.70945 5.82509   1.000 52.14481  ? 44  PHE A CZ  1 
ATOM   295  N N   . THR A 1 45  ? 5.50826   -12.40342 8.87521   1.000 25.25618  ? 45  THR A N   1 
ATOM   296  C CA  . THR A 1 45  ? 4.88375   -12.98336 10.05187  1.000 33.40396  ? 45  THR A CA  1 
ATOM   297  C C   . THR A 1 45  ? 4.13994   -11.88085 10.79200  1.000 32.99553  ? 45  THR A C   1 
ATOM   298  O O   . THR A 1 45  ? 4.41588   -10.69436 10.63647  1.000 33.11125  ? 45  THR A O   1 
ATOM   299  C CB  . THR A 1 45  ? 5.92603   -13.63236 10.98801  1.000 29.42764  ? 45  THR A CB  1 
ATOM   300  O OG1 . THR A 1 45  ? 6.94349   -12.66330 11.31605  1.000 33.56300  ? 45  THR A OG1 1 
ATOM   301  C CG2 . THR A 1 45  ? 6.59837   -14.82887 10.28865  1.000 34.06704  ? 45  THR A CG2 1 
ATOM   302  N N   . GLY A 1 46  ? 3.20312   -12.26655 11.63043  1.000 27.07389  ? 46  GLY A N   1 
ATOM   303  C CA  . GLY A 1 46  ? 2.57739   -11.18868 12.37354  1.000 24.60382  ? 46  GLY A CA  1 
ATOM   304  C C   . GLY A 1 46  ? 1.26362   -11.69568 12.95833  1.000 34.47062  ? 46  GLY A C   1 
ATOM   305  O O   . GLY A 1 46  ? 1.11307   -12.88736 13.22053  1.000 29.84619  ? 46  GLY A O   1 
ATOM   306  N N   . VAL A 1 47  ? 0.31626   -10.76966 13.11726  1.000 24.74706  ? 47  VAL A N   1 
ATOM   307  C CA  . VAL A 1 47  ? -0.93359  -11.00133 13.84195  1.000 26.02660  ? 47  VAL A CA  1 
ATOM   308  C C   . VAL A 1 47  ? -2.04337  -10.23012 13.16967  1.000 27.58240  ? 47  VAL A C   1 
ATOM   309  O O   . VAL A 1 47  ? -1.81868  -9.27672  12.41488  1.000 24.21490  ? 47  VAL A O   1 
ATOM   310  C CB  . VAL A 1 47  ? -0.87047  -10.56911 15.32740  1.000 22.28620  ? 47  VAL A CB  1 
ATOM   311  C CG1 . VAL A 1 47  ? 0.23043   -11.33846 16.03087  1.000 28.88455  ? 47  VAL A CG1 1 
ATOM   312  C CG2 . VAL A 1 47  ? -0.61331  -9.09521  15.40199  1.000 19.79210  ? 47  VAL A CG2 1 
ATOM   313  N N   . GLN A 1 48  ? -3.26898  -10.66662 13.42232  1.000 21.18051  ? 48  GLN A N   1 
ATOM   314  C CA  . GLN A 1 48  ? -4.37582  -9.81922  13.02643  1.000 20.04199  ? 48  GLN A CA  1 
ATOM   315  C C   . GLN A 1 48  ? -4.88956  -9.04360  14.22084  1.000 26.66413  ? 48  GLN A C   1 
ATOM   316  O O   . GLN A 1 48  ? -4.64240  -9.39499  15.37341  1.000 27.97562  ? 48  GLN A O   1 
ATOM   317  C CB  . GLN A 1 48  ? -5.49731  -10.63813 12.38846  1.000 30.57902  ? 48  GLN A CB  1 
ATOM   318  C CG  . GLN A 1 48  ? -5.02586  -11.33295 11.15283  1.000 40.84928  ? 48  GLN A CG  1 
ATOM   319  C CD  . GLN A 1 48  ? -6.09138  -12.20572 10.59034  1.000 50.69683  ? 48  GLN A CD  1 
ATOM   320  O OE1 . GLN A 1 48  ? -6.30518  -13.32634 11.05891  1.000 52.69159  ? 48  GLN A OE1 1 
ATOM   321  N NE2 . GLN A 1 48  ? -6.80243  -11.68773 9.60307   1.000 41.36778  ? 48  GLN A NE2 1 
ATOM   322  N N   . VAL A 1 49  ? -5.57796  -7.96043  13.92169  1.000 22.44273  ? 49  VAL A N   1 
ATOM   323  C CA  . VAL A 1 49  ? -6.05747  -7.00904  14.92129  1.000 23.48195  ? 49  VAL A CA  1 
ATOM   324  C C   . VAL A 1 49  ? -7.57383  -7.01354  14.84186  1.000 31.29325  ? 49  VAL A C   1 
ATOM   325  O O   . VAL A 1 49  ? -8.12675  -6.97734  13.74893  1.000 27.03552  ? 49  VAL A O   1 
ATOM   326  C CB  . VAL A 1 49  ? -5.52542  -5.57536  14.66235  1.000 31.58590  ? 49  VAL A CB  1 
ATOM   327  C CG1 . VAL A 1 49  ? -6.17238  -4.53488  15.61055  1.000 33.61612  ? 49  VAL A CG1 1 
ATOM   328  C CG2 . VAL A 1 49  ? -3.98025  -5.50913  14.71956  1.000 29.81528  ? 49  VAL A CG2 1 
ATOM   329  N N   . THR A 1 50  ? -8.24862  -7.08053  15.98465  1.000 37.31126  ? 50  THR A N   1 
ATOM   330  C CA  . THR A 1 50  ? -9.70346  -7.10156  15.96389  1.000 38.71045  ? 50  THR A CA  1 
ATOM   331  C C   . THR A 1 50  ? -10.23965 -5.81132  16.57315  1.000 47.32709  ? 50  THR A C   1 
ATOM   332  O O   . THR A 1 50  ? -9.51678  -5.05602  17.22951  1.000 45.26754  ? 50  THR A O   1 
ATOM   333  C CB  . THR A 1 50  ? -10.25150 -8.33397  16.69437  1.000 47.01787  ? 50  THR A CB  1 
ATOM   334  O OG1 . THR A 1 50  ? -9.72816  -8.37619  18.02326  1.000 52.84566  ? 50  THR A OG1 1 
ATOM   335  C CG2 . THR A 1 50  ? -9.84416  -9.64866  15.96173  1.000 41.90996  ? 50  THR A CG2 1 
ATOM   336  N N   . LYS A 1 51  ? -11.51909 -5.54211  16.33175  1.000 54.68578  ? 51  LYS A N   1 
ATOM   337  C CA  . LYS A 1 51  ? -12.06039 -4.24514  16.71982  1.000 65.31055  ? 51  LYS A CA  1 
ATOM   338  C C   . LYS A 1 51  ? -12.81684 -4.26635  18.04241  1.000 72.73874  ? 51  LYS A C   1 
ATOM   339  O O   . LYS A 1 51  ? -13.04172 -3.19848  18.62248  1.000 78.01953  ? 51  LYS A O   1 
ATOM   340  C CB  . LYS A 1 51  ? -12.97314 -3.69734  15.61744  1.000 71.86968  ? 51  LYS A CB  1 
ATOM   341  C CG  . LYS A 1 51  ? -12.74654 -2.21881  15.31218  1.000 86.45475  ? 51  LYS A CG  1 
ATOM   342  C CD  . LYS A 1 51  ? -13.78061 -1.71072  14.30948  1.000 121.61299 ? 51  LYS A CD  1 
ATOM   343  C CE  . LYS A 1 51  ? -14.00967 -0.20536  14.43284  1.000 101.88286 ? 51  LYS A CE  1 
ATOM   344  N NZ  . LYS A 1 51  ? -15.31448 0.19424   13.82495  1.000 88.81586  ? 51  LYS A NZ  1 
ATOM   345  N N   . GLY A 1 52  ? -13.19409 -5.43876  18.54347  1.000 68.69593  ? 52  GLY A N   1 
ATOM   346  C CA  . GLY A 1 52  ? -13.90060 -5.49881  19.80948  1.000 88.10431  ? 52  GLY A CA  1 
ATOM   347  C C   . GLY A 1 52  ? -15.13073 -6.37087  19.71457  1.000 85.00653  ? 52  GLY A C   1 
ATOM   348  O O   . GLY A 1 52  ? -15.65547 -6.85072  20.72281  1.000 73.04706  ? 52  GLY A O   1 
ATOM   349  N N   . ASP A 1 53  ? -15.60209 -6.56628  18.48732  1.000 89.44571  ? 53  ASP A N   1 
ATOM   350  C CA  . ASP A 1 53  ? -16.62795 -7.54723  18.17445  1.000 88.41642  ? 53  ASP A CA  1 
ATOM   351  C C   . ASP A 1 53  ? -16.02499 -8.84999  17.66075  1.000 66.89268  ? 53  ASP A C   1 
ATOM   352  O O   . ASP A 1 53  ? -16.75684 -9.70995  17.14937  1.000 67.83370  ? 53  ASP A O   1 
ATOM   353  C CB  . ASP A 1 53  ? -17.60948 -6.96866  17.15114  1.000 81.07446  ? 53  ASP A CB  1 
ATOM   354  C CG  . ASP A 1 53  ? -16.91693 -6.48029  15.89059  1.000 88.13801  ? 53  ASP A CG  1 
ATOM   355  O OD1 . ASP A 1 53  ? -15.71572 -6.12992  15.96419  1.000 97.44055  ? 53  ASP A OD1 1 
ATOM   356  O OD2 . ASP A 1 53  ? -17.57297 -6.44908  14.82472  1.000 92.47841  ? 53  ASP A OD2 1 
ATOM   357  N N   . GLY A 1 54  ? -14.70336 -9.00521  17.77554  1.000 52.52967  ? 54  GLY A N   1 
ATOM   358  C CA  . GLY A 1 54  ? -14.01006 -10.19998 17.34079  1.000 55.98000  ? 54  GLY A CA  1 
ATOM   359  C C   . GLY A 1 54  ? -13.72442 -10.29699 15.85389  1.000 51.08079  ? 54  GLY A C   1 
ATOM   360  O O   . GLY A 1 54  ? -13.03236 -11.23696 15.43901  1.000 60.78725  ? 54  GLY A O   1 
ATOM   361  N N   . LEU A 1 55  ? -14.23391 -9.37369  15.03379  1.000 45.63310  ? 55  LEU A N   1 
ATOM   362  C CA  . LEU A 1 55  ? -13.94831 -9.38052  13.59997  1.000 31.35726  ? 55  LEU A CA  1 
ATOM   363  C C   . LEU A 1 55  ? -12.62705 -8.67857  13.32026  1.000 45.06762  ? 55  LEU A C   1 
ATOM   364  O O   . LEU A 1 55  ? -12.32834 -7.62822  13.89874  1.000 37.90366  ? 55  LEU A O   1 
ATOM   365  C CB  . LEU A 1 55  ? -15.05844 -8.69758  12.80109  1.000 44.45492  ? 55  LEU A CB  1 
ATOM   366  C CG  . LEU A 1 55  ? -16.11334 -9.65496  12.21619  1.000 59.61751  ? 55  LEU A CG  1 
ATOM   367  C CD1 . LEU A 1 55  ? -16.94287 -10.28777 13.34245  1.000 53.87003  ? 55  LEU A CD1 1 
ATOM   368  C CD2 . LEU A 1 55  ? -17.01303 -8.97093  11.18400  1.000 53.54865  ? 55  LEU A CD2 1 
ATOM   369  N N   . VAL A 1 56  ? -11.84087 -9.27019  12.41852  1.000 32.35005  ? 56  VAL A N   1 
ATOM   370  C CA  . VAL A 1 56  ? -10.53621 -8.70647  12.07336  1.000 35.07408  ? 56  VAL A CA  1 
ATOM   371  C C   . VAL A 1 56  ? -10.73089 -7.34120  11.43260  1.000 40.47270  ? 56  VAL A C   1 
ATOM   372  O O   . VAL A 1 56  ? -11.51368 -7.21226  10.48582  1.000 37.36724  ? 56  VAL A O   1 
ATOM   373  C CB  . VAL A 1 56  ? -9.79468  -9.65511  11.11997  1.000 45.62743  ? 56  VAL A CB  1 
ATOM   374  C CG1 . VAL A 1 56  ? -8.62257  -8.93287  10.46661  1.000 44.53812  ? 56  VAL A CG1 1 
ATOM   375  C CG2 . VAL A 1 56  ? -9.36378  -10.96405 11.84795  1.000 39.95758  ? 56  VAL A CG2 1 
ATOM   376  N N   . SER A 1 57  ? -9.98970  -6.31961  11.92231  1.000 32.43804  ? 57  SER A N   1 
ATOM   377  C CA  . SER A 1 57  ? -10.04121 -4.94890  11.39926  1.000 30.33904  ? 57  SER A CA  1 
ATOM   378  C C   . SER A 1 57  ? -8.72242  -4.50787  10.75916  1.000 31.13083  ? 57  SER A C   1 
ATOM   379  O O   . SER A 1 57  ? -8.61239  -3.40116  10.20022  1.000 35.32002  ? 57  SER A O   1 
ATOM   380  C CB  . SER A 1 57  ? -10.41042 -3.97118  12.50862  1.000 38.86132  ? 57  SER A CB  1 
ATOM   381  O OG  . SER A 1 57  ? -9.44806  -3.99676  13.57462  1.000 35.94637  ? 57  SER A OG  1 
ATOM   382  N N   . GLY A 1 58  ? -7.71094  -5.34424  10.81207  1.000 33.81255  ? 58  GLY A N   1 
ATOM   383  C CA  . GLY A 1 58  ? -6.43792  -4.93237  10.28367  1.000 29.85086  ? 58  GLY A CA  1 
ATOM   384  C C   . GLY A 1 58  ? -5.42182  -5.95575  10.71114  1.000 24.84380  ? 58  GLY A C   1 
ATOM   385  O O   . GLY A 1 58  ? -5.76668  -7.05127  11.17156  1.000 26.57367  ? 58  GLY A O   1 
ATOM   386  N N   . CYS A 1 59  ? -4.16801  -5.59947  10.53659  1.000 22.71724  ? 59  CYS A N   1 
ATOM   387  C CA  . CYS A 1 59  ? -3.15794  -6.56750  10.86552  1.000 21.79996  ? 59  CYS A CA  1 
ATOM   388  C C   . CYS A 1 59  ? -1.89292  -5.81897  11.17640  1.000 23.59113  ? 59  CYS A C   1 
ATOM   389  O O   . CYS A 1 59  ? -1.72824  -4.62789  10.85164  1.000 25.31524  ? 59  CYS A O   1 
ATOM   390  C CB  . CYS A 1 59  ? -2.94697  -7.58808  9.77414   1.000 22.09384  ? 59  CYS A CB  1 
ATOM   391  S SG  . CYS A 1 59  ? -2.54536  -6.70695  8.25130   1.000 35.94425  ? 59  CYS A SG  1 
ATOM   392  N N   . ILE A 1 60  ? -1.00690  -6.53408  11.84274  1.000 18.65983  ? 60  ILE A N   1 
ATOM   393  C CA  . ILE A 1 60  ? 0.32899   -5.99846  12.14719  1.000 21.70448  ? 60  ILE A CA  1 
ATOM   394  C C   . ILE A 1 60  ? 1.31386   -7.05539  11.66166  1.000 31.58167  ? 60  ILE A C   1 
ATOM   395  O O   . ILE A 1 60  ? 1.24319   -8.22978  12.05542  1.000 29.19120  ? 60  ILE A O   1 
ATOM   396  C CB  . ILE A 1 60  ? 0.52096   -5.66280  13.64421  1.000 18.56790  ? 60  ILE A CB  1 
ATOM   397  C CG1 . ILE A 1 60  ? -0.42338  -4.52274  14.06302  1.000 23.04169  ? 60  ILE A CG1 1 
ATOM   398  C CG2 . ILE A 1 60  ? 1.97698   -5.22928  13.88401  1.000 25.65845  ? 60  ILE A CG2 1 
ATOM   399  C CD1 . ILE A 1 60  ? -0.47739  -4.31563  15.57142  1.000 25.95768  ? 60  ILE A CD1 1 
ATOM   400  N N   . LYS A 1 61  ? 2.17898   -6.66841  10.74923  1.000 21.89421  ? 61  LYS A N   1 
ATOM   401  C CA  . LYS A 1 61  ? 2.99644   -7.62204  10.01296  1.000 21.22612  ? 61  LYS A CA  1 
ATOM   402  C C   . LYS A 1 61  ? 4.45263   -7.20274  10.12158  1.000 34.81834  ? 61  LYS A C   1 
ATOM   403  O O   . LYS A 1 61  ? 4.77004   -6.01284  10.03852  1.000 29.79452  ? 61  LYS A O   1 
ATOM   404  C CB  . LYS A 1 61  ? 2.62384   -7.66437  8.54054   1.000 24.17842  ? 61  LYS A CB  1 
ATOM   405  C CG  . LYS A 1 61  ? 1.29897   -8.38941  8.30621   1.000 33.95037  ? 61  LYS A CG  1 
ATOM   406  C CD  . LYS A 1 61  ? 0.85724   -8.40277  6.87870   1.000 36.10034  ? 61  LYS A CD  1 
ATOM   407  C CE  . LYS A 1 61  ? -0.45062  -9.19719  6.74441   1.000 38.84460  ? 61  LYS A CE  1 
ATOM   408  N NZ  . LYS A 1 61  ? -0.91381  -9.20148  5.32350   1.000 49.26250  ? 61  LYS A NZ  1 
ATOM   409  N N   . GLU A 1 62  ? 5.33350   -8.16422  10.31190  1.000 22.19007  ? 62  GLU A N   1 
ATOM   410  C CA  . GLU A 1 62  ? 6.75748   -7.91973  10.09745  1.000 24.63072  ? 62  GLU A CA  1 
ATOM   411  C C   . GLU A 1 62  ? 7.12010   -8.49759  8.73252   1.000 24.94970  ? 62  GLU A C   1 
ATOM   412  O O   . GLU A 1 62  ? 7.01077   -9.69260  8.50907   1.000 21.96142  ? 62  GLU A O   1 
ATOM   413  C CB  . GLU A 1 62  ? 7.60644   -8.53518  11.20648  1.000 36.64648  ? 62  GLU A CB  1 
ATOM   414  C CG  . GLU A 1 62  ? 9.09037   -8.13774  11.03706  1.000 54.39098  ? 62  GLU A CG  1 
ATOM   415  C CD  . GLU A 1 62  ? 10.04285  -9.06800  11.76249  1.000 88.52360  ? 62  GLU A CD  1 
ATOM   416  O OE1 . GLU A 1 62  ? 10.23840  -10.21636 11.29085  1.000 82.23072  ? 62  GLU A OE1 1 
ATOM   417  O OE2 . GLU A 1 62  ? 10.58616  -8.64639  12.80749  1.000 88.34335  ? 62  GLU A OE2 1 
ATOM   418  N N   . TRP A 1 63  ? 7.48354   -7.64992  7.77488   1.000 26.58067  ? 63  TRP A N   1 
ATOM   419  C CA  . TRP A 1 63  ? 7.80437   -8.11898  6.43753   1.000 30.48888  ? 63  TRP A CA  1 
ATOM   420  C C   . TRP A 1 63  ? 9.29664   -8.36486  6.27953   1.000 27.72203  ? 63  TRP A C   1 
ATOM   421  O O   . TRP A 1 63  ? 10.12018  -7.62694  6.81422   1.000 27.30231  ? 63  TRP A O   1 
ATOM   422  C CB  . TRP A 1 63  ? 7.42532   -7.07062  5.39457   1.000 31.88848  ? 63  TRP A CB  1 
ATOM   423  C CG  . TRP A 1 63  ? 5.99312   -6.92042  5.19992   1.000 29.14615  ? 63  TRP A CG  1 
ATOM   424  C CD1 . TRP A 1 63  ? 5.15731   -6.03915  5.84532   1.000 29.38052  ? 63  TRP A CD1 1 
ATOM   425  C CD2 . TRP A 1 63  ? 5.18559   -7.68202  4.30997   1.000 25.17926  ? 63  TRP A CD2 1 
ATOM   426  N NE1 . TRP A 1 63  ? 3.85513   -6.22489  5.38262   1.000 27.21177  ? 63  TRP A NE1 1 
ATOM   427  C CE2 . TRP A 1 63  ? 3.85917   -7.20805  4.42961   1.000 28.99699  ? 63  TRP A CE2 1 
ATOM   428  C CE3 . TRP A 1 63  ? 5.46085   -8.69684  3.38130   1.000 33.52749  ? 63  TRP A CE3 1 
ATOM   429  C CZ2 . TRP A 1 63  ? 2.81872   -7.71816  3.66552   1.000 36.44457  ? 63  TRP A CZ2 1 
ATOM   430  C CZ3 . TRP A 1 63  ? 4.40967   -9.20689  2.62548   1.000 41.00671  ? 63  TRP A CZ3 1 
ATOM   431  C CH2 . TRP A 1 63  ? 3.11243   -8.71752  2.77930   1.000 42.13129  ? 63  TRP A CH2 1 
ATOM   432  N N   . ASN A 1 64  ? 9.62674   -9.38032  5.50622   1.000 27.51091  ? 64  ASN A N   1 
ATOM   433  C CA  . ASN A 1 64  ? 10.97827  -9.58916  4.99779   1.000 32.41601  ? 64  ASN A CA  1 
ATOM   434  C C   . ASN A 1 64  ? 10.88149  -9.55878  3.48099   1.000 27.01367  ? 64  ASN A C   1 
ATOM   435  O O   . ASN A 1 64  ? 10.10200  -10.30415 2.88394   1.000 29.88901  ? 64  ASN A O   1 
ATOM   436  C CB  . ASN A 1 64  ? 11.54046  -10.91903 5.51268   1.000 29.51642  ? 64  ASN A CB  1 
ATOM   437  C CG  . ASN A 1 64  ? 11.92927  -10.85154 6.99742   1.000 38.47751  ? 64  ASN A CG  1 
ATOM   438  O OD1 . ASN A 1 64  ? 13.09850  -10.68401 7.32916   1.000 48.30330  ? 64  ASN A OD1 1 
ATOM   439  N ND2 . ASN A 1 64  ? 10.94397  -10.92026 7.88332   1.000 27.22200  ? 64  ASN A ND2 1 
ATOM   440  N N   . TYR A 1 65  ? 11.62881  -8.66564  2.84082   1.000 28.45864  ? 65  TYR A N   1 
ATOM   441  C CA  . TYR A 1 65  ? 11.40653  -8.51428  1.41876   1.000 25.56238  ? 65  TYR A CA  1 
ATOM   442  C C   . TYR A 1 65  ? 12.70208  -8.04072  0.80820   1.000 24.04919  ? 65  TYR A C   1 
ATOM   443  O O   . TYR A 1 65  ? 13.59152  -7.56077  1.51662   1.000 26.91143  ? 65  TYR A O   1 
ATOM   444  C CB  . TYR A 1 65  ? 10.31396  -7.48006  1.12613   1.000 31.64299  ? 65  TYR A CB  1 
ATOM   445  C CG  . TYR A 1 65  ? 10.58727  -6.09040  1.67801   1.000 25.92281  ? 65  TYR A CG  1 
ATOM   446  C CD1 . TYR A 1 65  ? 11.02339  -5.02781  0.85678   1.000 24.04816  ? 65  TYR A CD1 1 
ATOM   447  C CD2 . TYR A 1 65  ? 10.42438  -5.81908  3.03880   1.000 24.24568  ? 65  TYR A CD2 1 
ATOM   448  C CE1 . TYR A 1 65  ? 11.22747  -3.75190  1.37812   1.000 26.38100  ? 65  TYR A CE1 1 
ATOM   449  C CE2 . TYR A 1 65  ? 10.64858  -4.56910  3.56896   1.000 26.74876  ? 65  TYR A CE2 1 
ATOM   450  C CZ  . TYR A 1 65  ? 11.03918  -3.53919  2.74683   1.000 30.53424  ? 65  TYR A CZ  1 
ATOM   451  O OH  . TYR A 1 65  ? 11.24634  -2.32249  3.32559   1.000 28.10354  ? 65  TYR A OH  1 
ATOM   452  N N   . VAL A 1 66  ? 12.76335  -8.12598  -0.51090  1.000 30.39226  ? 66  VAL A N   1 
ATOM   453  C CA  . VAL A 1 66  ? 13.91621  -7.65529  -1.27613  1.000 26.84310  ? 66  VAL A CA  1 
ATOM   454  C C   . VAL A 1 66  ? 13.46958  -6.53132  -2.18305  1.000 28.10461  ? 66  VAL A C   1 
ATOM   455  O O   . VAL A 1 66  ? 12.55948  -6.71082  -2.99676  1.000 34.49305  ? 66  VAL A O   1 
ATOM   456  C CB  . VAL A 1 66  ? 14.53979  -8.79834  -2.08538  1.000 34.61448  ? 66  VAL A CB  1 
ATOM   457  C CG1 . VAL A 1 66  ? 15.70707  -8.27708  -2.88506  1.000 36.17183  ? 66  VAL A CG1 1 
ATOM   458  C CG2 . VAL A 1 66  ? 15.00992  -9.89429  -1.12770  1.000 29.28295  ? 66  VAL A CG2 1 
ATOM   459  N N   . LEU A 1 67  ? 14.08306  -5.37059  -2.01820  1.000 25.75632  ? 67  LEU A N   1 
ATOM   460  C CA  . LEU A 1 67  ? 13.76376  -4.18831  -2.81718  1.000 25.92554  ? 67  LEU A CA  1 
ATOM   461  C C   . LEU A 1 67  ? 15.01192  -3.81316  -3.60119  1.000 27.81882  ? 67  LEU A C   1 
ATOM   462  O O   . LEU A 1 67  ? 16.04200  -3.49464  -2.99332  1.000 31.47243  ? 67  LEU A O   1 
ATOM   463  C CB  . LEU A 1 67  ? 13.34847  -3.02284  -1.91398  1.000 22.79752  ? 67  LEU A CB  1 
ATOM   464  C CG  . LEU A 1 67  ? 13.01428  -1.71063  -2.65087  1.000 25.30653  ? 67  LEU A CG  1 
ATOM   465  C CD1 . LEU A 1 67  ? 11.92308  -1.90972  -3.74618  1.000 30.98380  ? 67  LEU A CD1 1 
ATOM   466  C CD2 . LEU A 1 67  ? 12.60424  -0.66229  -1.62449  1.000 28.77586  ? 67  LEU A CD2 1 
ATOM   467  N N   . GLU A 1 68  ? 14.90827  -3.80964  -4.94242  1.000 32.34679  ? 68  GLU A N   1 
ATOM   468  C CA  . GLU A 1 68  ? 16.04994  -3.44827  -5.80492  1.000 33.68813  ? 68  GLU A CA  1 
ATOM   469  C C   . GLU A 1 68  ? 17.30023  -4.21286  -5.35582  1.000 34.52362  ? 68  GLU A C   1 
ATOM   470  O O   . GLU A 1 68  ? 18.38715  -3.65775  -5.16092  1.000 32.59701  ? 68  GLU A O   1 
ATOM   471  C CB  . GLU A 1 68  ? 16.25491  -1.92548  -5.83167  1.000 34.95846  ? 68  GLU A CB  1 
ATOM   472  C CG  . GLU A 1 68  ? 15.01791  -1.22607  -6.47492  1.000 42.55296  ? 68  GLU A CG  1 
ATOM   473  C CD  . GLU A 1 68  ? 15.17077  0.28034   -6.64256  1.000 59.74655  ? 68  GLU A CD  1 
ATOM   474  O OE1 . GLU A 1 68  ? 16.21306  0.80999   -6.18646  1.000 51.58911  ? 68  GLU A OE1 1 
ATOM   475  O OE2 . GLU A 1 68  ? 14.25719  0.93170   -7.23309  1.000 46.85580  ? 68  GLU A OE2 1 
ATOM   476  N N   . GLY A 1 69  ? 17.10127  -5.52098  -5.12851  1.000 33.13985  ? 69  GLY A N   1 
ATOM   477  C CA  . GLY A 1 69  ? 18.18183  -6.43831  -4.81704  1.000 31.14191  ? 69  GLY A CA  1 
ATOM   478  C C   . GLY A 1 69  ? 18.58108  -6.56073  -3.36574  1.000 33.26934  ? 69  GLY A C   1 
ATOM   479  O O   . GLY A 1 69  ? 19.33268  -7.48529  -3.03333  1.000 33.85123  ? 69  GLY A O   1 
ATOM   480  N N   . LYS A 1 70  ? 18.12872  -5.67199  -2.48139  1.000 30.91503  ? 70  LYS A N   1 
ATOM   481  C CA  . LYS A 1 70  ? 18.65810  -5.60270  -1.13300  1.000 30.21534  ? 70  LYS A CA  1 
ATOM   482  C C   . LYS A 1 70  ? 17.59546  -6.14786  -0.19272  1.000 38.71850  ? 70  LYS A C   1 
ATOM   483  O O   . LYS A 1 70  ? 16.42761  -5.75904  -0.30731  1.000 28.20071  ? 70  LYS A O   1 
ATOM   484  C CB  . LYS A 1 70  ? 19.01944  -4.17971  -0.74611  1.000 30.38729  ? 70  LYS A CB  1 
ATOM   485  C CG  . LYS A 1 70  ? 19.61004  -4.07679  0.61916   1.000 32.48205  ? 70  LYS A CG  1 
ATOM   486  C CD  . LYS A 1 70  ? 19.90960  -2.61963  0.94939   1.000 48.73288  ? 70  LYS A CD  1 
ATOM   487  C CE  . LYS A 1 70  ? 20.30745  -2.43988  2.40547   1.000 52.75465  ? 70  LYS A CE  1 
ATOM   488  N NZ  . LYS A 1 70  ? 21.36704  -3.42203  2.77111   1.000 47.57014  ? 70  LYS A NZ  1 
ATOM   489  N N   . ALA A 1 71  ? 17.99172  -7.06085  0.70613   1.000 29.10208  ? 71  ALA A N   1 
ATOM   490  C CA  . ALA A 1 71  ? 17.04043  -7.60142  1.68222   1.000 27.10890  ? 71  ALA A CA  1 
ATOM   491  C C   . ALA A 1 71  ? 16.72621  -6.56265  2.74863   1.000 27.35363  ? 71  ALA A C   1 
ATOM   492  O O   . ALA A 1 71  ? 17.61244  -5.86726  3.26915   1.000 28.92036  ? 71  ALA A O   1 
ATOM   493  C CB  . ALA A 1 71  ? 17.60323  -8.88459  2.31387   1.000 25.07348  ? 71  ALA A CB  1 
ATOM   494  N N   . MET A 1 72  ? 15.44342  -6.45709  3.10098   1.000 27.63984  ? 72  MET A N   1 
ATOM   495  C CA  . MET A 1 72  ? 15.02175  -5.46608  4.05942   1.000 20.24555  ? 72  MET A CA  1 
ATOM   496  C C   . MET A 1 72  ? 13.95014  -6.07326  4.96292   1.000 21.88778  ? 72  MET A C   1 
ATOM   497  O O   . MET A 1 72  ? 13.36038  -7.10329  4.62623   1.000 26.34883  ? 72  MET A O   1 
ATOM   498  C CB  . MET A 1 72  ? 14.46699  -4.21538  3.35249   1.000 27.86968  ? 72  MET A CB  1 
ATOM   499  C CG  . MET A 1 72  ? 15.54372  -3.47455  2.57760   1.000 31.78008  ? 72  MET A CG  1 
ATOM   500  S SD  . MET A 1 72  ? 14.69861  -2.12253  1.83440   1.000 35.66804  ? 72  MET A SD  1 
ATOM   501  C CE  . MET A 1 72  ? 15.89909  -1.68491  0.51473   1.000 35.85697  ? 72  MET A CE  1 
ATOM   502  N N   . THR A 1 73  ? 13.67761  -5.37916  6.06872   1.000 27.80899  ? 73  THR A N   1 
ATOM   503  C CA  . THR A 1 73  ? 12.55691  -5.71881  6.94250   1.000 24.87420  ? 73  THR A CA  1 
ATOM   504  C C   . THR A 1 73  ? 11.71117  -4.48023  7.22458   1.000 28.09709  ? 73  THR A C   1 
ATOM   505  O O   . THR A 1 73  ? 12.21593  -3.35650  7.22817   1.000 25.84889  ? 73  THR A O   1 
ATOM   506  C CB  . THR A 1 73  ? 13.05265  -6.36091  8.28351   1.000 30.00939  ? 73  THR A CB  1 
ATOM   507  O OG1 . THR A 1 73  ? 11.94061  -6.91360  8.98715   1.000 55.43984  ? 73  THR A OG1 1 
ATOM   508  C CG2 . THR A 1 73  ? 13.69136  -5.34545  9.16406   1.000 29.98444  ? 73  THR A CG2 1 
ATOM   509  N N   . ALA A 1 74  ? 10.41355  -4.68456  7.48025   1.000 25.44392  ? 74  ALA A N   1 
ATOM   510  C CA  . ALA A 1 74  ? 9.60429   -3.56795  7.97550   1.000 22.67044  ? 74  ALA A CA  1 
ATOM   511  C C   . ALA A 1 74  ? 8.52632   -4.14255  8.86979   1.000 19.97472  ? 74  ALA A C   1 
ATOM   512  O O   . ALA A 1 74  ? 8.03621   -5.24887  8.62338   1.000 29.76685  ? 74  ALA A O   1 
ATOM   513  C CB  . ALA A 1 74  ? 8.90375   -2.77652  6.87008   1.000 30.15063  ? 74  ALA A CB  1 
ATOM   514  N N   . VAL A 1 75  ? 8.08660   -3.32599  9.80245   1.000 24.81307  ? 75  VAL A N   1 
ATOM   515  C CA  . VAL A 1 75  ? 6.91376   -3.63102  10.62556  1.000 21.51148  ? 75  VAL A CA  1 
ATOM   516  C C   . VAL A 1 75  ? 5.81952   -2.65981  10.22415  1.000 18.55827  ? 75  VAL A C   1 
ATOM   517  O O   . VAL A 1 75  ? 6.03619   -1.43845  10.23744  1.000 21.44204  ? 75  VAL A O   1 
ATOM   518  C CB  . VAL A 1 75  ? 7.21846   -3.49626  12.11143  1.000 26.83263  ? 75  VAL A CB  1 
ATOM   519  C CG1 . VAL A 1 75  ? 5.93886   -3.74906  12.92025  1.000 27.48910  ? 75  VAL A CG1 1 
ATOM   520  C CG2 . VAL A 1 75  ? 8.37059   -4.44050  12.47074  1.000 28.56873  ? 75  VAL A CG2 1 
ATOM   521  N N   . GLU A 1 76  ? 4.66892   -3.18973  9.80464   1.000 23.32595  ? 76  GLU A N   1 
ATOM   522  C CA  . GLU A 1 76  ? 3.61141   -2.36058  9.23573   1.000 29.11972  ? 76  GLU A CA  1 
ATOM   523  C C   . GLU A 1 76  ? 2.30189   -2.66659  9.94097   1.000 25.56098  ? 76  GLU A C   1 
ATOM   524  O O   . GLU A 1 76  ? 1.98009   -3.83741  10.16284  1.000 28.29549  ? 76  GLU A O   1 
ATOM   525  C CB  . GLU A 1 76  ? 3.45785   -2.63300  7.73250   1.000 25.52715  ? 76  GLU A CB  1 
ATOM   526  C CG  . GLU A 1 76  ? 2.00006   -2.88934  7.20588   1.000 29.78678  ? 76  GLU A CG  1 
ATOM   527  C CD  . GLU A 1 76  ? 2.01758   -3.44061  5.81759   1.000 52.29650  ? 76  GLU A CD  1 
ATOM   528  O OE1 . GLU A 1 76  ? 2.29221   -2.67133  4.87238   1.000 58.50872  ? 76  GLU A OE1 1 
ATOM   529  O OE2 . GLU A 1 76  ? 1.77267   -4.65027  5.65365   1.000 37.32296  ? 76  GLU A OE2 1 
ATOM   530  N N   . GLU A 1 77  ? 1.54801   -1.64426  10.30616  1.000 20.98074  ? 77  GLU A N   1 
ATOM   531  C CA  A GLU A 1 77  ? 0.18666   -1.87682  10.78453  0.580 22.43857  ? 77  GLU A CA  1 
ATOM   532  C CA  B GLU A 1 77  ? 0.19407   -1.82913  10.81667  0.420 22.49417  ? 77  GLU A CA  1 
ATOM   533  C C   . GLU A 1 77  ? -0.78297  -1.41618  9.71599   1.000 25.11802  ? 77  GLU A C   1 
ATOM   534  O O   . GLU A 1 77  ? -0.67418  -0.29941  9.20691   1.000 25.64362  ? 77  GLU A O   1 
ATOM   535  C CB  A GLU A 1 77  ? -0.15411  -1.14286  12.06854  0.580 24.30071  ? 77  GLU A CB  1 
ATOM   536  C CB  B GLU A 1 77  ? 0.01807   -0.98835  12.08438  0.420 24.22985  ? 77  GLU A CB  1 
ATOM   537  C CG  A GLU A 1 77  ? -1.64933  -1.31689  12.38626  0.580 23.52286  ? 77  GLU A CG  1 
ATOM   538  C CG  B GLU A 1 77  ? 1.21851   -1.18612  13.06804  0.420 26.04509  ? 77  GLU A CG  1 
ATOM   539  C CD  A GLU A 1 77  ? -2.00022  -1.17430  13.85436  0.580 35.98951  ? 77  GLU A CD  1 
ATOM   540  C CD  B GLU A 1 77  ? 1.17049   -0.37104  14.35178  0.420 24.92821  ? 77  GLU A CD  1 
ATOM   541  O OE1 A GLU A 1 77  ? -1.12977  -0.73504  14.62574  0.580 28.60765  ? 77  GLU A OE1 1 
ATOM   542  O OE1 B GLU A 1 77  ? 0.62445   0.74266   14.36234  0.420 28.63738  ? 77  GLU A OE1 1 
ATOM   543  O OE2 A GLU A 1 77  ? -3.15145  -1.51747  14.23218  0.580 34.65531  ? 77  GLU A OE2 1 
ATOM   544  O OE2 B GLU A 1 77  ? 1.69861   -0.87084  15.36486  0.420 23.37394  ? 77  GLU A OE2 1 
ATOM   545  N N   . THR A 1 78  ? -1.71456  -2.28562  9.35894   1.000 20.84354  ? 78  THR A N   1 
ATOM   546  C CA  . THR A 1 78  ? -2.64851  -1.98088  8.26740   1.000 19.81301  ? 78  THR A CA  1 
ATOM   547  C C   . THR A 1 78  ? -4.03463  -1.76544  8.85981   1.000 28.80883  ? 78  THR A C   1 
ATOM   548  O O   . THR A 1 78  ? -4.46414  -2.53796  9.72466   1.000 25.07679  ? 78  THR A O   1 
ATOM   549  C CB  . THR A 1 78  ? -2.63615  -3.10050  7.23486   1.000 30.34994  ? 78  THR A CB  1 
ATOM   550  O OG1 . THR A 1 78  ? -1.35372  -3.07639  6.57189   1.000 28.61846  ? 78  THR A OG1 1 
ATOM   551  C CG2 . THR A 1 78  ? -3.73100  -2.90405  6.22372   1.000 31.37171  ? 78  THR A CG2 1 
ATOM   552  N N   . THR A 1 79  ? -4.69991  -0.68195  8.45420   1.000 23.35158  ? 79  THR A N   1 
ATOM   553  C CA  . THR A 1 79  ? -6.09214  -0.43985  8.83312   1.000 23.85250  ? 79  THR A CA  1 
ATOM   554  C C   . THR A 1 79  ? -6.88576  -0.15168  7.57535   1.000 25.16400  ? 79  THR A C   1 
ATOM   555  O O   . THR A 1 79  ? -6.33208  0.16362   6.52420   1.000 25.84387  ? 79  THR A O   1 
ATOM   556  C CB  . THR A 1 79  ? -6.22976  0.71292   9.83267   1.000 30.46881  ? 79  THR A CB  1 
ATOM   557  O OG1 . THR A 1 79  ? -5.63196  1.85761   9.26671   1.000 35.12347  ? 79  THR A OG1 1 
ATOM   558  C CG2 . THR A 1 79  ? -5.46382  0.42774   11.08772  1.000 29.14371  ? 79  THR A CG2 1 
ATOM   559  N N   . HIS A 1 80  ? -8.20394  -0.30180  7.65099   1.000 26.08394  ? 80  HIS A N   1 
ATOM   560  C CA  . HIS A 1 80  ? -8.99144  0.00973   6.47433   1.000 28.45369  ? 80  HIS A CA  1 
ATOM   561  C C   . HIS A 1 80  ? -10.22663 0.79690   6.86039   1.000 34.36836  ? 80  HIS A C   1 
ATOM   562  O O   . HIS A 1 80  ? -10.64149 0.84454   8.02336   1.000 31.37480  ? 80  HIS A O   1 
ATOM   563  C CB  . HIS A 1 80  ? -9.37269  -1.23077  5.66186   1.000 30.24981  ? 80  HIS A CB  1 
ATOM   564  C CG  . HIS A 1 80  ? -10.15949 -2.24956  6.42764   1.000 41.29510  ? 80  HIS A CG  1 
ATOM   565  N ND1 . HIS A 1 80  ? -9.57885  -3.37041  6.98939   1.000 44.08964  ? 80  HIS A ND1 1 
ATOM   566  C CD2 . HIS A 1 80  ? -11.48380 -2.32090  6.72107   1.000 49.30227  ? 80  HIS A CD2 1 
ATOM   567  C CE1 . HIS A 1 80  ? -10.51237 -4.08662  7.59760   1.000 63.65911  ? 80  HIS A CE1 1 
ATOM   568  N NE2 . HIS A 1 80  ? -11.67521 -3.46770  7.46091   1.000 47.80919  ? 80  HIS A NE2 1 
ATOM   569  N N   . ALA A 1 81  ? -10.77985 1.44588   5.84665   1.000 31.29003  ? 81  ALA A N   1 
ATOM   570  C CA  . ALA A 1 81  ? -11.97307 2.28978   5.95152   1.000 35.18363  ? 81  ALA A CA  1 
ATOM   571  C C   . ALA A 1 81  ? -12.85353 1.92967   4.75210   1.000 35.25163  ? 81  ALA A C   1 
ATOM   572  O O   . ALA A 1 81  ? -12.69005 2.47366   3.65553   1.000 31.70956  ? 81  ALA A O   1 
ATOM   573  C CB  . ALA A 1 81  ? -11.59088 3.76811   5.98776   1.000 32.31848  ? 81  ALA A CB  1 
ATOM   574  N N   . ASP A 1 82  ? -13.79048 0.98838   4.95034   1.000 31.78490  ? 82  ASP A N   1 
ATOM   575  C CA  . ASP A 1 82  ? -14.63910 0.54943   3.84682   1.000 28.70934  ? 82  ASP A CA  1 
ATOM   576  C C   . ASP A 1 82  ? -15.48504 1.68746   3.31807   1.000 32.24838  ? 82  ASP A C   1 
ATOM   577  O O   . ASP A 1 82  ? -15.70757 1.78710   2.11114   1.000 39.70777  ? 82  ASP A O   1 
ATOM   578  C CB  . ASP A 1 82  ? -15.57152 -0.58271  4.29342   1.000 38.02691  ? 82  ASP A CB  1 
ATOM   579  C CG  . ASP A 1 82  ? -14.85093 -1.88575  4.58231   1.000 49.27811  ? 82  ASP A CG  1 
ATOM   580  O OD1 . ASP A 1 82  ? -13.62124 -1.95612  4.42907   1.000 43.71091  ? 82  ASP A OD1 1 
ATOM   581  O OD2 . ASP A 1 82  ? -15.53093 -2.85738  5.00465   1.000 56.56492  ? 82  ASP A OD2 1 
ATOM   582  N N   . GLU A 1 83  ? -15.93823 2.56719   4.20443   1.000 36.16766  ? 83  GLU A N   1 
ATOM   583  C CA  . GLU A 1 83  ? -16.79573 3.66727   3.77885   1.000 56.68957  ? 83  GLU A CA  1 
ATOM   584  C C   . GLU A 1 83  ? -16.12227 4.52896   2.72213   1.000 43.46308  ? 83  GLU A C   1 
ATOM   585  O O   . GLU A 1 83  ? -16.78261 5.01259   1.79501   1.000 49.89339  ? 83  GLU A O   1 
ATOM   586  C CB  . GLU A 1 83  ? -17.19103 4.50877   4.99185   1.000 62.36692  ? 83  GLU A CB  1 
ATOM   587  C CG  . GLU A 1 83  ? -18.11967 3.78194   5.94569   1.000 70.78619  ? 83  GLU A CG  1 
ATOM   588  C CD  . GLU A 1 83  ? -19.52900 4.34623   5.92467   1.000 101.01690 ? 83  GLU A CD  1 
ATOM   589  O OE1 . GLU A 1 83  ? -19.91850 5.00344   6.91892   1.000 91.50824  ? 83  GLU A OE1 1 
ATOM   590  O OE2 . GLU A 1 83  ? -20.23861 4.14067   4.90964   1.000 102.53558 ? 83  GLU A OE2 1 
ATOM   591  N N   . THR A 1 84  ? -14.80727 4.73013   2.83221   1.000 38.03092  ? 84  THR A N   1 
ATOM   592  C CA  . THR A 1 84  ? -14.05699 5.53749   1.87615   1.000 40.87422  ? 84  THR A CA  1 
ATOM   593  C C   . THR A 1 84  ? -13.15454 4.69426   0.98356   1.000 31.95821  ? 84  THR A C   1 
ATOM   594  O O   . THR A 1 84  ? -12.35396 5.25409   0.23453   1.000 31.23855  ? 84  THR A O   1 
ATOM   595  C CB  . THR A 1 84  ? -13.22688 6.58833   2.60665   1.000 44.65508  ? 84  THR A CB  1 
ATOM   596  O OG1 . THR A 1 84  ? -12.31641 5.93862   3.50453   1.000 39.37025  ? 84  THR A OG1 1 
ATOM   597  C CG2 . THR A 1 84  ? -14.13314 7.50090   3.39872   1.000 48.41129  ? 84  THR A CG2 1 
ATOM   598  N N   . ARG A 1 85  ? -13.24528 3.37011   1.07445   1.000 27.58748  ? 85  ARG A N   1 
ATOM   599  C CA  . ARG A 1 85  ? -12.44635 2.46245   0.24643   1.000 22.54263  ? 85  ARG A CA  1 
ATOM   600  C C   . ARG A 1 85  ? -10.96387 2.81339   0.36405   1.000 23.67951  ? 85  ARG A C   1 
ATOM   601  O O   . ARG A 1 85  ? -10.24961 2.88551   -0.63168  1.000 24.66974  ? 85  ARG A O   1 
ATOM   602  C CB  . ARG A 1 85  ? -12.87293 2.48506   -1.22085  1.000 26.26908  ? 85  ARG A CB  1 
ATOM   603  C CG  . ARG A 1 85  ? -14.33149 1.98860   -1.47355  1.000 30.89108  ? 85  ARG A CG  1 
ATOM   604  C CD  . ARG A 1 85  ? -14.71791 2.18447   -2.94405  1.000 27.81637  ? 85  ARG A CD  1 
ATOM   605  N NE  . ARG A 1 85  ? -14.67016 3.59605   -3.28675  1.000 32.39962  ? 85  ARG A NE  1 
ATOM   606  C CZ  . ARG A 1 85  ? -15.60285 4.47046   -2.95370  1.000 37.08101  ? 85  ARG A CZ  1 
ATOM   607  N NH1 . ARG A 1 85  ? -16.69710 4.05453   -2.31383  1.000 37.61775  ? 85  ARG A NH1 1 
ATOM   608  N NH2 . ARG A 1 85  ? -15.45903 5.74222   -3.29380  1.000 42.12649  ? 85  ARG A NH2 1 
ATOM   609  N N   . THR A 1 86  ? -10.49752 2.97904   1.60175   1.000 22.37177  ? 86  THR A N   1 
ATOM   610  C CA  . THR A 1 86  ? -9.11967  3.40176   1.85710   1.000 24.31361  ? 86  THR A CA  1 
ATOM   611  C C   . THR A 1 86  ? -8.41290  2.34738   2.69571   1.000 25.66213  ? 86  THR A C   1 
ATOM   612  O O   . THR A 1 86  ? -8.94446  1.90711   3.71918   1.000 26.15181  ? 86  THR A O   1 
ATOM   613  C CB  . THR A 1 86  ? -9.08662  4.75280   2.57004   1.000 30.20698  ? 86  THR A CB  1 
ATOM   614  O OG1 . THR A 1 86  ? -9.66586  5.74076   1.71264   1.000 32.15297  ? 86  THR A OG1 1 
ATOM   615  C CG2 . THR A 1 86  ? -7.65855  5.14538   2.85548   1.000 21.90318  ? 86  THR A CG2 1 
ATOM   616  N N   . LEU A 1 87  ? -7.21301  1.96393   2.27771   1.000 20.04820  ? 87  LEU A N   1 
ATOM   617  C CA  . LEU A 1 87  ? -6.32683  1.13189   3.09334   1.000 21.71718  ? 87  LEU A CA  1 
ATOM   618  C C   . LEU A 1 87  ? -5.15385  1.96521   3.55543   1.000 21.55312  ? 87  LEU A C   1 
ATOM   619  O O   . LEU A 1 87  ? -4.60315  2.75146   2.77517   1.000 22.22359  ? 87  LEU A O   1 
ATOM   620  C CB  . LEU A 1 87  ? -5.79248  -0.06933  2.29924   1.000 21.92973  ? 87  LEU A CB  1 
ATOM   621  C CG  . LEU A 1 87  ? -6.87815  -0.90538  1.65839   1.000 28.93014  ? 87  LEU A CG  1 
ATOM   622  C CD1 . LEU A 1 87  ? -6.31503  -1.58578  0.46238   1.000 51.01276  ? 87  LEU A CD1 1 
ATOM   623  C CD2 . LEU A 1 87  ? -7.34066  -1.91991  2.70077   1.000 29.89416  ? 87  LEU A CD2 1 
ATOM   624  N N   . THR A 1 88  ? -4.76872  1.83512   4.83045   1.000 20.35408  ? 88  THR A N   1 
ATOM   625  C CA  . THR A 1 88  ? -3.64319  2.62611   5.33916   1.000 19.58270  ? 88  THR A CA  1 
ATOM   626  C C   . THR A 1 88  ? -2.58937  1.68799   5.90606   1.000 24.99847  ? 88  THR A C   1 
ATOM   627  O O   . THR A 1 88  ? -2.92759  0.81535   6.69380   1.000 24.81000  ? 88  THR A O   1 
ATOM   628  C CB  . THR A 1 88  ? -4.10937  3.62127   6.38923   1.000 31.96826  ? 88  THR A CB  1 
ATOM   629  O OG1 . THR A 1 88  ? -4.99519  4.56436   5.77935   1.000 32.54301  ? 88  THR A OG1 1 
ATOM   630  C CG2 . THR A 1 88  ? -2.92538  4.39010   6.94180   1.000 31.06238  ? 88  THR A CG2 1 
ATOM   631  N N   . HIS A 1 89  ? -1.32780  1.83326   5.45385   1.000 17.85910  ? 89  HIS A N   1 
ATOM   632  C CA  . HIS A 1 89  ? -0.20711  1.02334   5.94101   1.000 21.74145  ? 89  HIS A CA  1 
ATOM   633  C C   . HIS A 1 89  ? 0.73202   1.95502   6.69999   1.000 23.89859  ? 89  HIS A C   1 
ATOM   634  O O   . HIS A 1 89  ? 1.29575   2.87675   6.11913   1.000 22.89199  ? 89  HIS A O   1 
ATOM   635  C CB  . HIS A 1 89  ? 0.54461   0.32501   4.81245   1.000 17.42830  ? 89  HIS A CB  1 
ATOM   636  C CG  . HIS A 1 89  ? -0.30534  -0.45778  3.89091   1.000 28.58302  ? 89  HIS A CG  1 
ATOM   637  N ND1 . HIS A 1 89  ? -0.87060  -1.64988  4.26708   1.000 25.69240  ? 89  HIS A ND1 1 
ATOM   638  C CD2 . HIS A 1 89  ? -0.65035  -0.26681  2.59136   1.000 31.64579  ? 89  HIS A CD2 1 
ATOM   639  C CE1 . HIS A 1 89  ? -1.53894  -2.16356  3.24636   1.000 29.01493  ? 89  HIS A CE1 1 
ATOM   640  N NE2 . HIS A 1 89  ? -1.42863  -1.34311  2.21385   1.000 28.68490  ? 89  HIS A NE2 1 
ATOM   641  N N   . HIS A 1 90  ? 0.89372   1.72976   8.00683   1.000 16.56817  ? 90  HIS A N   1 
ATOM   642  C CA  . HIS A 1 90  ? 1.65603   2.61672   8.88719   1.000 18.49113  ? 90  HIS A CA  1 
ATOM   643  C C   . HIS A 1 90  ? 2.93273   1.86876   9.23961   1.000 23.01152  ? 90  HIS A C   1 
ATOM   644  O O   . HIS A 1 90  ? 2.87851   0.86794   9.94384   1.000 20.17629  ? 90  HIS A O   1 
ATOM   645  C CB  . HIS A 1 90  ? 0.83791   2.94309   10.14476  1.000 21.36259  ? 90  HIS A CB  1 
ATOM   646  C CG  . HIS A 1 90  ? 1.58390   3.73746   11.17072  1.000 25.92363  ? 90  HIS A CG  1 
ATOM   647  N ND1 . HIS A 1 90  ? 2.09664   4.99558   10.92933  1.000 32.46317  ? 90  HIS A ND1 1 
ATOM   648  C CD2 . HIS A 1 90  ? 1.85955   3.46282   12.47917  1.000 26.25463  ? 90  HIS A CD2 1 
ATOM   649  C CE1 . HIS A 1 90  ? 2.69521   5.44451   12.02696  1.000 30.97234  ? 90  HIS A CE1 1 
ATOM   650  N NE2 . HIS A 1 90  ? 2.55303   4.53360   12.98550  1.000 27.30914  ? 90  HIS A NE2 1 
ATOM   651  N N   . ILE A 1 91  ? 4.07407   2.27541   8.69372   1.000 17.83510  ? 91  ILE A N   1 
ATOM   652  C CA  . ILE A 1 91  ? 5.32884   1.56250   8.94614   1.000 20.81911  ? 91  ILE A CA  1 
ATOM   653  C C   . ILE A 1 91  ? 5.94510   2.12274   10.25024  1.000 20.07139  ? 91  ILE A C   1 
ATOM   654  O O   . ILE A 1 91  ? 6.12135   3.34800   10.42263  1.000 22.30935  ? 91  ILE A O   1 
ATOM   655  C CB  . ILE A 1 91  ? 6.30706   1.70692   7.74790   1.000 17.56634  ? 91  ILE A CB  1 
ATOM   656  C CG1 . ILE A 1 91  ? 5.85564   0.87782   6.55172   1.000 24.30523  ? 91  ILE A CG1 1 
ATOM   657  C CG2 . ILE A 1 91  ? 7.67274   1.15204   8.12710   1.000 27.50830  ? 91  ILE A CG2 1 
ATOM   658  C CD1 . ILE A 1 91  ? 4.58801   1.35664   5.85315   1.000 37.49928  ? 91  ILE A CD1 1 
ATOM   659  N N   . THR A 1 92  ? 6.21920   1.22897   11.22745  1.000 22.51710  ? 92  THR A N   1 
ATOM   660  C CA  . THR A 1 92  ? 6.80848   1.69933   12.47023  1.000 24.58322  ? 92  THR A CA  1 
ATOM   661  C C   . THR A 1 92  ? 8.27719   1.34368   12.64123  1.000 21.73601  ? 92  THR A C   1 
ATOM   662  O O   . THR A 1 92  ? 8.93163   1.96587   13.47536  1.000 29.39675  ? 92  THR A O   1 
ATOM   663  C CB  . THR A 1 92  ? 6.07338   1.10243   13.68695  1.000 21.42193  ? 92  THR A CB  1 
ATOM   664  O OG1 . THR A 1 92  ? 6.05814   -0.29808  13.51776  1.000 23.87207  ? 92  THR A OG1 1 
ATOM   665  C CG2 . THR A 1 92  ? 4.58969   1.55933   13.70276  1.000 30.30289  ? 92  THR A CG2 1 
ATOM   666  N N   . GLU A 1 93  ? 8.78928   0.37321   11.90178  1.000 25.63163  ? 93  GLU A N   1 
ATOM   667  C CA  . GLU A 1 93  ? 10.14031  -0.10132  12.13292  1.000 27.66913  ? 93  GLU A CA  1 
ATOM   668  C C   . GLU A 1 93  ? 10.69411  -0.64700  10.84410  1.000 28.79128  ? 93  GLU A C   1 
ATOM   669  O O   . GLU A 1 93  ? 9.95134   -1.09619  9.96530   1.000 27.06719  ? 93  GLU A O   1 
ATOM   670  C CB  . GLU A 1 93  ? 10.17714  -1.24725  13.14528  1.000 28.93675  ? 93  GLU A CB  1 
ATOM   671  C CG  . GLU A 1 93  ? 9.53285   -0.92183  14.43690  1.000 33.66483  ? 93  GLU A CG  1 
ATOM   672  C CD  . GLU A 1 93  ? 10.28606  -1.56294  15.58394  1.000 46.05392  ? 93  GLU A CD  1 
ATOM   673  O OE1 . GLU A 1 93  ? 10.93862  -2.60721  15.34136  1.000 44.14002  ? 93  GLU A OE1 1 
ATOM   674  O OE2 . GLU A 1 93  ? 10.24022  -1.00805  16.69627  1.000 46.57444  ? 93  GLU A OE2 1 
ATOM   675  N N   . GLY A 1 94  ? 12.02054  -0.65080  10.75222  1.000 25.48298  ? 94  GLY A N   1 
ATOM   676  C CA  . GLY A 1 94  ? 12.67882  -1.38164  9.68658   1.000 23.17998  ? 94  GLY A CA  1 
ATOM   677  C C   . GLY A 1 94  ? 13.58152  -0.47126  8.89267   1.000 19.83968  ? 94  GLY A C   1 
ATOM   678  O O   . GLY A 1 94  ? 13.87284  0.66087   9.28709   1.000 24.71952  ? 94  GLY A O   1 
ATOM   679  N N   . ASP A 1 95  ? 14.02061  -0.99999  7.73706   1.000 26.32716  ? 95  ASP A N   1 
ATOM   680  C CA  . ASP A 1 95  ? 15.04631  -0.30724  6.95367   1.000 27.99842  ? 95  ASP A CA  1 
ATOM   681  C C   . ASP A 1 95  ? 14.56726  1.06043   6.52461   1.000 25.38034  ? 95  ASP A C   1 
ATOM   682  O O   . ASP A 1 95  ? 15.35546  2.01487   6.43822   1.000 27.84477  ? 95  ASP A O   1 
ATOM   683  C CB  . ASP A 1 95  ? 15.42017  -1.14452  5.73282   1.000 31.48067  ? 95  ASP A CB  1 
ATOM   684  C CG  . ASP A 1 95  ? 16.33351  -2.29956  6.08788   1.000 45.14685  ? 95  ASP A CG  1 
ATOM   685  O OD1 . ASP A 1 95  ? 17.56924  -2.13047  5.96306   1.000 60.27159  ? 95  ASP A OD1 1 
ATOM   686  O OD2 . ASP A 1 95  ? 15.81127  -3.36511  6.52311   1.000 35.74982  ? 95  ASP A OD2 1 
ATOM   687  N N   . ALA A 1 96  ? 13.28743  1.16695   6.18193   1.000 25.13093  ? 96  ALA A N   1 
ATOM   688  C CA  . ALA A 1 96  ? 12.79130  2.46600   5.75839   1.000 30.09141  ? 96  ALA A CA  1 
ATOM   689  C C   . ALA A 1 96  ? 12.94565  3.50795   6.86273   1.000 26.95407  ? 96  ALA A C   1 
ATOM   690  O O   . ALA A 1 96  ? 13.12437  4.68891   6.56785   1.000 24.89512  ? 96  ALA A O   1 
ATOM   691  C CB  . ALA A 1 96  ? 11.33848  2.34192   5.32312   1.000 30.23467  ? 96  ALA A CB  1 
ATOM   692  N N   . MET A 1 97  ? 12.88581  3.09455   8.13561   1.000 24.19978  ? 97  MET A N   1 
ATOM   693  C CA  . MET A 1 97  ? 13.02091  4.03887   9.23774   1.000 24.87581  ? 97  MET A CA  1 
ATOM   694  C C   . MET A 1 97  ? 14.43114  4.50154   9.42401   1.000 28.59821  ? 97  MET A C   1 
ATOM   695  O O   . MET A 1 97  ? 14.67028  5.37016   10.26050  1.000 32.57550  ? 97  MET A O   1 
ATOM   696  C CB  . MET A 1 97  ? 12.56277  3.41039   10.54983  1.000 27.91118  ? 97  MET A CB  1 
ATOM   697  C CG  . MET A 1 97  ? 11.13687  2.84852   10.46392  1.000 31.88723  ? 97  MET A CG  1 
ATOM   698  S SD  . MET A 1 97  ? 9.97056   4.20548   10.55162  1.000 57.64447  ? 97  MET A SD  1 
ATOM   699  C CE  . MET A 1 97  ? 9.69929   4.29028   8.84596   1.000 16.25945  ? 97  MET A CE  1 
ATOM   700  N N   . LYS A 1 98  ? 15.37575  3.91977   8.69982   1.000 28.17089  ? 98  LYS A N   1 
ATOM   701  C CA  . LYS A 1 98  ? 16.69235  4.53221   8.68344   1.000 29.13051  ? 98  LYS A CA  1 
ATOM   702  C C   . LYS A 1 98  ? 16.70862  5.79958   7.85716   1.000 31.99835  ? 98  LYS A C   1 
ATOM   703  O O   . LYS A 1 98  ? 17.56480  6.64837   8.08281   1.000 28.48249  ? 98  LYS A O   1 
ATOM   704  C CB  . LYS A 1 98  ? 17.73156  3.54221   8.14823   1.000 40.50584  ? 98  LYS A CB  1 
ATOM   705  C CG  . LYS A 1 98  ? 18.04803  2.40172   9.12204   1.000 39.62470  ? 98  LYS A CG  1 
ATOM   706  C CD  . LYS A 1 98  ? 19.01478  1.37674   8.50889   1.000 49.19474  ? 98  LYS A CD  1 
ATOM   707  C CE  . LYS A 1 98  ? 19.17588  0.15591   9.42008   1.000 58.13583  ? 98  LYS A CE  1 
ATOM   708  N NZ  . LYS A 1 98  ? 19.86122  -1.00051  8.74705   1.000 71.21325  ? 98  LYS A NZ  1 
ATOM   709  N N   . ASP A 1 99  ? 15.77466  5.96033   6.91275   1.000 23.05759  ? 99  ASP A N   1 
ATOM   710  C CA  . ASP A 1 99  ? 15.70109  7.17399   6.11413   1.000 27.60393  ? 99  ASP A CA  1 
ATOM   711  C C   . ASP A 1 99  ? 14.57663  8.11563   6.51511   1.000 24.76700  ? 99  ASP A C   1 
ATOM   712  O O   . ASP A 1 99  ? 14.67454  9.31898   6.25368   1.000 25.80533  ? 99  ASP A O   1 
ATOM   713  C CB  . ASP A 1 99  ? 15.53583  6.81295   4.62175   1.000 28.43623  ? 99  ASP A CB  1 
ATOM   714  C CG  . ASP A 1 99  ? 16.77682  6.15585   4.04340   1.000 37.31681  ? 99  ASP A CG  1 
ATOM   715  O OD1 . ASP A 1 99  ? 17.88303  6.66687   4.29207   1.000 42.77072  ? 99  ASP A OD1 1 
ATOM   716  O OD2 . ASP A 1 99  ? 16.64911  5.12834   3.34412   1.000 37.92164  ? 99  ASP A OD2 1 
ATOM   717  N N   . TYR A 1 100 ? 13.48462  7.60643   7.11885   1.000 23.46965  ? 100 TYR A N   1 
ATOM   718  C CA  . TYR A 1 100 ? 12.27805  8.40109   7.31620   1.000 21.90714  ? 100 TYR A CA  1 
ATOM   719  C C   . TYR A 1 100 ? 11.88607  8.36928   8.78725   1.000 23.39394  ? 100 TYR A C   1 
ATOM   720  O O   . TYR A 1 100 ? 11.87671  7.30480   9.41139   1.000 25.42103  ? 100 TYR A O   1 
ATOM   721  C CB  . TYR A 1 100 ? 11.07778  7.86187   6.47604   1.000 19.28075  ? 100 TYR A CB  1 
ATOM   722  C CG  . TYR A 1 100 ? 11.49002  7.80170   5.05267   1.000 18.68015  ? 100 TYR A CG  1 
ATOM   723  C CD1 . TYR A 1 100 ? 11.76350  8.97260   4.36515   1.000 19.79158  ? 100 TYR A CD1 1 
ATOM   724  C CD2 . TYR A 1 100 ? 11.66449  6.57599   4.41107   1.000 20.76169  ? 100 TYR A CD2 1 
ATOM   725  C CE1 . TYR A 1 100 ? 12.19994  8.92011   3.02461   1.000 19.97796  ? 100 TYR A CE1 1 
ATOM   726  C CE2 . TYR A 1 100 ? 12.09453  6.51447   3.11268   1.000 23.59957  ? 100 TYR A CE2 1 
ATOM   727  C CZ  . TYR A 1 100 ? 12.34681  7.68418   2.43480   1.000 20.49497  ? 100 TYR A CZ  1 
ATOM   728  O OH  . TYR A 1 100 ? 12.78973  7.62845   1.11077   1.000 23.14308  ? 100 TYR A OH  1 
ATOM   729  N N   . LYS A 1 101 ? 11.52661  9.54158   9.31104   1.000 23.14125  ? 101 LYS A N   1 
ATOM   730  C CA  . LYS A 1 101 ? 10.90179  9.61081   10.63919  1.000 21.84540  ? 101 LYS A CA  1 
ATOM   731  C C   . LYS A 1 101 ? 9.48227   9.04479   10.60061  1.000 23.37748  ? 101 LYS A C   1 
ATOM   732  O O   . LYS A 1 101 ? 9.03228   8.39269   11.56857  1.000 25.82059  ? 101 LYS A O   1 
ATOM   733  C CB  . LYS A 1 101 ? 10.83109  11.06890  11.10546  1.000 24.71477  ? 101 LYS A CB  1 
ATOM   734  C CG  . LYS A 1 101 ? 12.09746  11.81931  11.33169  1.000 37.16493  ? 101 LYS A CG  1 
ATOM   735  C CD  . LYS A 1 101 ? 11.73657  13.08018  12.14974  1.000 53.45842  ? 101 LYS A CD  1 
ATOM   736  C CE  . LYS A 1 101 ? 12.58148  14.31813  11.76165  1.000 72.99110  ? 101 LYS A CE  1 
ATOM   737  N NZ  . LYS A 1 101 ? 14.02378  14.22822  12.15941  1.000 62.56872  ? 101 LYS A NZ  1 
ATOM   738  N N   . LYS A 1 102 ? 8.75748   9.29622   9.48317   1.000 21.86620  ? 102 LYS A N   1 
ATOM   739  C CA  . LYS A 1 102 ? 7.37675   8.86436   9.27590   1.000 20.29831  ? 102 LYS A CA  1 
ATOM   740  C C   . LYS A 1 102 ? 7.28408   8.30353   7.87549   1.000 18.84391  ? 102 LYS A C   1 
ATOM   741  O O   . LYS A 1 102 ? 7.87316   8.84373   6.95414   1.000 18.38561  ? 102 LYS A O   1 
ATOM   742  C CB  . LYS A 1 102 ? 6.33946   9.98129   9.38668   1.000 25.21160  ? 102 LYS A CB  1 
ATOM   743  C CG  . LYS A 1 102 ? 6.25370   10.62415  10.79812  1.000 41.48537  ? 102 LYS A CG  1 
ATOM   744  C CD  . LYS A 1 102 ? 5.22731   11.78064  10.74400  1.000 47.09430  ? 102 LYS A CD  1 
ATOM   745  C CE  . LYS A 1 102 ? 5.06358   12.50758  12.06661  1.000 72.95527  ? 102 LYS A CE  1 
ATOM   746  N NZ  . LYS A 1 102 ? 4.09765   13.65653  11.94051  1.000 63.10294  ? 102 LYS A NZ  1 
ATOM   747  N N   . PHE A 1 103 ? 6.56088   7.20666   7.74654   1.000 22.57039  ? 103 PHE A N   1 
ATOM   748  C CA  . PHE A 1 103 ? 6.39681   6.54297   6.45166   1.000 19.90729  ? 103 PHE A CA  1 
ATOM   749  C C   . PHE A 1 103 ? 5.03991   5.87084   6.49398   1.000 21.31281  ? 103 PHE A C   1 
ATOM   750  O O   . PHE A 1 103 ? 4.87366   4.84326   7.16567   1.000 21.42979  ? 103 PHE A O   1 
ATOM   751  C CB  . PHE A 1 103 ? 7.53982   5.54062   6.18922   1.000 17.07170  ? 103 PHE A CB  1 
ATOM   752  C CG  . PHE A 1 103 ? 7.57323   4.97478   4.78410   1.000 22.02572  ? 103 PHE A CG  1 
ATOM   753  C CD1 . PHE A 1 103 ? 8.45877   5.46476   3.82201   1.000 21.88350  ? 103 PHE A CD1 1 
ATOM   754  C CD2 . PHE A 1 103 ? 6.70967   3.97569   4.41086   1.000 24.15928  ? 103 PHE A CD2 1 
ATOM   755  C CE1 . PHE A 1 103 ? 8.48623   4.87503   2.50448   1.000 21.46006  ? 103 PHE A CE1 1 
ATOM   756  C CE2 . PHE A 1 103 ? 6.71007   3.44425   3.13374   1.000 25.76339  ? 103 PHE A CE2 1 
ATOM   757  C CZ  . PHE A 1 103 ? 7.60813   3.89415   2.18616   1.000 22.69552  ? 103 PHE A CZ  1 
ATOM   758  N N   . ASP A 1 104 ? 4.08738   6.37773   5.71192   1.000 17.26981  ? 104 ASP A N   1 
ATOM   759  C CA  . ASP A 1 104 ? 2.73818   5.82593   5.66084   1.000 18.45847  ? 104 ASP A CA  1 
ATOM   760  C C   . ASP A 1 104 ? 2.30844   5.67897   4.21905   1.000 21.82319  ? 104 ASP A C   1 
ATOM   761  O O   . ASP A 1 104 ? 2.61101   6.56330   3.40093   1.000 22.82233  ? 104 ASP A O   1 
ATOM   762  C CB  . ASP A 1 104 ? 1.71874   6.70609   6.33610   1.000 22.45983  ? 104 ASP A CB  1 
ATOM   763  C CG  . ASP A 1 104 ? 1.90987   6.76903   7.85513   1.000 31.33857  ? 104 ASP A CG  1 
ATOM   764  O OD1 . ASP A 1 104 ? 1.52258   5.82084   8.50661   1.000 32.28061  ? 104 ASP A OD1 1 
ATOM   765  O OD2 . ASP A 1 104 ? 2.42431   7.77669   8.37936   1.000 34.70838  ? 104 ASP A OD2 1 
ATOM   766  N N   . VAL A 1 105 ? 1.64357   4.55795   3.90509   1.000 19.52595  ? 105 VAL A N   1 
ATOM   767  C CA  . VAL A 1 105 ? 1.20503   4.28240   2.53235   1.000 17.29758  ? 105 VAL A CA  1 
ATOM   768  C C   . VAL A 1 105 ? -0.30798  4.22035   2.54215   1.000 26.71325  ? 105 VAL A C   1 
ATOM   769  O O   . VAL A 1 105 ? -0.89038  3.42504   3.27746   1.000 21.15760  ? 105 VAL A O   1 
ATOM   770  C CB  . VAL A 1 105 ? 1.83040   3.00007   1.98187   1.000 22.94533  ? 105 VAL A CB  1 
ATOM   771  C CG1 . VAL A 1 105 ? 1.41464   2.78382   0.49810   1.000 25.34178  ? 105 VAL A CG1 1 
ATOM   772  C CG2 . VAL A 1 105 ? 3.33920   3.06663   2.07971   1.000 20.62103  ? 105 VAL A CG2 1 
ATOM   773  N N   . ILE A 1 106 ? -0.95596  5.08599   1.75955   1.000 21.22535  ? 106 ILE A N   1 
ATOM   774  C CA  . ILE A 1 106 ? -2.40920  5.19572   1.75802   1.000 21.17537  ? 106 ILE A CA  1 
ATOM   775  C C   . ILE A 1 106 ? -2.89464  4.77817   0.38240   1.000 25.32734  ? 106 ILE A C   1 
ATOM   776  O O   . ILE A 1 106 ? -2.41848  5.29948   -0.62576  1.000 21.15269  ? 106 ILE A O   1 
ATOM   777  C CB  . ILE A 1 106 ? -2.85024  6.61373   2.11519   1.000 23.67367  ? 106 ILE A CB  1 
ATOM   778  C CG1 . ILE A 1 106 ? -2.30117  6.98138   3.50294   1.000 28.48376  ? 106 ILE A CG1 1 
ATOM   779  C CG2 . ILE A 1 106 ? -4.32881  6.66755   2.11716   1.000 22.64201  ? 106 ILE A CG2 1 
ATOM   780  C CD1 . ILE A 1 106 ? -2.54977  8.37291   3.90840   1.000 36.29266  ? 106 ILE A CD1 1 
ATOM   781  N N   . VAL A 1 107 ? -3.83231  3.82341   0.32407   1.000 17.88340  ? 107 VAL A N   1 
ATOM   782  C CA  . VAL A 1 107 ? -4.33315  3.31910   -0.95052  1.000 18.12071  ? 107 VAL A CA  1 
ATOM   783  C C   . VAL A 1 107 ? -5.82010  3.61225   -0.99411  1.000 21.56222  ? 107 VAL A C   1 
ATOM   784  O O   . VAL A 1 107 ? -6.56498  3.19874   -0.09431  1.000 22.68494  ? 107 VAL A O   1 
ATOM   785  C CB  . VAL A 1 107 ? -4.10005  1.80703   -1.11137  1.000 27.65955  ? 107 VAL A CB  1 
ATOM   786  C CG1 . VAL A 1 107 ? -4.50892  1.38072   -2.52369  1.000 27.78724  ? 107 VAL A CG1 1 
ATOM   787  C CG2 . VAL A 1 107 ? -2.64986  1.45939   -0.80685  1.000 30.21724  ? 107 VAL A CG2 1 
ATOM   788  N N   . GLU A 1 108 ? -6.24336  4.36487   -2.01220  1.000 18.93146  ? 108 GLU A N   1 
ATOM   789  C CA  . GLU A 1 108 ? -7.61996  4.79805   -2.11900  1.000 20.67969  ? 108 GLU A CA  1 
ATOM   790  C C   . GLU A 1 108 ? -8.13540  4.32684   -3.45584  1.000 27.61956  ? 108 GLU A C   1 
ATOM   791  O O   . GLU A 1 108 ? -7.43530  4.43864   -4.46600  1.000 21.67565  ? 108 GLU A O   1 
ATOM   792  C CB  . GLU A 1 108 ? -7.74488  6.32786   -2.08827  1.000 25.76255  ? 108 GLU A CB  1 
ATOM   793  C CG  . GLU A 1 108 ? -7.12603  6.99173   -0.90277  1.000 37.02335  ? 108 GLU A CG  1 
ATOM   794  C CD  . GLU A 1 108 ? -7.14004  8.48603   -1.05585  1.000 58.68611  ? 108 GLU A CD  1 
ATOM   795  O OE1 . GLU A 1 108 ? -6.14161  9.05340   -1.58855  1.000 45.59641  ? 108 GLU A OE1 1 
ATOM   796  O OE2 . GLU A 1 108 ? -8.16903  9.07635   -0.66732  1.000 48.77080  ? 108 GLU A OE2 1 
ATOM   797  N N   . THR A 1 109 ? -9.39934  3.93439   -3.49401  1.000 19.17873  ? 109 THR A N   1 
ATOM   798  C CA  . THR A 1 109 ? -10.01793 3.54339   -4.75101  1.000 20.81234  ? 109 THR A CA  1 
ATOM   799  C C   . THR A 1 109 ? -11.31578 4.32319   -4.87865  1.000 25.03276  ? 109 THR A C   1 
ATOM   800  O O   . THR A 1 109 ? -12.14849 4.27280   -3.96630  1.000 29.56623  ? 109 THR A O   1 
ATOM   801  C CB  . THR A 1 109 ? -10.31062 2.03458   -4.75640  1.000 29.52729  ? 109 THR A CB  1 
ATOM   802  O OG1 . THR A 1 109 ? -9.07511  1.31695   -4.66190  1.000 27.40307  ? 109 THR A OG1 1 
ATOM   803  C CG2 . THR A 1 109 ? -10.98390 1.65288   -6.04424  1.000 31.87703  ? 109 THR A CG2 1 
ATOM   804  N N   . ASN A 1 110 ? -11.50001 5.00275   -6.00830  1.000 23.80264  ? 110 ASN A N   1 
ATOM   805  C CA  . ASN A 1 110 ? -12.69828 5.78288   -6.21692  1.000 28.59359  ? 110 ASN A CA  1 
ATOM   806  C C   . ASN A 1 110 ? -13.23760 5.56242   -7.61704  1.000 31.10126  ? 110 ASN A C   1 
ATOM   807  O O   . ASN A 1 110 ? -12.47639 5.38314   -8.58137  1.000 27.39741  ? 110 ASN A O   1 
ATOM   808  C CB  . ASN A 1 110 ? -12.42121 7.27599   -6.00483  1.000 26.95859  ? 110 ASN A CB  1 
ATOM   809  C CG  . ASN A 1 110 ? -12.03128 7.58739   -4.60645  1.000 36.26491  ? 110 ASN A CG  1 
ATOM   810  O OD1 . ASN A 1 110 ? -10.94678 8.10995   -4.35936  1.000 47.81635  ? 110 ASN A OD1 1 
ATOM   811  N ND2 . ASN A 1 110 ? -12.90484 7.26683   -3.65929  1.000 34.65148  ? 110 ASN A ND2 1 
ATOM   812  N N   . PRO A 1 111 ? -14.55807 5.60416   -7.76194  1.000 33.51598  ? 111 PRO A N   1 
ATOM   813  C CA  . PRO A 1 111 ? -15.14062 5.67454   -9.09780  1.000 32.94389  ? 111 PRO A CA  1 
ATOM   814  C C   . PRO A 1 111 ? -14.64976 6.90513   -9.86235  1.000 29.48605  ? 111 PRO A C   1 
ATOM   815  O O   . PRO A 1 111 ? -14.44267 7.99634   -9.30355  1.000 35.95478  ? 111 PRO A O   1 
ATOM   816  C CB  . PRO A 1 111 ? -16.65318 5.72802   -8.81862  1.000 30.72641  ? 111 PRO A CB  1 
ATOM   817  C CG  . PRO A 1 111 ? -16.78673 6.34280   -7.51903  1.000 39.21665  ? 111 PRO A CG  1 
ATOM   818  C CD  . PRO A 1 111 ? -15.55183 5.89136   -6.70768  1.000 38.65531  ? 111 PRO A CD  1 
ATOM   819  N N   . LYS A 1 112 ? -14.39068 6.68474   -11.12958 1.000 39.04599  ? 112 LYS A N   1 
ATOM   820  C CA  . LYS A 1 112 ? -14.16331 7.78385   -12.05368 1.000 50.37036  ? 112 LYS A CA  1 
ATOM   821  C C   . LYS A 1 112 ? -15.34640 8.74634   -11.97754 1.000 65.41717  ? 112 LYS A C   1 
ATOM   822  O O   . LYS A 1 112 ? -16.49747 8.28851   -11.93300 1.000 65.55580  ? 112 LYS A O   1 
ATOM   823  C CB  . LYS A 1 112 ? -14.02598 7.25517   -13.48298 1.000 47.55241  ? 112 LYS A CB  1 
ATOM   824  C CG  . LYS A 1 112 ? -12.79839 6.40986   -13.77801 1.000 43.61045  ? 112 LYS A CG  1 
ATOM   825  C CD  . LYS A 1 112 ? -12.91248 5.69923   -15.14397 1.000 62.24775  ? 112 LYS A CD  1 
ATOM   826  C CE  . LYS A 1 112 ? -11.62228 4.93247   -15.49626 1.000 64.71045  ? 112 LYS A CE  1 
ATOM   827  N NZ  . LYS A 1 112 ? -11.73431 3.99893   -16.68819 1.000 65.88037  ? 112 LYS A NZ  1 
ATOM   828  N N   . PRO A 1 113 ? -15.11119 10.08043  -11.91288 1.000 66.80085  ? 113 PRO A N   1 
ATOM   829  C CA  . PRO A 1 113 ? -16.21962 11.02854  -12.11832 1.000 79.05094  ? 113 PRO A CA  1 
ATOM   830  C C   . PRO A 1 113 ? -17.07394 10.61624  -13.30634 1.000 85.65431  ? 113 PRO A C   1 
ATOM   831  O O   . PRO A 1 113 ? -18.30790 10.61780  -13.22423 1.000 76.34021  ? 113 PRO A O   1 
ATOM   832  C CB  . PRO A 1 113 ? -15.50067 12.36104  -12.35743 1.000 68.59666  ? 113 PRO A CB  1 
ATOM   833  C CG  . PRO A 1 113 ? -14.26929 12.24894  -11.49448 1.000 61.40219  ? 113 PRO A CG  1 
ATOM   834  C CD  . PRO A 1 113 ? -13.85839 10.77398  -11.55691 1.000 65.07161  ? 113 PRO A CD  1 
ATOM   835  N N   . ASN A 1 114 ? -16.39557 10.24537  -14.40024 1.000 93.13524  ? 114 ASN A N   1 
ATOM   836  C CA  . ASN A 1 114 ? -16.93107 9.47391   -15.52030 1.000 82.22879  ? 114 ASN A CA  1 
ATOM   837  C C   . ASN A 1 114 ? -18.08351 8.56290   -15.09640 1.000 75.16032  ? 114 ASN A C   1 
ATOM   838  O O   . ASN A 1 114 ? -19.23004 8.78990   -15.48861 1.000 87.84611  ? 114 ASN A O   1 
ATOM   839  C CB  . ASN A 1 114 ? -15.78897 8.66261   -16.14752 1.000 83.35214  ? 114 ASN A CB  1 
ATOM   840  C CG  . ASN A 1 114 ? -16.21179 7.88081   -17.36750 1.000 97.62117  ? 114 ASN A CG  1 
ATOM   841  O OD1 . ASN A 1 114 ? -16.95515 6.90134   -17.27225 1.000 96.58045  ? 114 ASN A OD1 1 
ATOM   842  N ND2 . ASN A 1 114 ? -15.70751 8.28998   -18.52831 1.000 99.47085  ? 114 ASN A ND2 1 
ATOM   843  N N   . GLY A 1 115 ? -17.80560 7.53298   -14.30141 1.000 89.51781  ? 115 GLY A N   1 
ATOM   844  C CA  . GLY A 1 115 ? -18.88435 6.72330   -13.76148 1.000 85.63987  ? 115 GLY A CA  1 
ATOM   845  C C   . GLY A 1 115 ? -18.62827 5.23432   -13.61081 1.000 93.64421  ? 115 GLY A C   1 
ATOM   846  O O   . GLY A 1 115 ? -18.94092 4.66075   -12.56126 1.000 69.14853  ? 115 GLY A O   1 
ATOM   847  N N   . HIS A 1 116 ? -18.06186 4.59501   -14.64088 1.000 99.66456  ? 116 HIS A N   1 
ATOM   848  C CA  . HIS A 1 116 ? -18.01038 3.13498   -14.71418 1.000 90.16208  ? 116 HIS A CA  1 
ATOM   849  C C   . HIS A 1 116 ? -16.77931 2.53724   -14.02463 1.000 95.95332  ? 116 HIS A C   1 
ATOM   850  O O   . HIS A 1 116 ? -16.92607 1.67207   -13.15148 1.000 88.50377  ? 116 HIS A O   1 
ATOM   851  C CB  . HIS A 1 116 ? -18.07570 2.68062   -16.18167 1.000 94.22874  ? 116 HIS A CB  1 
ATOM   852  C CG  . HIS A 1 116 ? -16.83028 2.97304   -16.96352 1.000 113.13703 ? 116 HIS A CG  1 
ATOM   853  N ND1 . HIS A 1 116 ? -16.40223 4.25683   -17.23104 1.000 103.72972 ? 116 HIS A ND1 1 
ATOM   854  C CD2 . HIS A 1 116 ? -15.90524 2.14659   -17.50950 1.000 104.26533 ? 116 HIS A CD2 1 
ATOM   855  C CE1 . HIS A 1 116 ? -15.27580 4.20839   -17.92004 1.000 95.76932  ? 116 HIS A CE1 1 
ATOM   856  N NE2 . HIS A 1 116 ? -14.95236 2.93988   -18.10232 1.000 98.63416  ? 116 HIS A NE2 1 
ATOM   857  N N   . GLY A 1 117 ? -15.56749 2.97153   -14.40301 1.000 64.88319  ? 117 GLY A N   1 
ATOM   858  C CA  . GLY A 1 117 ? -14.33469 2.39714   -13.89292 1.000 58.26168  ? 117 GLY A CA  1 
ATOM   859  C C   . GLY A 1 117 ? -13.87525 3.08127   -12.62468 1.000 40.84792  ? 117 GLY A C   1 
ATOM   860  O O   . GLY A 1 117 ? -14.64750 3.75801   -11.94173 1.000 43.66305  ? 117 GLY A O   1 
ATOM   861  N N   . SER A 1 118 ? -12.57401 2.94723   -12.33517 1.000 30.84164  ? 118 SER A N   1 
ATOM   862  C CA  . SER A 1 118 ? -12.02552 3.42587   -11.07385 1.000 24.37064  ? 118 SER A CA  1 
ATOM   863  C C   . SER A 1 118 ? -10.66975 4.09354   -11.25417 1.000 19.72022  ? 118 SER A C   1 
ATOM   864  O O   . SER A 1 118 ? -9.93818  3.82673   -12.20650 1.000 29.44794  ? 118 SER A O   1 
ATOM   865  C CB  . SER A 1 118 ? -11.92143 2.25480   -10.09216 1.000 31.24205  ? 118 SER A CB  1 
ATOM   866  O OG  . SER A 1 118 ? -13.22338 1.95868   -9.72017  1.000 40.81844  ? 118 SER A OG  1 
ATOM   867  N N   . VAL A 1 119 ? -10.34750 4.92035   -10.26020 1.000 23.21742  ? 119 VAL A N   1 
ATOM   868  C CA  . VAL A 1 119 ? -9.03214  5.52630   -10.11549 1.000 22.28547  ? 119 VAL A CA  1 
ATOM   869  C C   . VAL A 1 119 ? -8.46594  4.98544   -8.80429  1.000 19.85906  ? 119 VAL A C   1 
ATOM   870  O O   . VAL A 1 119 ? -9.11486  5.10147   -7.75685  1.000 26.64717  ? 119 VAL A O   1 
ATOM   871  C CB  . VAL A 1 119 ? -9.14150  7.04619   -10.10650 1.000 38.15495  ? 119 VAL A CB  1 
ATOM   872  C CG1 . VAL A 1 119 ? -7.82051  7.64127   -9.79557  1.000 30.88210  ? 119 VAL A CG1 1 
ATOM   873  C CG2 . VAL A 1 119 ? -9.61726  7.48819   -11.48094 1.000 33.43509  ? 119 VAL A CG2 1 
ATOM   874  N N   . VAL A 1 120 ? -7.28444  4.37422   -8.87037  1.000 20.50154  ? 120 VAL A N   1 
ATOM   875  C CA  . VAL A 1 120 ? -6.59177  3.88474   -7.66173  1.000 19.46747  ? 120 VAL A CA  1 
ATOM   876  C C   . VAL A 1 120 ? -5.40477  4.80717   -7.38679  1.000 20.91813  ? 120 VAL A C   1 
ATOM   877  O O   . VAL A 1 120 ? -4.61605  5.08193   -8.29341  1.000 22.23915  ? 120 VAL A O   1 
ATOM   878  C CB  . VAL A 1 120 ? -6.09751  2.45440   -7.86297  1.000 25.20486  ? 120 VAL A CB  1 
ATOM   879  C CG1 . VAL A 1 120 ? -5.61792  1.91679   -6.54307  1.000 23.74040  ? 120 VAL A CG1 1 
ATOM   880  C CG2 . VAL A 1 120 ? -7.24340  1.63160   -8.33354  1.000 35.38674  ? 120 VAL A CG2 1 
ATOM   881  N N   . THR A 1 121 ? -5.26894  5.25157   -6.15089  1.000 18.65486  ? 121 THR A N   1 
ATOM   882  C CA  . THR A 1 121 ? -4.22022  6.18474   -5.76886  1.000 18.73700  ? 121 THR A CA  1 
ATOM   883  C C   . THR A 1 121 ? -3.39620  5.54827   -4.66805  1.000 25.65340  ? 121 THR A C   1 
ATOM   884  O O   . THR A 1 121 ? -3.96637  5.12095   -3.65657  1.000 24.87555  ? 121 THR A O   1 
ATOM   885  C CB  . THR A 1 121 ? -4.85996  7.46733   -5.27567  1.000 27.52099  ? 121 THR A CB  1 
ATOM   886  O OG1 . THR A 1 121 ? -5.72719  7.94624   -6.32305  1.000 31.51288  ? 121 THR A OG1 1 
ATOM   887  C CG2 . THR A 1 121 ? -3.76851  8.48444   -4.98445  1.000 29.17714  ? 121 THR A CG2 1 
ATOM   888  N N   . TYR A 1 122 ? -2.08466  5.35769   -4.91233  1.000 17.99872  ? 122 TYR A N   1 
ATOM   889  C CA  . TYR A 1 122 ? -1.14974  4.97494   -3.84753  1.000 20.09580  ? 122 TYR A CA  1 
ATOM   890  C C   . TYR A 1 122 ? -0.39947  6.20704   -3.42617  1.000 18.75503  ? 122 TYR A C   1 
ATOM   891  O O   . TYR A 1 122 ? 0.25462   6.82817   -4.28040  1.000 19.54632  ? 122 TYR A O   1 
ATOM   892  C CB  . TYR A 1 122 ? -0.08835  3.97043   -4.30376  1.000 23.19243  ? 122 TYR A CB  1 
ATOM   893  C CG  . TYR A 1 122 ? -0.42327  2.54025   -4.07165  1.000 21.86197  ? 122 TYR A CG  1 
ATOM   894  C CD1 . TYR A 1 122 ? 0.13899   1.80973   -2.99950  1.000 26.95985  ? 122 TYR A CD1 1 
ATOM   895  C CD2 . TYR A 1 122 ? -1.36082  1.95061   -4.87180  1.000 29.12805  ? 122 TYR A CD2 1 
ATOM   896  C CE1 . TYR A 1 122 ? -0.21797  0.48008   -2.82027  1.000 30.60645  ? 122 TYR A CE1 1 
ATOM   897  C CE2 . TYR A 1 122 ? -1.73866  0.63483   -4.66991  1.000 35.54628  ? 122 TYR A CE2 1 
ATOM   898  C CZ  . TYR A 1 122 ? -1.15179  -0.08835  -3.65211  1.000 44.46686  ? 122 TYR A CZ  1 
ATOM   899  O OH  . TYR A 1 122 ? -1.52918  -1.40697  -3.47230  1.000 50.51765  ? 122 TYR A OH  1 
ATOM   900  N N   . SER A 1 123 ? -0.46240  6.57709   -2.14575  1.000 14.61894  ? 123 SER A N   1 
ATOM   901  C CA  . SER A 1 123 ? 0.26464   7.77076   -1.69856  1.000 18.39578  ? 123 SER A CA  1 
ATOM   902  C C   . SER A 1 123 ? 1.27487   7.34817   -0.66736  1.000 20.46816  ? 123 SER A C   1 
ATOM   903  O O   . SER A 1 123 ? 0.96468   6.56285   0.23481   1.000 20.36580  ? 123 SER A O   1 
ATOM   904  C CB  . SER A 1 123 ? -0.67247  8.80853   -1.08782  1.000 22.07818  ? 123 SER A CB  1 
ATOM   905  O OG  . SER A 1 123 ? -1.58217  9.25432   -2.09721  1.000 22.27011  ? 123 SER A OG  1 
ATOM   906  N N   . ILE A 1 124 ? 2.47997   7.88144   -0.75202  1.000 14.65651  ? 124 ILE A N   1 
ATOM   907  C CA  . ILE A 1 124 ? 3.47429   7.60700   0.29198   1.000 18.37121  ? 124 ILE A CA  1 
ATOM   908  C C   . ILE A 1 124 ? 3.68445   8.94020   0.97009   1.000 18.95581  ? 124 ILE A C   1 
ATOM   909  O O   . ILE A 1 124 ? 4.22408   9.89325   0.37463   1.000 18.20454  ? 124 ILE A O   1 
ATOM   910  C CB  . ILE A 1 124 ? 4.80497   7.06813   -0.25237  1.000 17.98882  ? 124 ILE A CB  1 
ATOM   911  C CG1 . ILE A 1 124 ? 4.63227   5.78236   -1.04824  1.000 23.02966  ? 124 ILE A CG1 1 
ATOM   912  C CG2 . ILE A 1 124 ? 5.78787   6.77521   0.91610   1.000 18.68581  ? 124 ILE A CG2 1 
ATOM   913  C CD1 . ILE A 1 124 ? 5.91701   5.40408   -1.75971  1.000 26.45253  ? 124 ILE A CD1 1 
ATOM   914  N N   . VAL A 1 125 ? 3.26638   9.01729   2.23056   1.000 17.72511  ? 125 VAL A N   1 
ATOM   915  C CA  . VAL A 1 125 ? 3.37180   10.25255  3.00532   1.000 19.75644  ? 125 VAL A CA  1 
ATOM   916  C C   . VAL A 1 125 ? 4.59903   10.10390  3.88827   1.000 20.44868  ? 125 VAL A C   1 
ATOM   917  O O   . VAL A 1 125 ? 4.67573   9.14801   4.67220   1.000 20.59688  ? 125 VAL A O   1 
ATOM   918  C CB  . VAL A 1 125 ? 2.07981   10.47811  3.80967   1.000 20.43876  ? 125 VAL A CB  1 
ATOM   919  C CG1 . VAL A 1 125 ? 2.22122   11.66995  4.68991   1.000 24.36293  ? 125 VAL A CG1 1 
ATOM   920  C CG2 . VAL A 1 125 ? 0.88167   10.67269  2.83981   1.000 22.30705  ? 125 VAL A CG2 1 
ATOM   921  N N   . TYR A 1 126 ? 5.59919   10.96956  3.71681   1.000 17.35131  ? 126 TYR A N   1 
ATOM   922  C CA  . TYR A 1 126 ? 6.86806   10.69585  4.38816   1.000 21.05161  ? 126 TYR A CA  1 
ATOM   923  C C   . TYR A 1 126 ? 7.43005   11.94131  5.06274   1.000 22.57180  ? 126 TYR A C   1 
ATOM   924  O O   . TYR A 1 126 ? 7.13024   13.08688  4.68569   1.000 21.58587  ? 126 TYR A O   1 
ATOM   925  C CB  . TYR A 1 126 ? 7.87067   10.09176  3.41053   1.000 17.76835  ? 126 TYR A CB  1 
ATOM   926  C CG  . TYR A 1 126 ? 8.30470   11.03794  2.31175   1.000 15.26019  ? 126 TYR A CG  1 
ATOM   927  C CD1 . TYR A 1 126 ? 9.40296   11.88172  2.53367   1.000 19.69327  ? 126 TYR A CD1 1 
ATOM   928  C CD2 . TYR A 1 126 ? 7.56674   11.11938  1.13466   1.000 14.35856  ? 126 TYR A CD2 1 
ATOM   929  C CE1 . TYR A 1 126 ? 9.81465   12.76581  1.52535   1.000 19.89047  ? 126 TYR A CE1 1 
ATOM   930  C CE2 . TYR A 1 126 ? 7.97271   12.06126  0.11808   1.000 17.88978  ? 126 TYR A CE2 1 
ATOM   931  C CZ  . TYR A 1 126 ? 9.08434   12.84157  0.35528   1.000 24.19617  ? 126 TYR A CZ  1 
ATOM   932  O OH  . TYR A 1 126 ? 9.51706   13.78715  -0.57958  1.000 21.41958  ? 126 TYR A OH  1 
ATOM   933  N N   . GLU A 1 127 ? 8.25562   11.70151  6.07534   1.000 18.35568  ? 127 GLU A N   1 
ATOM   934  C CA  . GLU A 1 127 ? 9.10777   12.75917  6.62252   1.000 20.41078  ? 127 GLU A CA  1 
ATOM   935  C C   . GLU A 1 127 ? 10.52098  12.19881  6.71446   1.000 22.02648  ? 127 GLU A C   1 
ATOM   936  O O   . GLU A 1 127 ? 10.72098  11.14322  7.30871   1.000 22.04571  ? 127 GLU A O   1 
ATOM   937  C CB  . GLU A 1 127 ? 8.57893   13.22292  7.98320   1.000 27.13533  ? 127 GLU A CB  1 
ATOM   938  C CG  . GLU A 1 127 ? 9.51592   14.29113  8.61621   1.000 32.97161  ? 127 GLU A CG  1 
ATOM   939  C CD  . GLU A 1 127 ? 9.01555   14.83832  9.94554   1.000 56.50461  ? 127 GLU A CD  1 
ATOM   940  O OE1 . GLU A 1 127 ? 7.93966   14.39930  10.41999  1.000 47.00427  ? 127 GLU A OE1 1 
ATOM   941  O OE2 . GLU A 1 127 ? 9.70874   15.71724  10.50698  1.000 39.76632  ? 127 GLU A OE2 1 
ATOM   942  N N   . LYS A 1 128 ? 11.48691  12.85255  6.06480   1.000 23.26280  ? 128 LYS A N   1 
ATOM   943  C CA  . LYS A 1 128 ? 12.86163  12.37460  6.05959   1.000 22.59140  ? 128 LYS A CA  1 
ATOM   944  C C   . LYS A 1 128 ? 13.51356  12.61256  7.40783   1.000 26.14094  ? 128 LYS A C   1 
ATOM   945  O O   . LYS A 1 128 ? 13.13548  13.53846  8.13896   1.000 30.35412  ? 128 LYS A O   1 
ATOM   946  C CB  . LYS A 1 128 ? 13.72100  13.13608  5.04750   1.000 26.11196  ? 128 LYS A CB  1 
ATOM   947  C CG  . LYS A 1 128 ? 13.29659  13.02522  3.62569   1.000 28.15306  ? 128 LYS A CG  1 
ATOM   948  C CD  . LYS A 1 128 ? 14.17856  13.96077  2.82557   1.000 32.91043  ? 128 LYS A CD  1 
ATOM   949  C CE  . LYS A 1 128 ? 13.86659  13.83983  1.33706   1.000 36.16151  ? 128 LYS A CE  1 
ATOM   950  N NZ  . LYS A 1 128 ? 15.02757  14.28198  0.49419   1.000 35.80488  ? 128 LYS A NZ  1 
ATOM   951  N N   . ILE A 1 129 ? 14.49827  11.76469  7.72788   1.000 25.26018  ? 129 ILE A N   1 
ATOM   952  C CA  . ILE A 1 129 ? 15.28998  11.99061  8.94234   1.000 26.40493  ? 129 ILE A CA  1 
ATOM   953  C C   . ILE A 1 129 ? 16.06921  13.28827  8.81097   1.000 38.44628  ? 129 ILE A C   1 
ATOM   954  O O   . ILE A 1 129 ? 16.07175  14.12141  9.72339   1.000 40.58888  ? 129 ILE A O   1 
ATOM   955  C CB  . ILE A 1 129 ? 16.23379  10.80120  9.22665   1.000 29.30464  ? 129 ILE A CB  1 
ATOM   956  C CG1 . ILE A 1 129 ? 15.45503  9.55381   9.66590   1.000 29.60792  ? 129 ILE A CG1 1 
ATOM   957  C CG2 . ILE A 1 129 ? 17.30834  11.19402  10.28859  1.000 32.52573  ? 129 ILE A CG2 1 
ATOM   958  C CD1 . ILE A 1 129 ? 14.91944  9.61804   11.02029  1.000 45.59074  ? 129 ILE A CD1 1 
ATOM   959  N N   . ASN A 1 130 ? 16.71282  13.49487  7.65679   1.000 30.48850  ? 130 ASN A N   1 
ATOM   960  C CA  . ASN A 1 130 ? 17.46067  14.71681  7.41415   1.000 42.08383  ? 130 ASN A CA  1 
ATOM   961  C C   . ASN A 1 130 ? 17.47747  14.97989  5.91566   1.000 47.50807  ? 130 ASN A C   1 
ATOM   962  O O   . ASN A 1 130 ? 17.00300  14.16219  5.12003   1.000 34.48204  ? 130 ASN A O   1 
ATOM   963  C CB  . ASN A 1 130 ? 18.87018  14.61519  7.99809   1.000 37.43118  ? 130 ASN A CB  1 
ATOM   964  C CG  . ASN A 1 130 ? 19.65062  13.48421  7.42180   1.000 40.09675  ? 130 ASN A CG  1 
ATOM   965  O OD1 . ASN A 1 130 ? 19.87376  13.42096  6.22177   1.000 46.00322  ? 130 ASN A OD1 1 
ATOM   966  N ND2 . ASN A 1 130 ? 20.08829  12.57698  8.27784   1.000 48.35194  ? 130 ASN A ND2 1 
ATOM   967  N N   . GLU A 1 131 ? 18.06338  16.11953  5.53179   1.000 37.92374  ? 131 GLU A N   1 
ATOM   968  C CA  . GLU A 1 131 ? 18.09122  16.54980  4.13433   1.000 39.81373  ? 131 GLU A CA  1 
ATOM   969  C C   . GLU A 1 131 ? 18.81617  15.57286  3.22888   1.000 40.15246  ? 131 GLU A C   1 
ATOM   970  O O   . GLU A 1 131 ? 18.56154  15.57134  2.02074   1.000 51.56990  ? 131 GLU A O   1 
ATOM   971  C CB  . GLU A 1 131 ? 18.74972  17.92413  4.00016   1.000 62.78655  ? 131 GLU A CB  1 
ATOM   972  C CG  . GLU A 1 131 ? 17.88620  19.08709  4.46494   1.000 90.86754  ? 131 GLU A CG  1 
ATOM   973  C CD  . GLU A 1 131 ? 18.01706  20.31260  3.56718   1.000 125.69434 ? 131 GLU A CD  1 
ATOM   974  O OE1 . GLU A 1 131 ? 18.99451  20.38399  2.78816   1.000 117.83466 ? 131 GLU A OE1 1 
ATOM   975  O OE2 . GLU A 1 131 ? 17.13600  21.20038  3.63493   1.000 138.66010 ? 131 GLU A OE2 1 
ATOM   976  N N   . ASP A 1 132 ? 19.69510  14.72949  3.78106   1.000 39.06956  ? 132 ASP A N   1 
ATOM   977  C CA  . ASP A 1 132 ? 20.45651  13.75475  3.00641   1.000 54.03146  ? 132 ASP A CA  1 
ATOM   978  C C   . ASP A 1 132 ? 19.66576  12.48415  2.69614   1.000 49.71855  ? 132 ASP A C   1 
ATOM   979  O O   . ASP A 1 132 ? 20.14398  11.63322  1.93324   1.000 37.99226  ? 132 ASP A O   1 
ATOM   980  C CB  . ASP A 1 132 ? 21.74422  13.41026  3.76613   1.000 57.78919  ? 132 ASP A CB  1 
ATOM   981  C CG  . ASP A 1 132 ? 22.48805  14.66188  4.23899   1.000 83.08836  ? 132 ASP A CG  1 
ATOM   982  O OD1 . ASP A 1 132 ? 22.87654  15.49192  3.37916   1.000 86.06121  ? 132 ASP A OD1 1 
ATOM   983  O OD2 . ASP A 1 132 ? 22.65331  14.83448  5.46932   1.000 87.66409  ? 132 ASP A OD2 1 
ATOM   984  N N   . SER A 1 133 ? 18.47932  12.34153  3.26976   1.000 35.59501  ? 133 SER A N   1 
ATOM   985  C CA  . SER A 1 133 ? 17.67178  11.16665  3.03112   1.000 32.72432  ? 133 SER A CA  1 
ATOM   986  C C   . SER A 1 133 ? 17.06116  11.22511  1.63522   1.000 26.92925  ? 133 SER A C   1 
ATOM   987  O O   . SER A 1 133 ? 16.63502  12.28528  1.20480   1.000 30.82492  ? 133 SER A O   1 
ATOM   988  C CB  . SER A 1 133 ? 16.56235  11.08532  4.08654   1.000 33.74653  ? 133 SER A CB  1 
ATOM   989  O OG  . SER A 1 133 ? 17.11701  11.10824  5.40818   1.000 35.91199  ? 133 SER A OG  1 
ATOM   990  N N   . PRO A 1 134 ? 16.96447  10.09919  0.93648   1.000 31.58082  ? 134 PRO A N   1 
ATOM   991  C CA  . PRO A 1 134 ? 16.24250  10.08005  -0.35015  1.000 35.60211  ? 134 PRO A CA  1 
ATOM   992  C C   . PRO A 1 134 ? 14.74044  10.24322  -0.14692  1.000 26.18399  ? 134 PRO A C   1 
ATOM   993  O O   . PRO A 1 134 ? 14.21749  10.03917  0.94407   1.000 32.54462  ? 134 PRO A O   1 
ATOM   994  C CB  . PRO A 1 134 ? 16.56441  8.69623   -0.90316  1.000 33.91905  ? 134 PRO A CB  1 
ATOM   995  C CG  . PRO A 1 134 ? 16.77330  7.85981   0.33084   1.000 41.94102  ? 134 PRO A CG  1 
ATOM   996  C CD  . PRO A 1 134 ? 17.41689  8.76081   1.35676   1.000 32.56042  ? 134 PRO A CD  1 
ATOM   997  N N   . ALA A 1 135 ? 14.05831  10.70141  -1.19370  1.000 25.61491  ? 135 ALA A N   1 
ATOM   998  C CA  . ALA A 1 135 ? 12.60966  10.53724  -1.25057  1.000 24.47375  ? 135 ALA A CA  1 
ATOM   999  C C   . ALA A 1 135 ? 12.31826  9.12613   -1.76196  1.000 19.93642  ? 135 ALA A C   1 
ATOM   1000 O O   . ALA A 1 135 ? 13.15681  8.53587   -2.42447  1.000 20.37348  ? 135 ALA A O   1 
ATOM   1001 C CB  . ALA A 1 135 ? 11.99396  11.58801  -2.16522  1.000 25.12517  ? 135 ALA A CB  1 
ATOM   1002 N N   . PRO A 1 136 ? 11.16222  8.50636   -1.34475  1.000 20.59571  ? 136 PRO A N   1 
ATOM   1003 C CA  . PRO A 1 136 ? 10.96627  7.05831   -1.53524  1.000 18.38624  ? 136 PRO A CA  1 
ATOM   1004 C C   . PRO A 1 136 ? 10.45898  6.68576   -2.92843  1.000 18.71934  ? 136 PRO A C   1 
ATOM   1005 O O   . PRO A 1 136 ? 9.47242   5.97488   -3.12215  1.000 18.67526  ? 136 PRO A O   1 
ATOM   1006 C CB  . PRO A 1 136 ? 10.00041  6.69787   -0.38744  1.000 16.77599  ? 136 PRO A CB  1 
ATOM   1007 C CG  . PRO A 1 136 ? 9.17530   7.90190   -0.16537  1.000 16.77917  ? 136 PRO A CG  1 
ATOM   1008 C CD  . PRO A 1 136 ? 10.14698  9.12090   -0.47124  1.000 17.43653  ? 136 PRO A CD  1 
ATOM   1009 N N   . PHE A 1 137 ? 11.22220  7.08997   -3.93326  1.000 19.80305  ? 137 PHE A N   1 
ATOM   1010 C CA  . PHE A 1 137 ? 10.92062  6.71366   -5.30526  1.000 20.17485  ? 137 PHE A CA  1 
ATOM   1011 C C   . PHE A 1 137 ? 11.05739  5.24242   -5.56104  1.000 16.99356  ? 137 PHE A C   1 
ATOM   1012 O O   . PHE A 1 137 ? 10.32383  4.69422   -6.40937  1.000 21.10513  ? 137 PHE A O   1 
ATOM   1013 C CB  . PHE A 1 137 ? 11.87413  7.44770   -6.26065  1.000 17.62349  ? 137 PHE A CB  1 
ATOM   1014 C CG  . PHE A 1 137 ? 11.59053  8.89925   -6.31994  1.000 20.53544  ? 137 PHE A CG  1 
ATOM   1015 C CD1 . PHE A 1 137 ? 10.46168  9.36264   -6.98431  1.000 22.29732  ? 137 PHE A CD1 1 
ATOM   1016 C CD2 . PHE A 1 137 ? 12.43194  9.80481   -5.72674  1.000 24.15294  ? 137 PHE A CD2 1 
ATOM   1017 C CE1 . PHE A 1 137 ? 10.15202  10.72278  -7.02534  1.000 27.47027  ? 137 PHE A CE1 1 
ATOM   1018 C CE2 . PHE A 1 137 ? 12.14343  11.18044  -5.75065  1.000 23.02687  ? 137 PHE A CE2 1 
ATOM   1019 C CZ  . PHE A 1 137 ? 10.99690  11.64859  -6.37390  1.000 23.91797  ? 137 PHE A CZ  1 
ATOM   1020 N N   . ASP A 1 138 ? 11.97547  4.57724   -4.84684  1.000 21.98527  ? 138 ASP A N   1 
ATOM   1021 C CA  . ASP A 1 138 ? 12.06549  3.13300   -5.00549  1.000 23.52992  ? 138 ASP A CA  1 
ATOM   1022 C C   . ASP A 1 138 ? 10.80199  2.43049   -4.49058  1.000 21.20875  ? 138 ASP A C   1 
ATOM   1023 O O   . ASP A 1 138 ? 10.27479  1.53941   -5.15811  1.000 20.03333  ? 138 ASP A O   1 
ATOM   1024 C CB  . ASP A 1 138 ? 13.34305  2.58930   -4.33441  1.000 25.40567  ? 138 ASP A CB  1 
ATOM   1025 C CG  . ASP A 1 138 ? 13.53123  3.03540   -2.87245  1.000 35.26303  ? 138 ASP A CG  1 
ATOM   1026 O OD1 . ASP A 1 138 ? 12.73687  3.85008   -2.31106  1.000 24.04720  ? 138 ASP A OD1 1 
ATOM   1027 O OD2 . ASP A 1 138 ? 14.51483  2.54921   -2.25150  1.000 32.10635  ? 138 ASP A OD2 1 
ATOM   1028 N N   . TYR A 1 139 ? 10.25044  2.88443   -3.36904  1.000 18.43759  ? 139 TYR A N   1 
ATOM   1029 C CA  . TYR A 1 139 ? 8.98491   2.31104   -2.92141  1.000 21.97847  ? 139 TYR A CA  1 
ATOM   1030 C C   . TYR A 1 139 ? 7.84136   2.65313   -3.86283  1.000 21.62040  ? 139 TYR A C   1 
ATOM   1031 O O   . TYR A 1 139 ? 7.02062   1.80502   -4.15028  1.000 17.20504  ? 139 TYR A O   1 
ATOM   1032 C CB  . TYR A 1 139 ? 8.64614   2.76602   -1.49589  1.000 18.45732  ? 139 TYR A CB  1 
ATOM   1033 C CG  . TYR A 1 139 ? 9.52357   2.06467   -0.49045  1.000 21.81117  ? 139 TYR A CG  1 
ATOM   1034 C CD1 . TYR A 1 139 ? 9.21282   0.78487   -0.06091  1.000 22.59361  ? 139 TYR A CD1 1 
ATOM   1035 C CD2 . TYR A 1 139 ? 10.66042  2.70042   0.00359   1.000 20.93850  ? 139 TYR A CD2 1 
ATOM   1036 C CE1 . TYR A 1 139 ? 10.03101  0.14640   0.87106   1.000 24.21007  ? 139 TYR A CE1 1 
ATOM   1037 C CE2 . TYR A 1 139 ? 11.48021  2.07210   0.92458   1.000 22.49303  ? 139 TYR A CE2 1 
ATOM   1038 C CZ  . TYR A 1 139 ? 11.14683  0.80393   1.34426   1.000 22.47235  ? 139 TYR A CZ  1 
ATOM   1039 O OH  . TYR A 1 139 ? 11.97801  0.15963   2.25763   1.000 28.42344  ? 139 TYR A OH  1 
ATOM   1040 N N   . LEU A 1 140 ? 7.78355   3.89394   -4.39510  1.000 18.93086  ? 140 LEU A N   1 
ATOM   1041 C CA  . LEU A 1 140 ? 6.68365   4.24628   -5.27001  1.000 18.57144  ? 140 LEU A CA  1 
ATOM   1042 C C   . LEU A 1 140 ? 6.65447   3.34553   -6.48886  1.000 18.43845  ? 140 LEU A C   1 
ATOM   1043 O O   . LEU A 1 140 ? 5.58935   2.88451   -6.89073  1.000 19.70357  ? 140 LEU A O   1 
ATOM   1044 C CB  . LEU A 1 140 ? 6.80288   5.72351   -5.71110  1.000 16.27110  ? 140 LEU A CB  1 
ATOM   1045 C CG  . LEU A 1 140 ? 5.46204   6.26608   -6.27872  1.000 15.33592  ? 140 LEU A CG  1 
ATOM   1046 C CD1 . LEU A 1 140 ? 4.32434   6.43343   -5.21003  1.000 19.98688  ? 140 LEU A CD1 1 
ATOM   1047 C CD2 . LEU A 1 140 ? 5.79931   7.67722   -6.91347  1.000 21.52243  ? 140 LEU A CD2 1 
ATOM   1048 N N   . LYS A 1 141 ? 7.82763   3.10369   -7.09557  1.000 18.44618  ? 141 LYS A N   1 
ATOM   1049 C CA  . LYS A 1 141 ? 7.87131   2.26288   -8.26943  1.000 19.25432  ? 141 LYS A CA  1 
ATOM   1050 C C   . LYS A 1 141 ? 7.49439   0.83128   -7.89363  1.000 21.88034  ? 141 LYS A C   1 
ATOM   1051 O O   . LYS A 1 141 ? 6.78262   0.16163   -8.63487  1.000 24.10976  ? 141 LYS A O   1 
ATOM   1052 C CB  . LYS A 1 141 ? 9.27184   2.33113   -8.90059  1.000 24.94313  ? 141 LYS A CB  1 
ATOM   1053 C CG  . LYS A 1 141 ? 9.49988   1.32600   -10.02100 1.000 35.95272  ? 141 LYS A CG  1 
ATOM   1054 C CD  . LYS A 1 141 ? 10.85760  1.54241   -10.71398 1.000 51.08454  ? 141 LYS A CD  1 
ATOM   1055 C CE  . LYS A 1 141 ? 10.89332  2.83292   -11.49333 1.000 66.67621  ? 141 LYS A CE  1 
ATOM   1056 N NZ  . LYS A 1 141 ? 12.09808  2.93112   -12.36454 1.000 57.77891  ? 141 LYS A NZ  1 
ATOM   1057 N N   . PHE A 1 142 ? 7.92051   0.37755   -6.70547  1.000 18.56348  ? 142 PHE A N   1 
ATOM   1058 C CA  . PHE A 1 142 ? 7.56710   -0.97499  -6.33265  1.000 22.01912  ? 142 PHE A CA  1 
ATOM   1059 C C   . PHE A 1 142 ? 6.05165   -1.09907  -6.16040  1.000 24.22261  ? 142 PHE A C   1 
ATOM   1060 O O   . PHE A 1 142 ? 5.43380   -2.02868  -6.67261  1.000 23.29288  ? 142 PHE A O   1 
ATOM   1061 C CB  . PHE A 1 142 ? 8.28848   -1.36732  -5.06012  1.000 22.62948  ? 142 PHE A CB  1 
ATOM   1062 C CG  . PHE A 1 142 ? 7.87913   -2.71450  -4.62976  1.000 49.00537  ? 142 PHE A CG  1 
ATOM   1063 C CD1 . PHE A 1 142 ? 8.47655   -3.82220  -5.19619  1.000 57.82492  ? 142 PHE A CD1 1 
ATOM   1064 C CD2 . PHE A 1 142 ? 6.77225   -2.88118  -3.82812  1.000 53.99790  ? 142 PHE A CD2 1 
ATOM   1065 C CE1 . PHE A 1 142 ? 8.04138   -5.08313  -4.88381  1.000 64.67174  ? 142 PHE A CE1 1 
ATOM   1066 C CE2 . PHE A 1 142 ? 6.31760   -4.13321  -3.54049  1.000 76.22759  ? 142 PHE A CE2 1 
ATOM   1067 C CZ  . PHE A 1 142 ? 6.95821   -5.23728  -4.06664  1.000 67.52829  ? 142 PHE A CZ  1 
ATOM   1068 N N   . PHE A 1 143 ? 5.43305   -0.17871  -5.41399  1.000 22.51458  ? 143 PHE A N   1 
ATOM   1069 C CA  . PHE A 1 143 ? 3.98562   -0.24434  -5.23256  1.000 20.49982  ? 143 PHE A CA  1 
ATOM   1070 C C   . PHE A 1 143 ? 3.26091   -0.11843  -6.55716  1.000 20.50591  ? 143 PHE A C   1 
ATOM   1071 O O   . PHE A 1 143 ? 2.25371   -0.79941  -6.79943  1.000 21.88478  ? 143 PHE A O   1 
ATOM   1072 C CB  . PHE A 1 143 ? 3.47568   0.85207   -4.26254  1.000 18.66391  ? 143 PHE A CB  1 
ATOM   1073 C CG  . PHE A 1 143 ? 4.09023   0.81363   -2.86909  1.000 27.75968  ? 143 PHE A CG  1 
ATOM   1074 C CD1 . PHE A 1 143 ? 4.34989   -0.36061  -2.22433  1.000 41.44949  ? 143 PHE A CD1 1 
ATOM   1075 C CD2 . PHE A 1 143 ? 4.40483   1.97914   -2.22175  1.000 24.44255  ? 143 PHE A CD2 1 
ATOM   1076 C CE1 . PHE A 1 143 ? 4.91400   -0.35050  -0.95993  1.000 40.98839  ? 143 PHE A CE1 1 
ATOM   1077 C CE2 . PHE A 1 143 ? 4.96909   1.99086   -0.99911  1.000 27.47229  ? 143 PHE A CE2 1 
ATOM   1078 C CZ  . PHE A 1 143 ? 5.22496   0.82451   -0.36260  1.000 34.11146  ? 143 PHE A CZ  1 
ATOM   1079 N N   . HIS A 1 144 ? 3.75053   0.78158   -7.43335  1.000 18.31470  ? 144 HIS A N   1 
ATOM   1080 C CA  . HIS A 1 144 ? 3.13179   0.93567   -8.72079  1.000 15.43451  ? 144 HIS A CA  1 
ATOM   1081 C C   . HIS A 1 144 ? 3.12550   -0.37500  -9.50346  1.000 25.21692  ? 144 HIS A C   1 
ATOM   1082 O O   . HIS A 1 144 ? 2.08781   -0.79996  -10.03458 1.000 25.50977  ? 144 HIS A O   1 
ATOM   1083 C CB  . HIS A 1 144 ? 3.90148   1.98388   -9.51362  1.000 20.25961  ? 144 HIS A CB  1 
ATOM   1084 C CG  . HIS A 1 144 ? 3.26037   2.31914   -10.81721 1.000 23.35463  ? 144 HIS A CG  1 
ATOM   1085 N ND1 . HIS A 1 144 ? 3.60567   1.71256   -12.01130 1.000 24.81432  ? 144 HIS A ND1 1 
ATOM   1086 C CD2 . HIS A 1 144 ? 2.27626   3.19193   -11.10503 1.000 18.25066  ? 144 HIS A CD2 1 
ATOM   1087 C CE1 . HIS A 1 144 ? 2.84605   2.20745   -12.97665 1.000 17.69738  ? 144 HIS A CE1 1 
ATOM   1088 N NE2 . HIS A 1 144 ? 2.03196   3.10561   -12.45111 1.000 23.74599  ? 144 HIS A NE2 1 
ATOM   1089 N N   . GLN A 1 145 ? 4.29468   -0.99556  -9.62554  1.000 22.78415  ? 145 GLN A N   1 
ATOM   1090 C CA  . GLN A 1 145 ? 4.39463   -2.21877  -10.41503 1.000 22.55754  ? 145 GLN A CA  1 
ATOM   1091 C C   . GLN A 1 145 ? 3.55267   -3.30716  -9.78549  1.000 29.50789  ? 145 GLN A C   1 
ATOM   1092 O O   . GLN A 1 145 ? 2.96825   -4.12466  -10.50369 1.000 32.77423  ? 145 GLN A O   1 
ATOM   1093 C CB  . GLN A 1 145 ? 5.84883   -2.65439  -10.56294 1.000 32.80057  ? 145 GLN A CB  1 
ATOM   1094 C CG  . GLN A 1 145 ? 6.45077   -1.88075  -11.75744 1.000 53.56636  ? 145 GLN A CG  1 
ATOM   1095 C CD  . GLN A 1 145 ? 7.97317   -1.83936  -11.86206 1.000 63.30071  ? 145 GLN A CD  1 
ATOM   1096 O OE1 . GLN A 1 145 ? 8.70295   -2.45239  -11.07863 1.000 53.12794  ? 145 GLN A OE1 1 
ATOM   1097 N NE2 . GLN A 1 145 ? 8.45746   -1.09150  -12.85512 1.000 59.54407  ? 145 GLN A NE2 1 
ATOM   1098 N N   A ASN A 1 146 ? 3.41506   -3.28532  -8.46419  0.470 26.59793  ? 146 ASN A N   1 
ATOM   1099 N N   B ASN A 1 146 ? 3.41701   -3.28713  -8.46235  0.530 26.59988  ? 146 ASN A N   1 
ATOM   1100 C CA  A ASN A 1 146 ? 2.62753   -4.32108  -7.79664  0.470 27.90616  ? 146 ASN A CA  1 
ATOM   1101 C CA  B ASN A 1 146 ? 2.62197   -4.32161  -7.79838  0.530 27.92229  ? 146 ASN A CA  1 
ATOM   1102 C C   A ASN A 1 146 ? 1.14383   -4.16653  -8.09987  0.470 28.28924  ? 146 ASN A C   1 
ATOM   1103 C C   B ASN A 1 146 ? 1.14499   -4.16611  -8.12227  0.530 28.29496  ? 146 ASN A C   1 
ATOM   1104 O O   A ASN A 1 146 ? 0.44567   -5.16187  -8.34108  0.470 31.04682  ? 146 ASN A O   1 
ATOM   1105 O O   B ASN A 1 146 ? 0.45202   -5.15848  -8.39203  0.530 30.99421  ? 146 ASN A O   1 
ATOM   1106 C CB  A ASN A 1 146 ? 2.88762   -4.29467  -6.29133  0.470 31.60606  ? 146 ASN A CB  1 
ATOM   1107 C CB  B ASN A 1 146 ? 2.84168   -4.29011  -6.28596  0.530 31.63111  ? 146 ASN A CB  1 
ATOM   1108 C CG  A ASN A 1 146 ? 4.09200   -5.12274  -5.89653  0.470 41.85637  ? 146 ASN A CG  1 
ATOM   1109 C CG  B ASN A 1 146 ? 2.04970   -5.36709  -5.56719  0.530 39.31677  ? 146 ASN A CG  1 
ATOM   1110 O OD1 A ASN A 1 146 ? 5.12054   -5.12443  -6.57777  0.470 33.11596  ? 146 ASN A OD1 1 
ATOM   1111 O OD1 B ASN A 1 146 ? 2.50465   -6.49687  -5.45057  0.530 40.66122  ? 146 ASN A OD1 1 
ATOM   1112 N ND2 A ASN A 1 146 ? 3.96013   -5.85743  -4.79771  0.470 62.85299  ? 146 ASN A ND2 1 
ATOM   1113 N ND2 B ASN A 1 146 ? 0.85029   -5.02160  -5.09893  0.530 43.29273  ? 146 ASN A ND2 1 
ATOM   1114 N N   . ILE A 1 147 ? 0.64543   -2.93178  -8.13381  1.000 25.77873  ? 147 ILE A N   1 
ATOM   1115 C CA  . ILE A 1 147 ? -0.76169  -2.74084  -8.44595  1.000 29.73791  ? 147 ILE A CA  1 
ATOM   1116 C C   . ILE A 1 147 ? -1.01957  -2.92271  -9.93774  1.000 39.75925  ? 147 ILE A C   1 
ATOM   1117 O O   . ILE A 1 147 ? -2.06346  -3.46157  -10.32927 1.000 39.63573  ? 147 ILE A O   1 
ATOM   1118 C CB  . ILE A 1 147 ? -1.27445  -1.39251  -7.89168  1.000 33.43435  ? 147 ILE A CB  1 
ATOM   1119 C CG1 . ILE A 1 147 ? -2.80342  -1.38910  -7.81304  1.000 45.98989  ? 147 ILE A CG1 1 
ATOM   1120 C CG2 . ILE A 1 147 ? -0.68598  -0.18169  -8.61259  1.000 24.59266  ? 147 ILE A CG2 1 
ATOM   1121 C CD1 . ILE A 1 147 ? -3.33137  -2.39909  -6.78851  1.000 40.01530  ? 147 ILE A CD1 1 
ATOM   1122 N N   . VAL A 1 148 ? -0.07803  -2.52072  -10.80893 1.000 24.70919  ? 148 VAL A N   1 
ATOM   1123 C CA  . VAL A 1 148 ? -0.21324  -2.85510  -12.22308 1.000 28.29989  ? 148 VAL A CA  1 
ATOM   1124 C C   . VAL A 1 148 ? -0.25467  -4.37037  -12.41067 1.000 29.53383  ? 148 VAL A C   1 
ATOM   1125 O O   . VAL A 1 148 ? -1.08194  -4.87874  -13.16561 1.000 36.84486  ? 148 VAL A O   1 
ATOM   1126 C CB  . VAL A 1 148 ? 0.90537   -2.21694  -13.07473 1.000 28.22973  ? 148 VAL A CB  1 
ATOM   1127 C CG1 . VAL A 1 148 ? 0.80012   -2.73485  -14.49769 1.000 27.81328  ? 148 VAL A CG1 1 
ATOM   1128 C CG2 . VAL A 1 148 ? 0.74709   -0.72902  -13.13127 1.000 34.51705  ? 148 VAL A CG2 1 
ATOM   1129 N N   . ASP A 1 149 ? 0.61448   -5.10858  -11.71087 1.000 28.55405  ? 149 ASP A N   1 
ATOM   1130 C CA  . ASP A 1 149 ? 0.61565   -6.57590  -11.85137 1.000 32.57385  ? 149 ASP A CA  1 
ATOM   1131 C C   . ASP A 1 149 ? -0.72895  -7.15058  -11.41448 1.000 46.24681  ? 149 ASP A C   1 
ATOM   1132 O O   . ASP A 1 149 ? -1.35992  -7.94324  -12.13584 1.000 45.03343  ? 149 ASP A O   1 
ATOM   1133 C CB  . ASP A 1 149 ? 1.78082   -7.17796  -11.06161 1.000 36.61524  ? 149 ASP A CB  1 
ATOM   1134 C CG  . ASP A 1 149 ? 1.61463   -8.67923  -10.78409 1.000 72.88528  ? 149 ASP A CG  1 
ATOM   1135 O OD1 . ASP A 1 149 ? 2.01271   -9.49758  -11.64223 1.000 68.51663  ? 149 ASP A OD1 1 
ATOM   1136 O OD2 . ASP A 1 149 ? 1.10640   -9.04561  -9.69417  1.000 82.01708  ? 149 ASP A OD2 1 
ATOM   1137 N N   . MET A 1 150 ? -1.21763  -6.69753  -10.26491 1.000 35.90745  ? 150 MET A N   1 
ATOM   1138 C CA  . MET A 1 150 ? -2.48732  -7.19711  -9.74232  1.000 40.75244  ? 150 MET A CA  1 
ATOM   1139 C C   . MET A 1 150 ? -3.62766  -6.91319  -10.70680 1.000 45.91317  ? 150 MET A C   1 
ATOM   1140 O O   . MET A 1 150 ? -4.45122  -7.79082  -10.99371 1.000 41.27270  ? 150 MET A O   1 
ATOM   1141 C CB  . MET A 1 150 ? -2.76275  -6.56003  -8.38679  1.000 28.19031  ? 150 MET A CB  1 
ATOM   1142 C CG  . MET A 1 150 ? -3.78499  -7.31798  -7.54093  1.000 42.97758  ? 150 MET A CG  1 
ATOM   1143 S SD  . MET A 1 150 ? -4.57561  -6.19181  -6.36767  1.000 52.72526  ? 150 MET A SD  1 
ATOM   1144 C CE  . MET A 1 150 ? -5.80932  -5.48770  -7.44468  1.000 49.63857  ? 150 MET A CE  1 
ATOM   1145 N N   . SER A 1 151 ? -3.69288  -5.68201  -11.21128 1.000 29.42028  ? 151 SER A N   1 
ATOM   1146 C CA  . SER A 1 151 ? -4.77413  -5.25465  -12.08707 1.000 31.72841  ? 151 SER A CA  1 
ATOM   1147 C C   . SER A 1 151 ? -4.74721  -5.97315  -13.41913 1.000 45.96527  ? 151 SER A C   1 
ATOM   1148 O O   . SER A 1 151 ? -5.76608  -6.00369  -14.11825 1.000 40.43495  ? 151 SER A O   1 
ATOM   1149 C CB  . SER A 1 151 ? -4.67873  -3.74939  -12.37222 1.000 42.80172  ? 151 SER A CB  1 
ATOM   1150 O OG  . SER A 1 151 ? -4.17605  -3.08195  -11.24797 1.000 56.41906  ? 151 SER A OG  1 
ATOM   1151 N N   . ALA A 1 152 ? -3.57477  -6.46284  -13.83086 1.000 48.98586  ? 152 ALA A N   1 
ATOM   1152 C CA  . ALA A 1 152 ? -3.44879  -7.17101  -15.09454 1.000 51.10641  ? 152 ALA A CA  1 
ATOM   1153 C C   . ALA A 1 152 ? -3.98040  -8.59311  -15.00445 1.000 40.35623  ? 152 ALA A C   1 
ATOM   1154 O O   . ALA A 1 152 ? -4.11809  -9.25347  -16.03742 1.000 60.19150  ? 152 ALA A O   1 
ATOM   1155 C CB  . ALA A 1 152 ? -1.98457  -7.18906  -15.54969 1.000 53.61137  ? 152 ALA A CB  1 
ATOM   1156 N N   . HIS A 1 153 ? -4.25938  -9.07780  -13.80068 1.000 40.08323  ? 153 HIS A N   1 
ATOM   1157 C CA  . HIS A 1 153 ? -4.83541  -10.39800 -13.59328 1.000 43.30589  ? 153 HIS A CA  1 
ATOM   1158 C C   . HIS A 1 153 ? -6.34424  -10.34387 -13.40648 1.000 37.42104  ? 153 HIS A C   1 
ATOM   1159 O O   . HIS A 1 153 ? -6.94083  -11.36576 -13.09181 1.000 41.15876  ? 153 HIS A O   1 
ATOM   1160 C CB  . HIS A 1 153 ? -4.20671  -11.08276 -12.37756 1.000 50.74491  ? 153 HIS A CB  1 
ATOM   1161 C CG  . HIS A 1 153 ? -2.73050  -11.29740 -12.49310 1.000 71.20478  ? 153 HIS A CG  1 
ATOM   1162 N ND1 . HIS A 1 153 ? -2.07153  -11.30433 -13.70482 1.000 73.15041  ? 153 HIS A ND1 1 
ATOM   1163 C CD2 . HIS A 1 153 ? -1.78433  -11.50476 -11.54371 1.000 64.98326  ? 153 HIS A CD2 1 
ATOM   1164 C CE1 . HIS A 1 153 ? -0.78261  -11.51103 -13.49462 1.000 86.27997  ? 153 HIS A CE1 1 
ATOM   1165 N NE2 . HIS A 1 153 ? -0.58294  -11.63561 -12.19262 1.000 65.94252  ? 153 HIS A NE2 1 
ATOM   1166 N N   . ILE A 1 154 ? -6.96077  -9.18194  -13.57645 1.000 30.17058  ? 154 ILE A N   1 
ATOM   1167 C CA  . ILE A 1 154 ? -8.39853  -8.96851  -13.40916 1.000 29.57587  ? 154 ILE A CA  1 
ATOM   1168 C C   . ILE A 1 154 ? -8.99598  -8.58507  -14.75729 1.000 41.08759  ? 154 ILE A C   1 
ATOM   1169 O O   . ILE A 1 154 ? -8.43554  -7.73149  -15.45627 1.000 41.19316  ? 154 ILE A O   1 
ATOM   1170 C CB  . ILE A 1 154 ? -8.69995  -7.84625  -12.39171 1.000 33.98988  ? 154 ILE A CB  1 
ATOM   1171 C CG1 . ILE A 1 154 ? -7.90449  -8.04442  -11.11511 1.000 34.16866  ? 154 ILE A CG1 1 
ATOM   1172 C CG2 . ILE A 1 154 ? -10.19852 -7.73561  -12.10733 1.000 39.63628  ? 154 ILE A CG2 1 
ATOM   1173 C CD1 . ILE A 1 154 ? -8.19009  -9.41590  -10.43587 1.000 37.64447  ? 154 ILE A CD1 1 
ATOM   1174 N N   . CYS A 1 155 ? -10.15129 -9.17381  -15.10686 1.000 32.78904  ? 155 CYS A N   1 
ATOM   1175 C CA  . CYS A 1 155 ? -10.87374 -8.74962  -16.30812 1.000 32.06059  ? 155 CYS A CA  1 
ATOM   1176 C C   . CYS A 1 155 ? -12.39624 -8.77491  -16.09736 1.000 58.93586  ? 155 CYS A C   1 
ATOM   1177 O O   . CYS A 1 155 ? -12.92642 -9.42494  -15.18484 1.000 34.06296  ? 155 CYS A O   1 
ATOM   1178 C CB  . CYS A 1 155 ? -10.46291 -9.60476  -17.52621 1.000 48.97589  ? 155 CYS A CB  1 
ATOM   1179 S SG  . CYS A 1 155 ? -10.73975 -11.40698 -17.39560 1.000 57.38163  ? 155 CYS A SG  1 
ATOM   1180 N N   . SER A 1 156 ? -13.10594 -8.07586  -16.98998 1.000 63.54053  ? 156 SER A N   1 
ATOM   1181 C CA  . SER A 1 156 ? -14.55443 -7.86904  -16.90890 1.000 66.31989  ? 156 SER A CA  1 
ATOM   1182 C C   . SER A 1 156 ? -15.37977 -9.13958  -16.67284 1.000 80.64810  ? 156 SER A C   1 
ATOM   1183 O O   . SER A 1 156 ? -14.93504 -10.25966 -16.96916 1.000 61.78896  ? 156 SER A O   1 
ATOM   1184 C CB  . SER A 1 156 ? -15.04125 -7.18727  -18.19480 1.000 67.95056  ? 156 SER A CB  1 
ATOM   1185 O OG  . SER A 1 156 ? -16.45137 -7.02911  -18.19640 1.000 76.02882  ? 156 SER A OG  1 
ATOM   1186 N N   . SER A 1 157 ? -16.58659 -8.95775  -16.13064 1.000 80.45977  ? 157 SER A N   1 
ATOM   1187 C CA  . SER A 1 157 ? -17.60936 -10.00923 -15.99585 1.000 79.24973  ? 157 SER A CA  1 
ATOM   1188 C C   . SER A 1 157 ? -17.33043 -10.92194 -14.81411 1.000 70.16976  ? 157 SER A C   1 
ATOM   1189 O O   . SER A 1 157 ? -17.96974 -10.78954 -13.76709 1.000 59.43447  ? 157 SER A O   1 
ATOM   1190 C CB  . SER A 1 157 ? -17.74306 -10.84227 -17.28912 1.000 73.39194  ? 157 SER A CB  1 
ATOM   1191 O OG  . SER A 1 157 ? -18.20575 -12.16013 -17.00801 1.000 74.14544  ? 157 SER A OG  1 
HETATM 1192 C C02 . 08N B 2 .   ? 5.59869   -3.62300  -0.38494  1.000 134.15632 ? 201 08N A C02 1 
HETATM 1193 C C04 . 08N B 2 .   ? 3.69256   -4.32068  0.44283   1.000 108.68237 ? 201 08N A C04 1 
HETATM 1194 C C05 . 08N B 2 .   ? 4.51034   -5.41098  0.05658   1.000 114.01255 ? 201 08N A C05 1 
HETATM 1195 C C06 . 08N B 2 .   ? 4.22148   -6.71431  0.12021   1.000 114.73009 ? 201 08N A C06 1 
HETATM 1196 C C07 . 08N B 2 .   ? 5.11592   -7.68524  -0.30270  1.000 109.30233 ? 201 08N A C07 1 
HETATM 1197 C C08 . 08N B 2 .   ? 6.32722   -7.24646  -0.80354  1.000 124.09184 ? 201 08N A C08 1 
HETATM 1198 C C10 . 08N B 2 .   ? 6.72151   -8.62179  -2.49124  1.000 91.51137  ? 201 08N A C10 1 
HETATM 1199 C C11 . 08N B 2 .   ? 6.62209   -5.88672  -0.86959  1.000 134.96747 ? 201 08N A C11 1 
HETATM 1200 C C13 . 08N B 2 .   ? 8.74134   -4.46671  -1.31710  1.000 89.19282  ? 201 08N A C13 1 
HETATM 1201 C C14 . 08N B 2 .   ? 5.69537   -4.96700  -0.45027  1.000 136.37580 ? 201 08N A C14 1 
HETATM 1202 C C15 . 08N B 2 .   ? 3.54659   -4.11247  1.98807   1.000 89.93990  ? 201 08N A C15 1 
HETATM 1203 C C17 . 08N B 2 .   ? 1.20781   -4.76485  1.82591   1.000 73.36916  ? 201 08N A C17 1 
HETATM 1204 C C18 . 08N B 2 .   ? 1.84627   -2.48649  1.59111   1.000 87.19049  ? 201 08N A C18 1 
HETATM 1205 C C19 . 08N B 2 .   ? 2.67526   -1.32797  2.15720   1.000 71.44904  ? 201 08N A C19 1 
HETATM 1206 C C20 . 08N B 2 .   ? 3.96555   -1.74833  2.50508   1.000 83.32461  ? 201 08N A C20 1 
HETATM 1207 C C21 . 08N B 2 .   ? 4.39820   -3.07620  2.44267   1.000 98.65166  ? 201 08N A C21 1 
HETATM 1208 C C22 . 08N B 2 .   ? 5.72829   -3.32273  2.81835   1.000 84.47037  ? 201 08N A C22 1 
HETATM 1209 C C24 . 08N B 2 .   ? 7.44204   -4.84107  2.18360   1.000 63.63184  ? 201 08N A C24 1 
HETATM 1210 C C25 . 08N B 2 .   ? 6.57252   -2.35380  3.22163   1.000 70.53318  ? 201 08N A C25 1 
HETATM 1211 C C27 . 08N B 2 .   ? 8.31212   -1.02117  3.60925   1.000 72.98269  ? 201 08N A C27 1 
HETATM 1212 C C29 . 08N B 2 .   ? 6.12977   -1.09477  3.28731   1.000 85.18579  ? 201 08N A C29 1 
HETATM 1213 C C30 . 08N B 2 .   ? 4.87151   -0.79548  2.94839   1.000 82.16614  ? 201 08N A C30 1 
HETATM 1214 N N16 . 08N B 2 .   ? 2.15169   -3.74105  2.29756   1.000 68.72039  ? 201 08N A N16 1 
HETATM 1215 O O01 . 08N B 2 .   ? 6.51875   -2.84669  -0.64580  1.000 128.89236 ? 201 08N A O01 1 
HETATM 1216 O O03 . 08N B 2 .   ? 4.33253   -3.18667  -0.13644  1.000 129.84573 ? 201 08N A O03 1 
HETATM 1217 O O09 . 08N B 2 .   ? 7.27107   -8.10965  -1.26835  1.000 126.55960 ? 201 08N A O09 1 
HETATM 1218 O O12 . 08N B 2 .   ? 7.88125   -5.61790  -1.42594  1.000 126.61056 ? 201 08N A O12 1 
HETATM 1219 O O23 . 08N B 2 .   ? 6.16167   -4.62178  2.76010   1.000 77.97538  ? 201 08N A O23 1 
HETATM 1220 O O26 . 08N B 2 .   ? 7.87376   -2.39879  3.63845   1.000 73.24453  ? 201 08N A O26 1 
HETATM 1221 O O28 . 08N B 2 .   ? 7.10763   -0.25052  3.73594   1.000 89.38712  ? 201 08N A O28 1 
HETATM 1222 O O   . HOH C 3 .   ? -7.32919  -3.71432  6.92446   1.000 49.98076  ? 301 HOH A O   1 
HETATM 1223 O O   . HOH C 3 .   ? 1.44689   2.27657   15.93290  1.000 45.23501  ? 302 HOH A O   1 
HETATM 1224 O O   . HOH C 3 .   ? -11.65059 -12.76788 14.21127  1.000 43.17676  ? 303 HOH A O   1 
HETATM 1225 O O   . HOH C 3 .   ? -9.31889  8.15371   1.84667   1.000 38.24090  ? 304 HOH A O   1 
HETATM 1226 O O   . HOH C 3 .   ? -5.26392  11.37823  -1.59115  1.000 41.69907  ? 305 HOH A O   1 
HETATM 1227 O O   . HOH C 3 .   ? -9.37458  -1.00998  10.16635  1.000 35.26659  ? 306 HOH A O   1 
HETATM 1228 O O   . HOH C 3 .   ? -10.36047 7.98095   -1.33625  1.000 60.02532  ? 307 HOH A O   1 
HETATM 1229 O O   . HOH C 3 .   ? -7.69472  -2.24992  12.95886  1.000 43.49179  ? 308 HOH A O   1 
HETATM 1230 O O   . HOH C 3 .   ? -0.95088  5.98154   9.10821   1.000 46.40532  ? 309 HOH A O   1 
HETATM 1231 O O   . HOH C 3 .   ? -5.02235  7.05377   6.34270   1.000 42.31757  ? 310 HOH A O   1 
HETATM 1232 O O   . HOH C 3 .   ? 16.13816  0.92457   -3.41106  1.000 36.82692  ? 311 HOH A O   1 
HETATM 1233 O O   . HOH C 3 .   ? 15.61086  1.84250   -0.01585  1.000 43.27226  ? 312 HOH A O   1 
HETATM 1234 O O   . HOH C 3 .   ? 5.51844   -16.44913 6.75664   1.000 41.89033  ? 313 HOH A O   1 
HETATM 1235 O O   . HOH C 3 .   ? -3.36870  -2.11599  16.78377  1.000 44.85177  ? 314 HOH A O   1 
HETATM 1236 O O   . HOH C 3 .   ? 11.76781  15.15042  -0.52496  1.000 34.69175  ? 315 HOH A O   1 
HETATM 1237 O O   . HOH C 3 .   ? -10.87306 7.07353   5.40867   1.000 50.51805  ? 316 HOH A O   1 
HETATM 1238 O O   . HOH C 3 .   ? 3.83756   9.74872   7.32059   1.000 35.28935  ? 317 HOH A O   1 
HETATM 1239 O O   . HOH C 3 .   ? -4.88383  -2.61297  12.55015  1.000 38.91938  ? 318 HOH A O   1 
HETATM 1240 O O   . HOH C 3 .   ? 11.69595  0.22149   -7.16277  1.000 30.66227  ? 319 HOH A O   1 
HETATM 1241 O O   . HOH C 3 .   ? -19.98376 -2.72506  -5.93059  1.000 40.82563  ? 320 HOH A O   1 
HETATM 1242 O O   . HOH C 3 .   ? 0.57851   6.32532   -12.18419 1.000 20.76421  ? 321 HOH A O   1 
HETATM 1243 O O   . HOH C 3 .   ? 11.61046  -1.03731  5.64514   1.000 28.03227  ? 322 HOH A O   1 
HETATM 1244 O O   . HOH C 3 .   ? 14.85019  14.31211  -2.17720  1.000 31.92005  ? 323 HOH A O   1 
HETATM 1245 O O   . HOH C 3 .   ? 18.63550  8.82974   5.69745   1.000 45.51970  ? 324 HOH A O   1 
HETATM 1246 O O   . HOH C 3 .   ? 15.12088  -6.80936  -6.41176  1.000 42.89823  ? 325 HOH A O   1 
HETATM 1247 O O   . HOH C 3 .   ? -8.38825  1.30008   -1.75523  1.000 24.07236  ? 326 HOH A O   1 
HETATM 1248 O O   . HOH C 3 .   ? 15.06992  -9.13940  5.04174   1.000 38.62904  ? 327 HOH A O   1 
HETATM 1249 O O   . HOH C 3 .   ? -8.31948  7.23635   -6.15355  1.000 33.16891  ? 328 HOH A O   1 
HETATM 1250 O O   . HOH C 3 .   ? 5.58586   14.89669  9.20378   1.000 44.92636  ? 329 HOH A O   1 
HETATM 1251 O O   . HOH C 3 .   ? -3.71235  7.64236   -1.67247  1.000 22.62011  ? 330 HOH A O   1 
HETATM 1252 O O   . HOH C 3 .   ? -0.05457  -4.99311  7.98055   1.000 39.88458  ? 331 HOH A O   1 
HETATM 1253 O O   . HOH C 3 .   ? 15.65581  1.23832   11.24560  1.000 43.79667  ? 332 HOH A O   1 
HETATM 1254 O O   . HOH C 3 .   ? 12.91684  6.53121   11.97570  1.000 30.16172  ? 333 HOH A O   1 
HETATM 1255 O O   . HOH C 3 .   ? -0.07767  -0.93980  17.43798  1.000 57.36424  ? 334 HOH A O   1 
HETATM 1256 O O   . HOH C 3 .   ? -6.29056  13.15612  -10.78564 1.000 57.20272  ? 335 HOH A O   1 
HETATM 1257 O O   . HOH C 3 .   ? 8.78273   -11.67736 9.39503   1.000 32.81541  ? 336 HOH A O   1 
HETATM 1258 O O   . HOH C 3 .   ? 12.78215  -4.05428  -6.66282  1.000 36.15152  ? 337 HOH A O   1 
HETATM 1259 O O   . HOH C 3 .   ? 14.49021  1.25351   2.48362   1.000 37.16693  ? 338 HOH A O   1 
HETATM 1260 O O   . HOH C 3 .   ? 17.23441  2.38942   4.45075   1.000 43.44204  ? 339 HOH A O   1 
HETATM 1261 O O   . HOH C 3 .   ? 3.20735   4.65239   15.66922  1.000 44.11283  ? 340 HOH A O   1 
HETATM 1262 O O   . HOH C 3 .   ? 14.62411  3.62834   2.19384   1.000 45.97311  ? 341 HOH A O   1 
HETATM 1263 O O   . HOH C 3 .   ? 5.59259   6.06806   10.26093  1.000 23.56960  ? 342 HOH A O   1 
HETATM 1264 O O   . HOH C 3 .   ? 6.96400   6.78170   12.49532  1.000 33.15188  ? 343 HOH A O   1 
HETATM 1265 O O   . HOH C 3 .   ? -7.62616  3.65823   6.03036   1.000 38.62722  ? 344 HOH A O   1 
HETATM 1266 O O   . HOH C 3 .   ? 8.07896   4.52706   14.22537  1.000 34.08782  ? 345 HOH A O   1 
HETATM 1267 O O   . HOH C 3 .   ? -20.86725 2.51163   -2.69529  1.000 58.60640  ? 346 HOH A O   1 
HETATM 1268 O O   . HOH C 3 .   ? -16.62832 2.57278   -9.84899  1.000 38.21545  ? 347 HOH A O   1 
HETATM 1269 O O   . HOH C 3 .   ? -2.82454  11.69485  -2.71566  1.000 28.01601  ? 348 HOH A O   1 
HETATM 1270 O O   . HOH C 3 .   ? 13.57993  5.10047   0.14997   1.000 33.51631  ? 349 HOH A O   1 
HETATM 1271 O O   . HOH C 3 .   ? 17.35465  -1.10426  -2.23477  1.000 33.53142  ? 350 HOH A O   1 
HETATM 1272 O O   . HOH C 3 .   ? 19.88021  -9.80063  -4.57518  1.000 40.91465  ? 351 HOH A O   1 
HETATM 1273 O O   . HOH C 3 .   ? -14.14932 -0.31064  7.45650   1.000 41.94942  ? 352 HOH A O   1 
HETATM 1274 O O   . HOH C 3 .   ? -5.31026  9.42021   -13.21669 1.000 33.22431  ? 353 HOH A O   1 
HETATM 1275 O O   . HOH C 3 .   ? 20.70073  -7.93268  0.65921   1.000 33.04238  ? 354 HOH A O   1 
HETATM 1276 O O   . HOH C 3 .   ? 4.58412   -1.48043  15.64846  1.000 40.86386  ? 355 HOH A O   1 
HETATM 1277 O O   . HOH C 3 .   ? 21.94409  -7.40561  -1.86957  1.000 38.68332  ? 356 HOH A O   1 
HETATM 1278 O O   . HOH C 3 .   ? -2.60828  1.70836   9.86407   1.000 32.55621  ? 357 HOH A O   1 
HETATM 1279 O O   . HOH C 3 .   ? 15.59172  17.06621  0.88677   1.000 47.71797  ? 358 HOH A O   1 
HETATM 1280 O O   . HOH C 3 .   ? 13.65861  0.66417   12.73591  1.000 37.71409  ? 359 HOH A O   1 
HETATM 1281 O O   . HOH C 3 .   ? -12.64268 -11.93670 11.57312  1.000 39.22435  ? 360 HOH A O   1 
HETATM 1282 O O   . HOH C 3 .   ? -7.36976  4.25736   -18.51009 1.000 38.15973  ? 361 HOH A O   1 
HETATM 1283 O O   . HOH C 3 .   ? 10.27889  8.14137   14.21789  1.000 37.84437  ? 362 HOH A O   1 
HETATM 1284 O O   . HOH C 3 .   ? -1.86055  -2.22686  -0.60020  1.000 42.01277  ? 363 HOH A O   1 
HETATM 1285 O O   . HOH C 3 .   ? 2.36574   -15.10537 11.21620  1.000 45.06281  ? 364 HOH A O   1 
HETATM 1286 O O   . HOH C 3 .   ? 14.45365  6.30608   -3.93685  1.000 35.93066  ? 365 HOH A O   1 
HETATM 1287 O O   . HOH C 3 .   ? 11.59034  5.14265   -9.09350  1.000 38.18221  ? 366 HOH A O   1 
HETATM 1288 O O   . HOH C 3 .   ? 2.86473   14.99496  3.26055   1.000 31.60577  ? 367 HOH A O   1 
HETATM 1289 O O   . HOH C 3 .   ? -8.29256  -4.36955  -14.48255 1.000 46.79765  ? 368 HOH A O   1 
HETATM 1290 O O   . HOH C 3 .   ? 9.92700   -15.47583 -1.02048  1.000 41.21803  ? 369 HOH A O   1 
HETATM 1291 O O   . HOH C 3 .   ? -16.39260 -4.23180  -12.37257 1.000 40.93488  ? 370 HOH A O   1 
HETATM 1292 O O   . HOH C 3 .   ? 4.03827   -14.58873 3.94394   1.000 40.69547  ? 371 HOH A O   1 
HETATM 1293 O O   . HOH C 3 .   ? 16.03923  5.22077   -1.67910  1.000 40.95251  ? 372 HOH A O   1 
HETATM 1294 O O   . HOH C 3 .   ? 3.63502   -14.11642 14.63563  1.000 42.83426  ? 373 HOH A O   1 
HETATM 1295 O O   . HOH C 3 .   ? -15.56769 2.42361   7.33057   1.000 49.45167  ? 374 HOH A O   1 
HETATM 1296 O O   . HOH C 3 .   ? 11.52035  -4.52461  11.00557  1.000 35.60086  ? 375 HOH A O   1 
HETATM 1297 O O   . HOH C 3 .   ? 9.97468   2.95707   -14.77711 1.000 46.32394  ? 376 HOH A O   1 
HETATM 1298 O O   . HOH C 3 .   ? 13.08706  -3.61831  13.11890  1.000 48.88935  ? 377 HOH A O   1 
HETATM 1299 O O   . HOH C 3 .   ? 15.27460  11.78377  -4.04056  1.000 26.56815  ? 378 HOH A O   1 
HETATM 1300 O O   . HOH C 3 .   ? 17.66480  15.88514  -1.13109  1.000 54.19044  ? 379 HOH A O   1 
HETATM 1301 O O   . HOH C 3 .   ? 13.74159  4.00435   -8.30080  1.000 45.13874  ? 380 HOH A O   1 
HETATM 1302 O O   . HOH C 3 .   ? -15.05109 -5.05327  -14.48574 1.000 40.71117  ? 381 HOH A O   1 
HETATM 1303 O O   . HOH C 3 .   ? 2.56429   -12.30684 -13.64168 1.000 67.02239  ? 382 HOH A O   1 
HETATM 1304 O O   . HOH C 3 .   ? -9.63090  9.89708   -7.24149  1.000 46.95654  ? 383 HOH A O   1 
HETATM 1305 O O   . HOH C 3 .   ? 11.03301  -2.02689  -8.20786  1.000 47.81881  ? 384 HOH A O   1 
HETATM 1306 O O   . HOH C 3 .   ? -1.72654  15.12844  -5.38776  1.000 41.95751  ? 385 HOH A O   1 
HETATM 1307 O O   . HOH C 3 .   ? -5.11955  13.66733  -13.46531 1.000 42.45518  ? 386 HOH A O   1 
HETATM 1308 O O   . HOH C 3 .   ? 4.93316   -18.07379 8.81245   1.000 46.29778  ? 387 HOH A O   1 
# 
loop_
_pdbx_poly_seq_scheme.asym_id 
_pdbx_poly_seq_scheme.entity_id 
_pdbx_poly_seq_scheme.seq_id 
_pdbx_poly_seq_scheme.mon_id 
_pdbx_poly_seq_scheme.ndb_seq_num 
_pdbx_poly_seq_scheme.pdb_seq_num 
_pdbx_poly_seq_scheme.auth_seq_num 
_pdbx_poly_seq_scheme.pdb_mon_id 
_pdbx_poly_seq_scheme.auth_mon_id 
_pdbx_poly_seq_scheme.pdb_strand_id 
_pdbx_poly_seq_scheme.pdb_ins_code 
_pdbx_poly_seq_scheme.hetero 
A 1 1   MET 1   1   ?   ?   ?   A . n 
A 1 2   ALA 2   2   ?   ?   ?   A . n 
A 1 3   HIS 3   3   ?   ?   ?   A . n 
A 1 4   HIS 4   4   ?   ?   ?   A . n 
A 1 5   GLY 5   5   ?   ?   ?   A . n 
A 1 6   VAL 6   6   ?   ?   ?   A . n 
A 1 7   SER 7   7   ?   ?   ?   A . n 
A 1 8   GLY 8   8   8   GLY GLY A . n 
A 1 9   LEU 9   9   9   LEU LEU A . n 
A 1 10  VAL 10  10  10  VAL VAL A . n 
A 1 11  GLY 11  11  11  GLY GLY A . n 
A 1 12  LYS 12  12  12  LYS LYS A . n 
A 1 13  LEU 13  13  13  LEU LEU A . n 
A 1 14  VAL 14  14  14  VAL VAL A . n 
A 1 15  THR 15  15  15  THR THR A . n 
A 1 16  GLN 16  16  16  GLN GLN A . n 
A 1 17  LEU 17  17  17  LEU LEU A . n 
A 1 18  GLU 18  18  18  GLU GLU A . n 
A 1 19  VAL 19  19  19  VAL VAL A . n 
A 1 20  ASN 20  20  20  ASN ASN A . n 
A 1 21  CYS 21  21  21  CYS CYS A . n 
A 1 22  ASP 22  22  22  ASP ASP A . n 
A 1 23  ALA 23  23  23  ALA ALA A . n 
A 1 24  ASP 24  24  24  ASP ASP A . n 
A 1 25  ILE 25  25  25  ILE ILE A . n 
A 1 26  PHE 26  26  26  PHE PHE A . n 
A 1 27  TYR 27  27  27  TYR TYR A . n 
A 1 28  LYS 28  28  28  LYS LYS A . n 
A 1 29  ILE 29  29  29  ILE ILE A . n 
A 1 30  VAL 30  30  30  VAL VAL A . n 
A 1 31  LYS 31  31  31  LYS LYS A . n 
A 1 32  HIS 32  32  32  HIS HIS A . n 
A 1 33  HIS 33  33  33  HIS HIS A . n 
A 1 34  GLU 34  34  34  GLU GLU A . n 
A 1 35  GLU 35  35  ?   ?   ?   A . n 
A 1 36  VAL 36  36  ?   ?   ?   A . n 
A 1 37  PRO 37  37  37  PRO PRO A . n 
A 1 38  ASN 38  38  38  ASN ASN A . n 
A 1 39  VAL 39  39  39  VAL VAL A . n 
A 1 40  ILE 40  40  40  ILE ILE A . n 
A 1 41  PRO 41  41  41  PRO PRO A . n 
A 1 42  HIS 42  42  42  HIS HIS A . n 
A 1 43  PHE 43  43  43  PHE PHE A . n 
A 1 44  PHE 44  44  44  PHE PHE A . n 
A 1 45  THR 45  45  45  THR THR A . n 
A 1 46  GLY 46  46  46  GLY GLY A . n 
A 1 47  VAL 47  47  47  VAL VAL A . n 
A 1 48  GLN 48  48  48  GLN GLN A . n 
A 1 49  VAL 49  49  49  VAL VAL A . n 
A 1 50  THR 50  50  50  THR THR A . n 
A 1 51  LYS 51  51  51  LYS LYS A . n 
A 1 52  GLY 52  52  52  GLY GLY A . n 
A 1 53  ASP 53  53  53  ASP ASP A . n 
A 1 54  GLY 54  54  54  GLY GLY A . n 
A 1 55  LEU 55  55  55  LEU LEU A . n 
A 1 56  VAL 56  56  56  VAL VAL A . n 
A 1 57  SER 57  57  57  SER SER A . n 
A 1 58  GLY 58  58  58  GLY GLY A . n 
A 1 59  CYS 59  59  59  CYS CYS A . n 
A 1 60  ILE 60  60  60  ILE ILE A . n 
A 1 61  LYS 61  61  61  LYS LYS A . n 
A 1 62  GLU 62  62  62  GLU GLU A . n 
A 1 63  TRP 63  63  63  TRP TRP A . n 
A 1 64  ASN 64  64  64  ASN ASN A . n 
A 1 65  TYR 65  65  65  TYR TYR A . n 
A 1 66  VAL 66  66  66  VAL VAL A . n 
A 1 67  LEU 67  67  67  LEU LEU A . n 
A 1 68  GLU 68  68  68  GLU GLU A . n 
A 1 69  GLY 69  69  69  GLY GLY A . n 
A 1 70  LYS 70  70  70  LYS LYS A . n 
A 1 71  ALA 71  71  71  ALA ALA A . n 
A 1 72  MET 72  72  72  MET MET A . n 
A 1 73  THR 73  73  73  THR THR A . n 
A 1 74  ALA 74  74  74  ALA ALA A . n 
A 1 75  VAL 75  75  75  VAL VAL A . n 
A 1 76  GLU 76  76  76  GLU GLU A . n 
A 1 77  GLU 77  77  77  GLU GLU A . n 
A 1 78  THR 78  78  78  THR THR A . n 
A 1 79  THR 79  79  79  THR THR A . n 
A 1 80  HIS 80  80  80  HIS HIS A . n 
A 1 81  ALA 81  81  81  ALA ALA A . n 
A 1 82  ASP 82  82  82  ASP ASP A . n 
A 1 83  GLU 83  83  83  GLU GLU A . n 
A 1 84  THR 84  84  84  THR THR A . n 
A 1 85  ARG 85  85  85  ARG ARG A . n 
A 1 86  THR 86  86  86  THR THR A . n 
A 1 87  LEU 87  87  87  LEU LEU A . n 
A 1 88  THR 88  88  88  THR THR A . n 
A 1 89  HIS 89  89  89  HIS HIS A . n 
A 1 90  HIS 90  90  90  HIS HIS A . n 
A 1 91  ILE 91  91  91  ILE ILE A . n 
A 1 92  THR 92  92  92  THR THR A . n 
A 1 93  GLU 93  93  93  GLU GLU A . n 
A 1 94  GLY 94  94  94  GLY GLY A . n 
A 1 95  ASP 95  95  95  ASP ASP A . n 
A 1 96  ALA 96  96  96  ALA ALA A . n 
A 1 97  MET 97  97  97  MET MET A . n 
A 1 98  LYS 98  98  98  LYS LYS A . n 
A 1 99  ASP 99  99  99  ASP ASP A . n 
A 1 100 TYR 100 100 100 TYR TYR A . n 
A 1 101 LYS 101 101 101 LYS LYS A . n 
A 1 102 LYS 102 102 102 LYS LYS A . n 
A 1 103 PHE 103 103 103 PHE PHE A . n 
A 1 104 ASP 104 104 104 ASP ASP A . n 
A 1 105 VAL 105 105 105 VAL VAL A . n 
A 1 106 ILE 106 106 106 ILE ILE A . n 
A 1 107 VAL 107 107 107 VAL VAL A . n 
A 1 108 GLU 108 108 108 GLU GLU A . n 
A 1 109 THR 109 109 109 THR THR A . n 
A 1 110 ASN 110 110 110 ASN ASN A . n 
A 1 111 PRO 111 111 111 PRO PRO A . n 
A 1 112 LYS 112 112 112 LYS LYS A . n 
A 1 113 PRO 113 113 113 PRO PRO A . n 
A 1 114 ASN 114 114 114 ASN ASN A . n 
A 1 115 GLY 115 115 115 GLY GLY A . n 
A 1 116 HIS 116 116 116 HIS HIS A . n 
A 1 117 GLY 117 117 117 GLY GLY A . n 
A 1 118 SER 118 118 118 SER SER A . n 
A 1 119 VAL 119 119 119 VAL VAL A . n 
A 1 120 VAL 120 120 120 VAL VAL A . n 
A 1 121 THR 121 121 121 THR THR A . n 
A 1 122 TYR 122 122 122 TYR TYR A . n 
A 1 123 SER 123 123 123 SER SER A . n 
A 1 124 ILE 124 124 124 ILE ILE A . n 
A 1 125 VAL 125 125 125 VAL VAL A . n 
A 1 126 TYR 126 126 126 TYR TYR A . n 
A 1 127 GLU 127 127 127 GLU GLU A . n 
A 1 128 LYS 128 128 128 LYS LYS A . n 
A 1 129 ILE 129 129 129 ILE ILE A . n 
A 1 130 ASN 130 130 130 ASN ASN A . n 
A 1 131 GLU 131 131 131 GLU GLU A . n 
A 1 132 ASP 132 132 132 ASP ASP A . n 
A 1 133 SER 133 133 133 SER SER A . n 
A 1 134 PRO 134 134 134 PRO PRO A . n 
A 1 135 ALA 135 135 135 ALA ALA A . n 
A 1 136 PRO 136 136 136 PRO PRO A . n 
A 1 137 PHE 137 137 137 PHE PHE A . n 
A 1 138 ASP 138 138 138 ASP ASP A . n 
A 1 139 TYR 139 139 139 TYR TYR A . n 
A 1 140 LEU 140 140 140 LEU LEU A . n 
A 1 141 LYS 141 141 141 LYS LYS A . n 
A 1 142 PHE 142 142 142 PHE PHE A . n 
A 1 143 PHE 143 143 143 PHE PHE A . n 
A 1 144 HIS 144 144 144 HIS HIS A . n 
A 1 145 GLN 145 145 145 GLN GLN A . n 
A 1 146 ASN 146 146 146 ASN ASN A . n 
A 1 147 ILE 147 147 147 ILE ILE A . n 
A 1 148 VAL 148 148 148 VAL VAL A . n 
A 1 149 ASP 149 149 149 ASP ASP A . n 
A 1 150 MET 150 150 150 MET MET A . n 
A 1 151 SER 151 151 151 SER SER A . n 
A 1 152 ALA 152 152 152 ALA ALA A . n 
A 1 153 HIS 153 153 153 HIS HIS A . n 
A 1 154 ILE 154 154 154 ILE ILE A . n 
A 1 155 CYS 155 155 155 CYS CYS A . n 
A 1 156 SER 156 156 156 SER SER A . n 
A 1 157 SER 157 157 157 SER SER A . n 
A 1 158 ALA 158 158 ?   ?   ?   A . n 
# 
_pdbx_contact_author.id                 3 
_pdbx_contact_author.email              Kenneth.ng@uwindsor.ca 
_pdbx_contact_author.name_first         Kenneth 
_pdbx_contact_author.name_last          Ng 
_pdbx_contact_author.name_mi            K.S. 
_pdbx_contact_author.role               'principal investigator/group leader' 
_pdbx_contact_author.identifier_ORCID   0000-0001-7280-8445 
# 
loop_
_pdbx_nonpoly_scheme.asym_id 
_pdbx_nonpoly_scheme.entity_id 
_pdbx_nonpoly_scheme.mon_id 
_pdbx_nonpoly_scheme.ndb_seq_num 
_pdbx_nonpoly_scheme.pdb_seq_num 
_pdbx_nonpoly_scheme.auth_seq_num 
_pdbx_nonpoly_scheme.pdb_mon_id 
_pdbx_nonpoly_scheme.auth_mon_id 
_pdbx_nonpoly_scheme.pdb_strand_id 
_pdbx_nonpoly_scheme.pdb_ins_code 
B 2 08N 1  201 201 08N NV9 A . 
C 3 HOH 1  301 339 HOH HOH A . 
C 3 HOH 2  302 354 HOH HOH A . 
C 3 HOH 3  303 356 HOH HOH A . 
C 3 HOH 4  304 377 HOH HOH A . 
C 3 HOH 5  305 328 HOH HOH A . 
C 3 HOH 6  306 335 HOH HOH A . 
C 3 HOH 7  307 358 HOH HOH A . 
C 3 HOH 8  308 363 HOH HOH A . 
C 3 HOH 9  309 346 HOH HOH A . 
C 3 HOH 10 310 379 HOH HOH A . 
C 3 HOH 11 311 325 HOH HOH A . 
C 3 HOH 12 312 330 HOH HOH A . 
C 3 HOH 13 313 357 HOH HOH A . 
C 3 HOH 14 314 369 HOH HOH A . 
C 3 HOH 15 315 380 HOH HOH A . 
C 3 HOH 16 316 376 HOH HOH A . 
C 3 HOH 17 317 318 HOH HOH A . 
C 3 HOH 18 318 329 HOH HOH A . 
C 3 HOH 19 319 312 HOH HOH A . 
C 3 HOH 20 320 337 HOH HOH A . 
C 3 HOH 21 321 301 HOH HOH A . 
C 3 HOH 22 322 308 HOH HOH A . 
C 3 HOH 23 323 378 HOH HOH A . 
C 3 HOH 24 324 381 HOH HOH A . 
C 3 HOH 25 325 372 HOH HOH A . 
C 3 HOH 26 326 304 HOH HOH A . 
C 3 HOH 27 327 336 HOH HOH A . 
C 3 HOH 28 328 311 HOH HOH A . 
C 3 HOH 29 329 333 HOH HOH A . 
C 3 HOH 30 330 302 HOH HOH A . 
C 3 HOH 31 331 385 HOH HOH A . 
C 3 HOH 32 332 373 HOH HOH A . 
C 3 HOH 33 333 307 HOH HOH A . 
C 3 HOH 34 334 370 HOH HOH A . 
C 3 HOH 35 335 371 HOH HOH A . 
C 3 HOH 36 336 309 HOH HOH A . 
C 3 HOH 37 337 320 HOH HOH A . 
C 3 HOH 38 338 319 HOH HOH A . 
C 3 HOH 39 339 347 HOH HOH A . 
C 3 HOH 40 340 338 HOH HOH A . 
C 3 HOH 41 341 327 HOH HOH A . 
C 3 HOH 42 342 303 HOH HOH A . 
C 3 HOH 43 343 321 HOH HOH A . 
C 3 HOH 44 344 317 HOH HOH A . 
C 3 HOH 45 345 313 HOH HOH A . 
C 3 HOH 46 346 350 HOH HOH A . 
C 3 HOH 47 347 323 HOH HOH A . 
C 3 HOH 48 348 305 HOH HOH A . 
C 3 HOH 49 349 306 HOH HOH A . 
C 3 HOH 50 350 334 HOH HOH A . 
C 3 HOH 51 351 348 HOH HOH A . 
C 3 HOH 52 352 340 HOH HOH A . 
C 3 HOH 53 353 310 HOH HOH A . 
C 3 HOH 54 354 314 HOH HOH A . 
C 3 HOH 55 355 342 HOH HOH A . 
C 3 HOH 56 356 326 HOH HOH A . 
C 3 HOH 57 357 322 HOH HOH A . 
C 3 HOH 58 358 355 HOH HOH A . 
C 3 HOH 59 359 316 HOH HOH A . 
C 3 HOH 60 360 353 HOH HOH A . 
C 3 HOH 61 361 360 HOH HOH A . 
C 3 HOH 62 362 332 HOH HOH A . 
C 3 HOH 63 363 386 HOH HOH A . 
C 3 HOH 64 364 324 HOH HOH A . 
C 3 HOH 65 365 341 HOH HOH A . 
C 3 HOH 66 366 383 HOH HOH A . 
C 3 HOH 67 367 315 HOH HOH A . 
C 3 HOH 68 368 374 HOH HOH A . 
C 3 HOH 69 369 387 HOH HOH A . 
C 3 HOH 70 370 384 HOH HOH A . 
C 3 HOH 71 371 361 HOH HOH A . 
C 3 HOH 72 372 349 HOH HOH A . 
C 3 HOH 73 373 359 HOH HOH A . 
C 3 HOH 74 374 375 HOH HOH A . 
C 3 HOH 75 375 331 HOH HOH A . 
C 3 HOH 76 376 364 HOH HOH A . 
C 3 HOH 77 377 367 HOH HOH A . 
C 3 HOH 78 378 382 HOH HOH A . 
C 3 HOH 79 379 368 HOH HOH A . 
C 3 HOH 80 380 343 HOH HOH A . 
C 3 HOH 81 381 352 HOH HOH A . 
C 3 HOH 82 382 366 HOH HOH A . 
C 3 HOH 83 383 344 HOH HOH A . 
C 3 HOH 84 384 365 HOH HOH A . 
C 3 HOH 85 385 345 HOH HOH A . 
C 3 HOH 86 386 351 HOH HOH A . 
C 3 HOH 87 387 362 HOH HOH A . 
# 
_pdbx_struct_assembly.id                   1 
_pdbx_struct_assembly.details              author_and_software_defined_assembly 
_pdbx_struct_assembly.method_details       PISA 
_pdbx_struct_assembly.oligomeric_details   dimeric 
_pdbx_struct_assembly.oligomeric_count     2 
# 
_pdbx_struct_assembly_gen.assembly_id       1 
_pdbx_struct_assembly_gen.oper_expression   1,2 
_pdbx_struct_assembly_gen.asym_id_list      A,B,C 
# 
loop_
_pdbx_struct_assembly_prop.biol_id 
_pdbx_struct_assembly_prop.type 
_pdbx_struct_assembly_prop.value 
_pdbx_struct_assembly_prop.details 
1 'ABSA (A^2)' 1510  ? 
1 MORE         -9    ? 
1 'SSA (A^2)'  15770 ? 
# 
loop_
_pdbx_struct_oper_list.id 
_pdbx_struct_oper_list.type 
_pdbx_struct_oper_list.name 
_pdbx_struct_oper_list.symmetry_operation 
_pdbx_struct_oper_list.matrix[1][1] 
_pdbx_struct_oper_list.matrix[1][2] 
_pdbx_struct_oper_list.matrix[1][3] 
_pdbx_struct_oper_list.vector[1] 
_pdbx_struct_oper_list.matrix[2][1] 
_pdbx_struct_oper_list.matrix[2][2] 
_pdbx_struct_oper_list.matrix[2][3] 
_pdbx_struct_oper_list.vector[2] 
_pdbx_struct_oper_list.matrix[3][1] 
_pdbx_struct_oper_list.matrix[3][2] 
_pdbx_struct_oper_list.matrix[3][3] 
_pdbx_struct_oper_list.vector[3] 
1 'identity operation'         1_555 x,y,z       1.0000000000 0.0000000000  0.0000000000  0.0000000000 0.0000000000  1.0000000000  0.0000000000 0.0000000000  0.0000000000  0.0000000000 1.0000000000  0.0000000000   
2 'crystal symmetry operation' 3_555 -x,y,-z+1/2 0.4603930048 -0.7852287099 -0.4140702286 7.4242180490 -0.7852287099 -0.5777957544 0.2226385845 21.3868972043 -0.4140702286 0.2226385845 -0.8825972504 -14.3727541504 
# 
loop_
_pdbx_audit_revision_history.ordinal 
_pdbx_audit_revision_history.data_content_type 
_pdbx_audit_revision_history.major_revision 
_pdbx_audit_revision_history.minor_revision 
_pdbx_audit_revision_history.revision_date 
1 'Structure model' 1 0 2023-03-01 
2 'Structure model' 1 1 2023-10-25 
# 
_pdbx_audit_revision_details.ordinal             1 
_pdbx_audit_revision_details.revision_ordinal    1 
_pdbx_audit_revision_details.data_content_type   'Structure model' 
_pdbx_audit_revision_details.provider            repository 
_pdbx_audit_revision_details.type                'Initial release' 
_pdbx_audit_revision_details.description         ? 
_pdbx_audit_revision_details.details             ? 
# 
loop_
_pdbx_audit_revision_group.ordinal 
_pdbx_audit_revision_group.revision_ordinal 
_pdbx_audit_revision_group.data_content_type 
_pdbx_audit_revision_group.group 
1 2 'Structure model' 'Data collection'        
2 2 'Structure model' 'Refinement description' 
# 
loop_
_pdbx_audit_revision_category.ordinal 
_pdbx_audit_revision_category.revision_ordinal 
_pdbx_audit_revision_category.data_content_type 
_pdbx_audit_revision_category.category 
1 2 'Structure model' chem_comp_atom                
2 2 'Structure model' chem_comp_bond                
3 2 'Structure model' pdbx_initial_refinement_model 
# 
loop_
_space_group_symop.id 
_space_group_symop.operation_xyz 
1 x,y,z               
2 x,-y,-z             
3 -x,y,-z+1/2         
4 -x,-y,z+1/2         
5 x+1/2,y+1/2,z       
6 x+1/2,-y+1/2,-z     
7 -x+1/2,y+1/2,-z+1/2 
8 -x+1/2,-y+1/2,z+1/2 
# 
loop_
_software.citation_id 
_software.classification 
_software.compiler_name 
_software.compiler_version 
_software.contact_author 
_software.contact_author_email 
_software.date 
_software.description 
_software.dependencies 
_software.hardware 
_software.language 
_software.location 
_software.mods 
_software.name 
_software.os 
_software.os_version 
_software.type 
_software.version 
_software.pdbx_ordinal 
? 'data collection' ? ? ? ? ? ? ? ? ? ? ? Blu-Ice ? ? ? .           1 
? refinement        ? ? ? ? ? ? ? ? ? ? ? PHENIX  ? ? ? 1.18.2_3874 2 
? 'data reduction'  ? ? ? ? ? ? ? ? ? ? ? XDS     ? ? ? .           3 
? 'data scaling'    ? ? ? ? ? ? ? ? ? ? ? XSCALE  ? ? ? .           4 
? phasing           ? ? ? ? ? ? ? ? ? ? ? PHASER  ? ? ? .           5 
# 
_pdbx_entry_details.entry_id                 7UQN 
_pdbx_entry_details.has_ligand_of_interest   Y 
_pdbx_entry_details.compound_details         ? 
_pdbx_entry_details.source_details           ? 
_pdbx_entry_details.nonpolymer_details       ? 
_pdbx_entry_details.sequence_details         ? 
# 
loop_
_pdbx_validate_torsion.id 
_pdbx_validate_torsion.PDB_model_num 
_pdbx_validate_torsion.auth_comp_id 
_pdbx_validate_torsion.auth_asym_id 
_pdbx_validate_torsion.auth_seq_id 
_pdbx_validate_torsion.PDB_ins_code 
_pdbx_validate_torsion.label_alt_id 
_pdbx_validate_torsion.phi 
_pdbx_validate_torsion.psi 
1 1 ASN A 114 ? ? -27.54 -68.21 
2 1 SER A 156 ? ? -49.39 156.97 
# 
loop_
_pdbx_unobs_or_zero_occ_residues.id 
_pdbx_unobs_or_zero_occ_residues.PDB_model_num 
_pdbx_unobs_or_zero_occ_residues.polymer_flag 
_pdbx_unobs_or_zero_occ_residues.occupancy_flag 
_pdbx_unobs_or_zero_occ_residues.auth_asym_id 
_pdbx_unobs_or_zero_occ_residues.auth_comp_id 
_pdbx_unobs_or_zero_occ_residues.auth_seq_id 
_pdbx_unobs_or_zero_occ_residues.PDB_ins_code 
_pdbx_unobs_or_zero_occ_residues.label_asym_id 
_pdbx_unobs_or_zero_occ_residues.label_comp_id 
_pdbx_unobs_or_zero_occ_residues.label_seq_id 
1  1 Y 1 A MET 1   ? A MET 1   
2  1 Y 1 A ALA 2   ? A ALA 2   
3  1 Y 1 A HIS 3   ? A HIS 3   
4  1 Y 1 A HIS 4   ? A HIS 4   
5  1 Y 1 A GLY 5   ? A GLY 5   
6  1 Y 1 A VAL 6   ? A VAL 6   
7  1 Y 1 A SER 7   ? A SER 7   
8  1 Y 1 A GLU 35  ? A GLU 35  
9  1 Y 1 A VAL 36  ? A VAL 36  
10 1 Y 1 A ALA 158 ? A ALA 158 
# 
loop_
_chem_comp_atom.comp_id 
_chem_comp_atom.atom_id 
_chem_comp_atom.type_symbol 
_chem_comp_atom.pdbx_aromatic_flag 
_chem_comp_atom.pdbx_stereo_config 
_chem_comp_atom.pdbx_ordinal 
08N C02  C N N 1   
08N C04  C N S 2   
08N C05  C Y N 3   
08N C06  C Y N 4   
08N C07  C Y N 5   
08N C08  C Y N 6   
08N C10  C N N 7   
08N C11  C Y N 8   
08N C13  C N N 9   
08N C14  C Y N 10  
08N C15  C N R 11  
08N C17  C N N 12  
08N C18  C N N 13  
08N C19  C N N 14  
08N C20  C Y N 15  
08N C21  C Y N 16  
08N C22  C Y N 17  
08N C24  C N N 18  
08N C25  C Y N 19  
08N C27  C N N 20  
08N C29  C Y N 21  
08N C30  C Y N 22  
08N N16  N N N 23  
08N O01  O N N 24  
08N O03  O N N 25  
08N O09  O N N 26  
08N O12  O N N 27  
08N O23  O N N 28  
08N O26  O N N 29  
08N O28  O N N 30  
08N H1   H N N 31  
08N H2   H N N 32  
08N H3   H N N 33  
08N H4   H N N 34  
08N H5   H N N 35  
08N H6   H N N 36  
08N H7   H N N 37  
08N H8   H N N 38  
08N H9   H N N 39  
08N H10  H N N 40  
08N H11  H N N 41  
08N H12  H N N 42  
08N H13  H N N 43  
08N H14  H N N 44  
08N H15  H N N 45  
08N H16  H N N 46  
08N H17  H N N 47  
08N H18  H N N 48  
08N H19  H N N 49  
08N H20  H N N 50  
08N H21  H N N 51  
08N H22  H N N 52  
08N H23  H N N 53  
ALA N    N N N 54  
ALA CA   C N S 55  
ALA C    C N N 56  
ALA O    O N N 57  
ALA CB   C N N 58  
ALA OXT  O N N 59  
ALA H    H N N 60  
ALA H2   H N N 61  
ALA HA   H N N 62  
ALA HB1  H N N 63  
ALA HB2  H N N 64  
ALA HB3  H N N 65  
ALA HXT  H N N 66  
ARG N    N N N 67  
ARG CA   C N S 68  
ARG C    C N N 69  
ARG O    O N N 70  
ARG CB   C N N 71  
ARG CG   C N N 72  
ARG CD   C N N 73  
ARG NE   N N N 74  
ARG CZ   C N N 75  
ARG NH1  N N N 76  
ARG NH2  N N N 77  
ARG OXT  O N N 78  
ARG H    H N N 79  
ARG H2   H N N 80  
ARG HA   H N N 81  
ARG HB2  H N N 82  
ARG HB3  H N N 83  
ARG HG2  H N N 84  
ARG HG3  H N N 85  
ARG HD2  H N N 86  
ARG HD3  H N N 87  
ARG HE   H N N 88  
ARG HH11 H N N 89  
ARG HH12 H N N 90  
ARG HH21 H N N 91  
ARG HH22 H N N 92  
ARG HXT  H N N 93  
ASN N    N N N 94  
ASN CA   C N S 95  
ASN C    C N N 96  
ASN O    O N N 97  
ASN CB   C N N 98  
ASN CG   C N N 99  
ASN OD1  O N N 100 
ASN ND2  N N N 101 
ASN OXT  O N N 102 
ASN H    H N N 103 
ASN H2   H N N 104 
ASN HA   H N N 105 
ASN HB2  H N N 106 
ASN HB3  H N N 107 
ASN HD21 H N N 108 
ASN HD22 H N N 109 
ASN HXT  H N N 110 
ASP N    N N N 111 
ASP CA   C N S 112 
ASP C    C N N 113 
ASP O    O N N 114 
ASP CB   C N N 115 
ASP CG   C N N 116 
ASP OD1  O N N 117 
ASP OD2  O N N 118 
ASP OXT  O N N 119 
ASP H    H N N 120 
ASP H2   H N N 121 
ASP HA   H N N 122 
ASP HB2  H N N 123 
ASP HB3  H N N 124 
ASP HD2  H N N 125 
ASP HXT  H N N 126 
CYS N    N N N 127 
CYS CA   C N R 128 
CYS C    C N N 129 
CYS O    O N N 130 
CYS CB   C N N 131 
CYS SG   S N N 132 
CYS OXT  O N N 133 
CYS H    H N N 134 
CYS H2   H N N 135 
CYS HA   H N N 136 
CYS HB2  H N N 137 
CYS HB3  H N N 138 
CYS HG   H N N 139 
CYS HXT  H N N 140 
GLN N    N N N 141 
GLN CA   C N S 142 
GLN C    C N N 143 
GLN O    O N N 144 
GLN CB   C N N 145 
GLN CG   C N N 146 
GLN CD   C N N 147 
GLN OE1  O N N 148 
GLN NE2  N N N 149 
GLN OXT  O N N 150 
GLN H    H N N 151 
GLN H2   H N N 152 
GLN HA   H N N 153 
GLN HB2  H N N 154 
GLN HB3  H N N 155 
GLN HG2  H N N 156 
GLN HG3  H N N 157 
GLN HE21 H N N 158 
GLN HE22 H N N 159 
GLN HXT  H N N 160 
GLU N    N N N 161 
GLU CA   C N S 162 
GLU C    C N N 163 
GLU O    O N N 164 
GLU CB   C N N 165 
GLU CG   C N N 166 
GLU CD   C N N 167 
GLU OE1  O N N 168 
GLU OE2  O N N 169 
GLU OXT  O N N 170 
GLU H    H N N 171 
GLU H2   H N N 172 
GLU HA   H N N 173 
GLU HB2  H N N 174 
GLU HB3  H N N 175 
GLU HG2  H N N 176 
GLU HG3  H N N 177 
GLU HE2  H N N 178 
GLU HXT  H N N 179 
GLY N    N N N 180 
GLY CA   C N N 181 
GLY C    C N N 182 
GLY O    O N N 183 
GLY OXT  O N N 184 
GLY H    H N N 185 
GLY H2   H N N 186 
GLY HA2  H N N 187 
GLY HA3  H N N 188 
GLY HXT  H N N 189 
HIS N    N N N 190 
HIS CA   C N S 191 
HIS C    C N N 192 
HIS O    O N N 193 
HIS CB   C N N 194 
HIS CG   C Y N 195 
HIS ND1  N Y N 196 
HIS CD2  C Y N 197 
HIS CE1  C Y N 198 
HIS NE2  N Y N 199 
HIS OXT  O N N 200 
HIS H    H N N 201 
HIS H2   H N N 202 
HIS HA   H N N 203 
HIS HB2  H N N 204 
HIS HB3  H N N 205 
HIS HD1  H N N 206 
HIS HD2  H N N 207 
HIS HE1  H N N 208 
HIS HE2  H N N 209 
HIS HXT  H N N 210 
HOH O    O N N 211 
HOH H1   H N N 212 
HOH H2   H N N 213 
ILE N    N N N 214 
ILE CA   C N S 215 
ILE C    C N N 216 
ILE O    O N N 217 
ILE CB   C N S 218 
ILE CG1  C N N 219 
ILE CG2  C N N 220 
ILE CD1  C N N 221 
ILE OXT  O N N 222 
ILE H    H N N 223 
ILE H2   H N N 224 
ILE HA   H N N 225 
ILE HB   H N N 226 
ILE HG12 H N N 227 
ILE HG13 H N N 228 
ILE HG21 H N N 229 
ILE HG22 H N N 230 
ILE HG23 H N N 231 
ILE HD11 H N N 232 
ILE HD12 H N N 233 
ILE HD13 H N N 234 
ILE HXT  H N N 235 
LEU N    N N N 236 
LEU CA   C N S 237 
LEU C    C N N 238 
LEU O    O N N 239 
LEU CB   C N N 240 
LEU CG   C N N 241 
LEU CD1  C N N 242 
LEU CD2  C N N 243 
LEU OXT  O N N 244 
LEU H    H N N 245 
LEU H2   H N N 246 
LEU HA   H N N 247 
LEU HB2  H N N 248 
LEU HB3  H N N 249 
LEU HG   H N N 250 
LEU HD11 H N N 251 
LEU HD12 H N N 252 
LEU HD13 H N N 253 
LEU HD21 H N N 254 
LEU HD22 H N N 255 
LEU HD23 H N N 256 
LEU HXT  H N N 257 
LYS N    N N N 258 
LYS CA   C N S 259 
LYS C    C N N 260 
LYS O    O N N 261 
LYS CB   C N N 262 
LYS CG   C N N 263 
LYS CD   C N N 264 
LYS CE   C N N 265 
LYS NZ   N N N 266 
LYS OXT  O N N 267 
LYS H    H N N 268 
LYS H2   H N N 269 
LYS HA   H N N 270 
LYS HB2  H N N 271 
LYS HB3  H N N 272 
LYS HG2  H N N 273 
LYS HG3  H N N 274 
LYS HD2  H N N 275 
LYS HD3  H N N 276 
LYS HE2  H N N 277 
LYS HE3  H N N 278 
LYS HZ1  H N N 279 
LYS HZ2  H N N 280 
LYS HZ3  H N N 281 
LYS HXT  H N N 282 
MET N    N N N 283 
MET CA   C N S 284 
MET C    C N N 285 
MET O    O N N 286 
MET CB   C N N 287 
MET CG   C N N 288 
MET SD   S N N 289 
MET CE   C N N 290 
MET OXT  O N N 291 
MET H    H N N 292 
MET H2   H N N 293 
MET HA   H N N 294 
MET HB2  H N N 295 
MET HB3  H N N 296 
MET HG2  H N N 297 
MET HG3  H N N 298 
MET HE1  H N N 299 
MET HE2  H N N 300 
MET HE3  H N N 301 
MET HXT  H N N 302 
PHE N    N N N 303 
PHE CA   C N S 304 
PHE C    C N N 305 
PHE O    O N N 306 
PHE CB   C N N 307 
PHE CG   C Y N 308 
PHE CD1  C Y N 309 
PHE CD2  C Y N 310 
PHE CE1  C Y N 311 
PHE CE2  C Y N 312 
PHE CZ   C Y N 313 
PHE OXT  O N N 314 
PHE H    H N N 315 
PHE H2   H N N 316 
PHE HA   H N N 317 
PHE HB2  H N N 318 
PHE HB3  H N N 319 
PHE HD1  H N N 320 
PHE HD2  H N N 321 
PHE HE1  H N N 322 
PHE HE2  H N N 323 
PHE HZ   H N N 324 
PHE HXT  H N N 325 
PRO N    N N N 326 
PRO CA   C N S 327 
PRO C    C N N 328 
PRO O    O N N 329 
PRO CB   C N N 330 
PRO CG   C N N 331 
PRO CD   C N N 332 
PRO OXT  O N N 333 
PRO H    H N N 334 
PRO HA   H N N 335 
PRO HB2  H N N 336 
PRO HB3  H N N 337 
PRO HG2  H N N 338 
PRO HG3  H N N 339 
PRO HD2  H N N 340 
PRO HD3  H N N 341 
PRO HXT  H N N 342 
SER N    N N N 343 
SER CA   C N S 344 
SER C    C N N 345 
SER O    O N N 346 
SER CB   C N N 347 
SER OG   O N N 348 
SER OXT  O N N 349 
SER H    H N N 350 
SER H2   H N N 351 
SER HA   H N N 352 
SER HB2  H N N 353 
SER HB3  H N N 354 
SER HG   H N N 355 
SER HXT  H N N 356 
THR N    N N N 357 
THR CA   C N S 358 
THR C    C N N 359 
THR O    O N N 360 
THR CB   C N R 361 
THR OG1  O N N 362 
THR CG2  C N N 363 
THR OXT  O N N 364 
THR H    H N N 365 
THR H2   H N N 366 
THR HA   H N N 367 
THR HB   H N N 368 
THR HG1  H N N 369 
THR HG21 H N N 370 
THR HG22 H N N 371 
THR HG23 H N N 372 
THR HXT  H N N 373 
TRP N    N N N 374 
TRP CA   C N S 375 
TRP C    C N N 376 
TRP O    O N N 377 
TRP CB   C N N 378 
TRP CG   C Y N 379 
TRP CD1  C Y N 380 
TRP CD2  C Y N 381 
TRP NE1  N Y N 382 
TRP CE2  C Y N 383 
TRP CE3  C Y N 384 
TRP CZ2  C Y N 385 
TRP CZ3  C Y N 386 
TRP CH2  C Y N 387 
TRP OXT  O N N 388 
TRP H    H N N 389 
TRP H2   H N N 390 
TRP HA   H N N 391 
TRP HB2  H N N 392 
TRP HB3  H N N 393 
TRP HD1  H N N 394 
TRP HE1  H N N 395 
TRP HE3  H N N 396 
TRP HZ2  H N N 397 
TRP HZ3  H N N 398 
TRP HH2  H N N 399 
TRP HXT  H N N 400 
TYR N    N N N 401 
TYR CA   C N S 402 
TYR C    C N N 403 
TYR O    O N N 404 
TYR CB   C N N 405 
TYR CG   C Y N 406 
TYR CD1  C Y N 407 
TYR CD2  C Y N 408 
TYR CE1  C Y N 409 
TYR CE2  C Y N 410 
TYR CZ   C Y N 411 
TYR OH   O N N 412 
TYR OXT  O N N 413 
TYR H    H N N 414 
TYR H2   H N N 415 
TYR HA   H N N 416 
TYR HB2  H N N 417 
TYR HB3  H N N 418 
TYR HD1  H N N 419 
TYR HD2  H N N 420 
TYR HE1  H N N 421 
TYR HE2  H N N 422 
TYR HH   H N N 423 
TYR HXT  H N N 424 
VAL N    N N N 425 
VAL CA   C N S 426 
VAL C    C N N 427 
VAL O    O N N 428 
VAL CB   C N N 429 
VAL CG1  C N N 430 
VAL CG2  C N N 431 
VAL OXT  O N N 432 
VAL H    H N N 433 
VAL H2   H N N 434 
VAL HA   H N N 435 
VAL HB   H N N 436 
VAL HG11 H N N 437 
VAL HG12 H N N 438 
VAL HG13 H N N 439 
VAL HG21 H N N 440 
VAL HG22 H N N 441 
VAL HG23 H N N 442 
VAL HXT  H N N 443 
# 
loop_
_chem_comp_bond.comp_id 
_chem_comp_bond.atom_id_1 
_chem_comp_bond.atom_id_2 
_chem_comp_bond.value_order 
_chem_comp_bond.pdbx_aromatic_flag 
_chem_comp_bond.pdbx_stereo_config 
_chem_comp_bond.pdbx_ordinal 
08N C17 N16  sing N N 1   
08N C18 N16  sing N N 2   
08N C18 C19  sing N N 3   
08N N16 C15  sing N N 4   
08N C19 C20  sing N N 5   
08N C15 C21  sing N N 6   
08N C15 C04  sing N N 7   
08N C20 C21  doub Y N 8   
08N C20 C30  sing Y N 9   
08N C21 C22  sing Y N 10  
08N O01 C02  doub N N 11  
08N C30 C29  doub Y N 12  
08N O03 C02  sing N N 13  
08N O03 C04  sing N N 14  
08N C22 O23  sing N N 15  
08N C22 C25  doub Y N 16  
08N C02 C14  sing N N 17  
08N C04 C05  sing N N 18  
08N O23 C24  sing N N 19  
08N C13 O12  sing N N 20  
08N C29 C25  sing Y N 21  
08N C29 O28  sing N N 22  
08N C25 O26  sing N N 23  
08N O28 C27  sing N N 24  
08N C14 C05  doub Y N 25  
08N C14 C11  sing Y N 26  
08N C05 C06  sing Y N 27  
08N O26 C27  sing N N 28  
08N O12 C11  sing N N 29  
08N C11 C08  doub Y N 30  
08N C06 C07  doub Y N 31  
08N C10 O09  sing N N 32  
08N C08 C07  sing Y N 33  
08N C08 O09  sing N N 34  
08N C04 H1   sing N N 35  
08N C06 H2   sing N N 36  
08N C07 H3   sing N N 37  
08N C10 H4   sing N N 38  
08N C10 H5   sing N N 39  
08N C10 H6   sing N N 40  
08N C13 H7   sing N N 41  
08N C13 H8   sing N N 42  
08N C13 H9   sing N N 43  
08N C15 H10  sing N N 44  
08N C17 H11  sing N N 45  
08N C17 H12  sing N N 46  
08N C17 H13  sing N N 47  
08N C18 H14  sing N N 48  
08N C18 H15  sing N N 49  
08N C19 H16  sing N N 50  
08N C19 H17  sing N N 51  
08N C24 H18  sing N N 52  
08N C24 H19  sing N N 53  
08N C24 H20  sing N N 54  
08N C27 H21  sing N N 55  
08N C27 H22  sing N N 56  
08N C30 H23  sing N N 57  
ALA N   CA   sing N N 58  
ALA N   H    sing N N 59  
ALA N   H2   sing N N 60  
ALA CA  C    sing N N 61  
ALA CA  CB   sing N N 62  
ALA CA  HA   sing N N 63  
ALA C   O    doub N N 64  
ALA C   OXT  sing N N 65  
ALA CB  HB1  sing N N 66  
ALA CB  HB2  sing N N 67  
ALA CB  HB3  sing N N 68  
ALA OXT HXT  sing N N 69  
ARG N   CA   sing N N 70  
ARG N   H    sing N N 71  
ARG N   H2   sing N N 72  
ARG CA  C    sing N N 73  
ARG CA  CB   sing N N 74  
ARG CA  HA   sing N N 75  
ARG C   O    doub N N 76  
ARG C   OXT  sing N N 77  
ARG CB  CG   sing N N 78  
ARG CB  HB2  sing N N 79  
ARG CB  HB3  sing N N 80  
ARG CG  CD   sing N N 81  
ARG CG  HG2  sing N N 82  
ARG CG  HG3  sing N N 83  
ARG CD  NE   sing N N 84  
ARG CD  HD2  sing N N 85  
ARG CD  HD3  sing N N 86  
ARG NE  CZ   sing N N 87  
ARG NE  HE   sing N N 88  
ARG CZ  NH1  sing N N 89  
ARG CZ  NH2  doub N N 90  
ARG NH1 HH11 sing N N 91  
ARG NH1 HH12 sing N N 92  
ARG NH2 HH21 sing N N 93  
ARG NH2 HH22 sing N N 94  
ARG OXT HXT  sing N N 95  
ASN N   CA   sing N N 96  
ASN N   H    sing N N 97  
ASN N   H2   sing N N 98  
ASN CA  C    sing N N 99  
ASN CA  CB   sing N N 100 
ASN CA  HA   sing N N 101 
ASN C   O    doub N N 102 
ASN C   OXT  sing N N 103 
ASN CB  CG   sing N N 104 
ASN CB  HB2  sing N N 105 
ASN CB  HB3  sing N N 106 
ASN CG  OD1  doub N N 107 
ASN CG  ND2  sing N N 108 
ASN ND2 HD21 sing N N 109 
ASN ND2 HD22 sing N N 110 
ASN OXT HXT  sing N N 111 
ASP N   CA   sing N N 112 
ASP N   H    sing N N 113 
ASP N   H2   sing N N 114 
ASP CA  C    sing N N 115 
ASP CA  CB   sing N N 116 
ASP CA  HA   sing N N 117 
ASP C   O    doub N N 118 
ASP C   OXT  sing N N 119 
ASP CB  CG   sing N N 120 
ASP CB  HB2  sing N N 121 
ASP CB  HB3  sing N N 122 
ASP CG  OD1  doub N N 123 
ASP CG  OD2  sing N N 124 
ASP OD2 HD2  sing N N 125 
ASP OXT HXT  sing N N 126 
CYS N   CA   sing N N 127 
CYS N   H    sing N N 128 
CYS N   H2   sing N N 129 
CYS CA  C    sing N N 130 
CYS CA  CB   sing N N 131 
CYS CA  HA   sing N N 132 
CYS C   O    doub N N 133 
CYS C   OXT  sing N N 134 
CYS CB  SG   sing N N 135 
CYS CB  HB2  sing N N 136 
CYS CB  HB3  sing N N 137 
CYS SG  HG   sing N N 138 
CYS OXT HXT  sing N N 139 
GLN N   CA   sing N N 140 
GLN N   H    sing N N 141 
GLN N   H2   sing N N 142 
GLN CA  C    sing N N 143 
GLN CA  CB   sing N N 144 
GLN CA  HA   sing N N 145 
GLN C   O    doub N N 146 
GLN C   OXT  sing N N 147 
GLN CB  CG   sing N N 148 
GLN CB  HB2  sing N N 149 
GLN CB  HB3  sing N N 150 
GLN CG  CD   sing N N 151 
GLN CG  HG2  sing N N 152 
GLN CG  HG3  sing N N 153 
GLN CD  OE1  doub N N 154 
GLN CD  NE2  sing N N 155 
GLN NE2 HE21 sing N N 156 
GLN NE2 HE22 sing N N 157 
GLN OXT HXT  sing N N 158 
GLU N   CA   sing N N 159 
GLU N   H    sing N N 160 
GLU N   H2   sing N N 161 
GLU CA  C    sing N N 162 
GLU CA  CB   sing N N 163 
GLU CA  HA   sing N N 164 
GLU C   O    doub N N 165 
GLU C   OXT  sing N N 166 
GLU CB  CG   sing N N 167 
GLU CB  HB2  sing N N 168 
GLU CB  HB3  sing N N 169 
GLU CG  CD   sing N N 170 
GLU CG  HG2  sing N N 171 
GLU CG  HG3  sing N N 172 
GLU CD  OE1  doub N N 173 
GLU CD  OE2  sing N N 174 
GLU OE2 HE2  sing N N 175 
GLU OXT HXT  sing N N 176 
GLY N   CA   sing N N 177 
GLY N   H    sing N N 178 
GLY N   H2   sing N N 179 
GLY CA  C    sing N N 180 
GLY CA  HA2  sing N N 181 
GLY CA  HA3  sing N N 182 
GLY C   O    doub N N 183 
GLY C   OXT  sing N N 184 
GLY OXT HXT  sing N N 185 
HIS N   CA   sing N N 186 
HIS N   H    sing N N 187 
HIS N   H2   sing N N 188 
HIS CA  C    sing N N 189 
HIS CA  CB   sing N N 190 
HIS CA  HA   sing N N 191 
HIS C   O    doub N N 192 
HIS C   OXT  sing N N 193 
HIS CB  CG   sing N N 194 
HIS CB  HB2  sing N N 195 
HIS CB  HB3  sing N N 196 
HIS CG  ND1  sing Y N 197 
HIS CG  CD2  doub Y N 198 
HIS ND1 CE1  doub Y N 199 
HIS ND1 HD1  sing N N 200 
HIS CD2 NE2  sing Y N 201 
HIS CD2 HD2  sing N N 202 
HIS CE1 NE2  sing Y N 203 
HIS CE1 HE1  sing N N 204 
HIS NE2 HE2  sing N N 205 
HIS OXT HXT  sing N N 206 
HOH O   H1   sing N N 207 
HOH O   H2   sing N N 208 
ILE N   CA   sing N N 209 
ILE N   H    sing N N 210 
ILE N   H2   sing N N 211 
ILE CA  C    sing N N 212 
ILE CA  CB   sing N N 213 
ILE CA  HA   sing N N 214 
ILE C   O    doub N N 215 
ILE C   OXT  sing N N 216 
ILE CB  CG1  sing N N 217 
ILE CB  CG2  sing N N 218 
ILE CB  HB   sing N N 219 
ILE CG1 CD1  sing N N 220 
ILE CG1 HG12 sing N N 221 
ILE CG1 HG13 sing N N 222 
ILE CG2 HG21 sing N N 223 
ILE CG2 HG22 sing N N 224 
ILE CG2 HG23 sing N N 225 
ILE CD1 HD11 sing N N 226 
ILE CD1 HD12 sing N N 227 
ILE CD1 HD13 sing N N 228 
ILE OXT HXT  sing N N 229 
LEU N   CA   sing N N 230 
LEU N   H    sing N N 231 
LEU N   H2   sing N N 232 
LEU CA  C    sing N N 233 
LEU CA  CB   sing N N 234 
LEU CA  HA   sing N N 235 
LEU C   O    doub N N 236 
LEU C   OXT  sing N N 237 
LEU CB  CG   sing N N 238 
LEU CB  HB2  sing N N 239 
LEU CB  HB3  sing N N 240 
LEU CG  CD1  sing N N 241 
LEU CG  CD2  sing N N 242 
LEU CG  HG   sing N N 243 
LEU CD1 HD11 sing N N 244 
LEU CD1 HD12 sing N N 245 
LEU CD1 HD13 sing N N 246 
LEU CD2 HD21 sing N N 247 
LEU CD2 HD22 sing N N 248 
LEU CD2 HD23 sing N N 249 
LEU OXT HXT  sing N N 250 
LYS N   CA   sing N N 251 
LYS N   H    sing N N 252 
LYS N   H2   sing N N 253 
LYS CA  C    sing N N 254 
LYS CA  CB   sing N N 255 
LYS CA  HA   sing N N 256 
LYS C   O    doub N N 257 
LYS C   OXT  sing N N 258 
LYS CB  CG   sing N N 259 
LYS CB  HB2  sing N N 260 
LYS CB  HB3  sing N N 261 
LYS CG  CD   sing N N 262 
LYS CG  HG2  sing N N 263 
LYS CG  HG3  sing N N 264 
LYS CD  CE   sing N N 265 
LYS CD  HD2  sing N N 266 
LYS CD  HD3  sing N N 267 
LYS CE  NZ   sing N N 268 
LYS CE  HE2  sing N N 269 
LYS CE  HE3  sing N N 270 
LYS NZ  HZ1  sing N N 271 
LYS NZ  HZ2  sing N N 272 
LYS NZ  HZ3  sing N N 273 
LYS OXT HXT  sing N N 274 
MET N   CA   sing N N 275 
MET N   H    sing N N 276 
MET N   H2   sing N N 277 
MET CA  C    sing N N 278 
MET CA  CB   sing N N 279 
MET CA  HA   sing N N 280 
MET C   O    doub N N 281 
MET C   OXT  sing N N 282 
MET CB  CG   sing N N 283 
MET CB  HB2  sing N N 284 
MET CB  HB3  sing N N 285 
MET CG  SD   sing N N 286 
MET CG  HG2  sing N N 287 
MET CG  HG3  sing N N 288 
MET SD  CE   sing N N 289 
MET CE  HE1  sing N N 290 
MET CE  HE2  sing N N 291 
MET CE  HE3  sing N N 292 
MET OXT HXT  sing N N 293 
PHE N   CA   sing N N 294 
PHE N   H    sing N N 295 
PHE N   H2   sing N N 296 
PHE CA  C    sing N N 297 
PHE CA  CB   sing N N 298 
PHE CA  HA   sing N N 299 
PHE C   O    doub N N 300 
PHE C   OXT  sing N N 301 
PHE CB  CG   sing N N 302 
PHE CB  HB2  sing N N 303 
PHE CB  HB3  sing N N 304 
PHE CG  CD1  doub Y N 305 
PHE CG  CD2  sing Y N 306 
PHE CD1 CE1  sing Y N 307 
PHE CD1 HD1  sing N N 308 
PHE CD2 CE2  doub Y N 309 
PHE CD2 HD2  sing N N 310 
PHE CE1 CZ   doub Y N 311 
PHE CE1 HE1  sing N N 312 
PHE CE2 CZ   sing Y N 313 
PHE CE2 HE2  sing N N 314 
PHE CZ  HZ   sing N N 315 
PHE OXT HXT  sing N N 316 
PRO N   CA   sing N N 317 
PRO N   CD   sing N N 318 
PRO N   H    sing N N 319 
PRO CA  C    sing N N 320 
PRO CA  CB   sing N N 321 
PRO CA  HA   sing N N 322 
PRO C   O    doub N N 323 
PRO C   OXT  sing N N 324 
PRO CB  CG   sing N N 325 
PRO CB  HB2  sing N N 326 
PRO CB  HB3  sing N N 327 
PRO CG  CD   sing N N 328 
PRO CG  HG2  sing N N 329 
PRO CG  HG3  sing N N 330 
PRO CD  HD2  sing N N 331 
PRO CD  HD3  sing N N 332 
PRO OXT HXT  sing N N 333 
SER N   CA   sing N N 334 
SER N   H    sing N N 335 
SER N   H2   sing N N 336 
SER CA  C    sing N N 337 
SER CA  CB   sing N N 338 
SER CA  HA   sing N N 339 
SER C   O    doub N N 340 
SER C   OXT  sing N N 341 
SER CB  OG   sing N N 342 
SER CB  HB2  sing N N 343 
SER CB  HB3  sing N N 344 
SER OG  HG   sing N N 345 
SER OXT HXT  sing N N 346 
THR N   CA   sing N N 347 
THR N   H    sing N N 348 
THR N   H2   sing N N 349 
THR CA  C    sing N N 350 
THR CA  CB   sing N N 351 
THR CA  HA   sing N N 352 
THR C   O    doub N N 353 
THR C   OXT  sing N N 354 
THR CB  OG1  sing N N 355 
THR CB  CG2  sing N N 356 
THR CB  HB   sing N N 357 
THR OG1 HG1  sing N N 358 
THR CG2 HG21 sing N N 359 
THR CG2 HG22 sing N N 360 
THR CG2 HG23 sing N N 361 
THR OXT HXT  sing N N 362 
TRP N   CA   sing N N 363 
TRP N   H    sing N N 364 
TRP N   H2   sing N N 365 
TRP CA  C    sing N N 366 
TRP CA  CB   sing N N 367 
TRP CA  HA   sing N N 368 
TRP C   O    doub N N 369 
TRP C   OXT  sing N N 370 
TRP CB  CG   sing N N 371 
TRP CB  HB2  sing N N 372 
TRP CB  HB3  sing N N 373 
TRP CG  CD1  doub Y N 374 
TRP CG  CD2  sing Y N 375 
TRP CD1 NE1  sing Y N 376 
TRP CD1 HD1  sing N N 377 
TRP CD2 CE2  doub Y N 378 
TRP CD2 CE3  sing Y N 379 
TRP NE1 CE2  sing Y N 380 
TRP NE1 HE1  sing N N 381 
TRP CE2 CZ2  sing Y N 382 
TRP CE3 CZ3  doub Y N 383 
TRP CE3 HE3  sing N N 384 
TRP CZ2 CH2  doub Y N 385 
TRP CZ2 HZ2  sing N N 386 
TRP CZ3 CH2  sing Y N 387 
TRP CZ3 HZ3  sing N N 388 
TRP CH2 HH2  sing N N 389 
TRP OXT HXT  sing N N 390 
TYR N   CA   sing N N 391 
TYR N   H    sing N N 392 
TYR N   H2   sing N N 393 
TYR CA  C    sing N N 394 
TYR CA  CB   sing N N 395 
TYR CA  HA   sing N N 396 
TYR C   O    doub N N 397 
TYR C   OXT  sing N N 398 
TYR CB  CG   sing N N 399 
TYR CB  HB2  sing N N 400 
TYR CB  HB3  sing N N 401 
TYR CG  CD1  doub Y N 402 
TYR CG  CD2  sing Y N 403 
TYR CD1 CE1  sing Y N 404 
TYR CD1 HD1  sing N N 405 
TYR CD2 CE2  doub Y N 406 
TYR CD2 HD2  sing N N 407 
TYR CE1 CZ   doub Y N 408 
TYR CE1 HE1  sing N N 409 
TYR CE2 CZ   sing Y N 410 
TYR CE2 HE2  sing N N 411 
TYR CZ  OH   sing N N 412 
TYR OH  HH   sing N N 413 
TYR OXT HXT  sing N N 414 
VAL N   CA   sing N N 415 
VAL N   H    sing N N 416 
VAL N   H2   sing N N 417 
VAL CA  C    sing N N 418 
VAL CA  CB   sing N N 419 
VAL CA  HA   sing N N 420 
VAL C   O    doub N N 421 
VAL C   OXT  sing N N 422 
VAL CB  CG1  sing N N 423 
VAL CB  CG2  sing N N 424 
VAL CB  HB   sing N N 425 
VAL CG1 HG11 sing N N 426 
VAL CG1 HG12 sing N N 427 
VAL CG1 HG13 sing N N 428 
VAL CG2 HG21 sing N N 429 
VAL CG2 HG22 sing N N 430 
VAL CG2 HG23 sing N N 431 
VAL OXT HXT  sing N N 432 
# 
_pdbx_audit_support.funding_organization   'Natural Sciences and Engineering Research Council (NSERC, Canada)' 
_pdbx_audit_support.country                Canada 
_pdbx_audit_support.grant_number           05728 
_pdbx_audit_support.ordinal                1 
# 
_pdbx_entity_instance_feature.ordinal        1 
_pdbx_entity_instance_feature.comp_id        08N 
_pdbx_entity_instance_feature.asym_id        ? 
_pdbx_entity_instance_feature.seq_num        ? 
_pdbx_entity_instance_feature.auth_comp_id   08N 
_pdbx_entity_instance_feature.auth_asym_id   ? 
_pdbx_entity_instance_feature.auth_seq_num   ? 
_pdbx_entity_instance_feature.feature_type   'SUBJECT OF INVESTIGATION' 
_pdbx_entity_instance_feature.details        ? 
# 
loop_
_pdbx_entity_nonpoly.entity_id 
_pdbx_entity_nonpoly.name 
_pdbx_entity_nonpoly.comp_id 
2 noscapine 08N 
3 water     HOH 
# 
_pdbx_initial_refinement_model.id               1 
_pdbx_initial_refinement_model.entity_id_list   ? 
_pdbx_initial_refinement_model.type             'experimental model' 
_pdbx_initial_refinement_model.source_name      PDB 
_pdbx_initial_refinement_model.accession_code   7UQL 
_pdbx_initial_refinement_model.details          ? 
# 
_pdbx_struct_assembly_auth_evidence.id                     1 
_pdbx_struct_assembly_auth_evidence.assembly_id            1 
_pdbx_struct_assembly_auth_evidence.experimental_support   none 
_pdbx_struct_assembly_auth_evidence.details                'conserved dimer interface with related proteins.' 
# 
_space_group.name_H-M_alt     'C 2 2 21' 
_space_group.name_Hall        'C 2c 2' 
_space_group.IT_number        20 
_space_group.crystal_system   orthorhombic 
_space_group.id               1 
# 
